data_9R4V
#
_entry.id   9R4V
#
loop_
_entity.id
_entity.type
_entity.pdbx_description
1 polymer 'Actin nucleation-promoting factor WASL'
2 polymer 'LEE-encoded effector EspF'
#
loop_
_entity_poly.entity_id
_entity_poly.type
_entity_poly.pdbx_seq_one_letter_code
_entity_poly.pdbx_strand_id
1 'polypeptide(L)' GSHMSNFQHIGHVGWDPNTGFDLNNLDPELKNLFDMCGISEAQLKDRETSKVIYDFIEKTGGVEAVKNELRRQ A
2 'polypeptide(L)' GTVNFKPSRPAPPPPTSGQASGASRPLPPIAQALKDHLAAYELSKASE B
#
# COMPACT_ATOMS: atom_id res chain seq x y z
N GLY A 1 22.44 -8.74 -9.41
CA GLY A 1 22.65 -8.16 -10.75
C GLY A 1 21.44 -7.32 -11.13
N SER A 2 20.75 -7.72 -12.19
CA SER A 2 19.50 -7.10 -12.67
C SER A 2 18.23 -7.71 -12.02
N HIS A 3 17.13 -6.95 -12.00
CA HIS A 3 15.81 -7.41 -11.54
C HIS A 3 15.06 -8.21 -12.63
N MET A 4 14.17 -9.12 -12.22
CA MET A 4 13.40 -9.97 -13.13
C MET A 4 12.19 -9.22 -13.71
N SER A 5 12.00 -9.26 -15.03
CA SER A 5 10.97 -8.50 -15.79
C SER A 5 9.52 -8.93 -15.55
N ASN A 6 9.30 -10.02 -14.80
CA ASN A 6 8.01 -10.67 -14.56
C ASN A 6 6.93 -9.78 -13.89
N PHE A 7 7.29 -8.70 -13.21
CA PHE A 7 6.38 -7.76 -12.53
C PHE A 7 5.50 -6.88 -13.44
N GLN A 8 5.43 -7.21 -14.73
CA GLN A 8 4.66 -6.52 -15.76
C GLN A 8 3.13 -6.48 -15.54
N HIS A 9 2.61 -7.39 -14.72
CA HIS A 9 1.20 -7.42 -14.27
C HIS A 9 0.99 -6.88 -12.83
N ILE A 10 2.03 -6.27 -12.26
CA ILE A 10 2.14 -5.73 -10.90
C ILE A 10 2.67 -4.26 -10.98
N GLY A 11 3.71 -3.88 -10.24
CA GLY A 11 4.22 -2.50 -10.16
C GLY A 11 5.47 -2.37 -9.29
N HIS A 12 5.92 -1.14 -9.06
CA HIS A 12 6.97 -0.84 -8.08
C HIS A 12 6.46 -1.05 -6.65
N VAL A 13 7.11 -1.93 -5.89
CA VAL A 13 6.68 -2.32 -4.53
C VAL A 13 7.80 -3.00 -3.72
N GLY A 14 8.12 -2.40 -2.56
CA GLY A 14 9.14 -2.87 -1.60
C GLY A 14 8.74 -4.08 -0.74
N TRP A 15 7.74 -4.84 -1.17
CA TRP A 15 7.26 -6.06 -0.47
C TRP A 15 8.02 -7.32 -0.85
N ASP A 16 8.24 -8.22 0.10
CA ASP A 16 8.82 -9.56 -0.07
C ASP A 16 8.10 -10.63 0.78
N PRO A 17 7.93 -11.86 0.26
CA PRO A 17 7.20 -12.96 0.93
C PRO A 17 7.84 -13.45 2.23
N ASN A 18 9.07 -13.03 2.51
CA ASN A 18 9.88 -13.46 3.65
C ASN A 18 9.75 -12.57 4.89
N THR A 19 9.51 -11.27 4.72
CA THR A 19 9.49 -10.26 5.81
C THR A 19 8.45 -9.16 5.63
N GLY A 20 7.82 -9.12 4.47
CA GLY A 20 6.71 -8.22 4.15
C GLY A 20 7.14 -6.92 3.48
N PHE A 21 6.37 -5.86 3.69
CA PHE A 21 6.65 -4.53 3.15
C PHE A 21 7.86 -3.90 3.85
N ASP A 22 8.98 -3.75 3.15
CA ASP A 22 10.18 -3.03 3.62
C ASP A 22 9.88 -1.54 3.65
N LEU A 23 9.55 -1.00 4.82
CA LEU A 23 9.08 0.38 5.01
C LEU A 23 10.10 1.45 4.57
N ASN A 24 11.38 1.06 4.45
CA ASN A 24 12.48 1.88 3.92
C ASN A 24 12.48 2.02 2.38
N ASN A 25 11.86 1.07 1.67
CA ASN A 25 11.68 1.06 0.20
C ASN A 25 10.21 1.14 -0.24
N LEU A 26 9.29 1.09 0.73
CA LEU A 26 7.85 1.19 0.58
C LEU A 26 7.45 2.55 0.00
N ASP A 27 6.56 2.50 -0.98
CA ASP A 27 6.01 3.67 -1.66
C ASP A 27 4.89 4.38 -0.88
N PRO A 28 4.74 5.70 -1.10
CA PRO A 28 3.81 6.54 -0.36
C PRO A 28 2.35 6.23 -0.69
N GLU A 29 2.02 5.89 -1.94
CA GLU A 29 0.69 5.44 -2.35
C GLU A 29 0.27 4.15 -1.62
N LEU A 30 1.25 3.27 -1.36
CA LEU A 30 1.02 2.02 -0.64
C LEU A 30 0.68 2.30 0.83
N LYS A 31 1.53 3.08 1.53
CA LYS A 31 1.27 3.48 2.92
C LYS A 31 -0.09 4.18 3.07
N ASN A 32 -0.48 4.97 2.07
CA ASN A 32 -1.76 5.66 2.05
C ASN A 32 -2.93 4.68 2.09
N LEU A 33 -2.95 3.74 1.12
CA LEU A 33 -4.00 2.74 0.99
C LEU A 33 -4.10 1.88 2.25
N PHE A 34 -2.96 1.52 2.83
CA PHE A 34 -2.93 0.68 4.01
C PHE A 34 -3.43 1.40 5.28
N ASP A 35 -3.16 2.69 5.45
CA ASP A 35 -3.63 3.45 6.62
C ASP A 35 -5.16 3.60 6.65
N MET A 36 -5.77 3.91 5.51
CA MET A 36 -7.24 3.91 5.36
C MET A 36 -7.86 2.51 5.58
N CYS A 37 -7.13 1.43 5.28
CA CYS A 37 -7.54 0.07 5.66
C CYS A 37 -7.30 -0.30 7.14
N GLY A 38 -6.51 0.50 7.87
CA GLY A 38 -6.28 0.39 9.31
C GLY A 38 -5.07 -0.48 9.67
N ILE A 39 -4.15 -0.69 8.73
CA ILE A 39 -3.00 -1.58 8.88
C ILE A 39 -1.88 -0.85 9.64
N SER A 40 -1.21 -1.54 10.56
CA SER A 40 -0.05 -1.05 11.33
C SER A 40 1.28 -1.64 10.83
N GLU A 41 2.43 -1.05 11.18
CA GLU A 41 3.77 -1.57 10.83
C GLU A 41 3.95 -3.04 11.21
N ALA A 42 3.45 -3.44 12.38
CA ALA A 42 3.47 -4.83 12.85
C ALA A 42 2.84 -5.81 11.85
N GLN A 43 1.80 -5.37 11.15
CA GLN A 43 1.06 -6.13 10.16
C GLN A 43 1.74 -6.08 8.77
N LEU A 44 2.33 -4.94 8.42
CA LEU A 44 3.10 -4.74 7.20
C LEU A 44 4.42 -5.52 7.20
N LYS A 45 5.02 -5.71 8.38
CA LYS A 45 6.20 -6.55 8.64
C LYS A 45 5.86 -7.98 9.01
N ASP A 46 4.57 -8.31 9.11
CA ASP A 46 4.14 -9.69 9.28
C ASP A 46 4.18 -10.35 7.90
N ARG A 47 5.14 -11.24 7.65
CA ARG A 47 5.24 -11.94 6.34
C ARG A 47 3.97 -12.70 5.96
N GLU A 48 3.18 -13.10 6.97
CA GLU A 48 1.88 -13.76 6.81
C GLU A 48 0.76 -12.79 6.43
N THR A 49 0.65 -11.65 7.12
CA THR A 49 -0.44 -10.67 6.96
C THR A 49 -0.16 -9.76 5.76
N SER A 50 1.08 -9.28 5.63
CA SER A 50 1.56 -8.53 4.46
C SER A 50 1.35 -9.29 3.15
N LYS A 51 1.47 -10.63 3.13
CA LYS A 51 1.17 -11.44 1.95
C LYS A 51 -0.29 -11.29 1.53
N VAL A 52 -1.23 -11.38 2.48
CA VAL A 52 -2.66 -11.19 2.20
C VAL A 52 -2.92 -9.80 1.64
N ILE A 53 -2.31 -8.78 2.23
CA ILE A 53 -2.43 -7.37 1.78
C ILE A 53 -1.89 -7.21 0.35
N TYR A 54 -0.70 -7.76 0.08
CA TYR A 54 -0.04 -7.72 -1.23
C TYR A 54 -0.77 -8.53 -2.31
N ASP A 55 -1.33 -9.69 -1.97
CA ASP A 55 -2.09 -10.55 -2.88
C ASP A 55 -3.26 -9.81 -3.53
N PHE A 56 -3.84 -8.85 -2.82
CA PHE A 56 -4.88 -7.98 -3.35
C PHE A 56 -4.34 -6.97 -4.38
N ILE A 57 -3.12 -6.47 -4.19
CA ILE A 57 -2.49 -5.46 -5.04
C ILE A 57 -2.11 -6.04 -6.41
N GLU A 58 -1.30 -7.11 -6.43
CA GLU A 58 -0.94 -7.85 -7.66
C GLU A 58 -2.18 -8.42 -8.39
N LYS A 59 -3.29 -8.66 -7.69
CA LYS A 59 -4.60 -9.02 -8.27
C LYS A 59 -5.21 -7.93 -9.13
N THR A 60 -5.42 -6.74 -8.57
CA THR A 60 -6.12 -5.67 -9.30
C THR A 60 -5.32 -5.20 -10.52
N GLY A 61 -3.99 -5.36 -10.46
CA GLY A 61 -3.07 -4.86 -11.48
C GLY A 61 -1.76 -4.26 -10.96
N GLY A 62 -1.51 -4.35 -9.66
CA GLY A 62 -0.33 -3.82 -9.00
C GLY A 62 -0.54 -2.45 -8.38
N VAL A 63 0.58 -1.82 -7.99
CA VAL A 63 0.61 -0.49 -7.37
C VAL A 63 -0.07 0.56 -8.25
N GLU A 64 0.00 0.38 -9.58
CA GLU A 64 -0.60 1.30 -10.54
C GLU A 64 -2.13 1.20 -10.55
N ALA A 65 -2.66 -0.02 -10.47
CA ALA A 65 -4.10 -0.28 -10.51
C ALA A 65 -4.81 0.25 -9.26
N VAL A 66 -4.24 -0.04 -8.08
CA VAL A 66 -4.76 0.51 -6.84
C VAL A 66 -4.75 2.04 -6.85
N LYS A 67 -3.70 2.67 -7.40
CA LYS A 67 -3.60 4.15 -7.52
C LYS A 67 -4.69 4.72 -8.41
N ASN A 68 -4.95 4.10 -9.56
CA ASN A 68 -6.00 4.58 -10.48
C ASN A 68 -7.36 4.68 -9.78
N GLU A 69 -7.67 3.73 -8.90
CA GLU A 69 -8.93 3.66 -8.17
C GLU A 69 -8.91 4.48 -6.86
N LEU A 70 -7.74 4.64 -6.24
CA LEU A 70 -7.51 5.56 -5.11
C LEU A 70 -7.76 7.01 -5.54
N ARG A 71 -7.34 7.36 -6.77
CA ARG A 71 -7.42 8.73 -7.32
C ARG A 71 -8.86 9.24 -7.52
N ARG A 72 -9.86 8.35 -7.44
CA ARG A 72 -11.31 8.66 -7.40
C ARG A 72 -11.71 9.54 -6.21
N GLN A 73 -10.91 9.56 -5.14
CA GLN A 73 -11.12 10.40 -3.94
C GLN A 73 -10.13 11.56 -3.86
N GLY B 1 -0.27 40.68 -35.21
CA GLY B 1 -0.52 41.89 -36.01
C GLY B 1 -1.82 41.77 -36.79
N THR B 2 -1.97 42.52 -37.87
CA THR B 2 -3.09 42.33 -38.83
C THR B 2 -2.91 41.05 -39.65
N VAL B 3 -3.97 40.24 -39.81
CA VAL B 3 -3.94 38.94 -40.51
C VAL B 3 -5.22 38.75 -41.34
N ASN B 4 -5.11 38.15 -42.53
CA ASN B 4 -6.25 37.86 -43.41
C ASN B 4 -6.82 36.44 -43.22
N PHE B 5 -5.94 35.44 -43.08
CA PHE B 5 -6.30 34.05 -42.82
C PHE B 5 -5.13 33.23 -42.25
N LYS B 6 -5.45 32.10 -41.62
CA LYS B 6 -4.52 31.08 -41.09
C LYS B 6 -3.48 31.64 -40.10
N PRO B 7 -3.90 32.02 -38.86
CA PRO B 7 -2.99 32.56 -37.84
C PRO B 7 -1.92 31.56 -37.37
N SER B 8 -2.19 30.24 -37.47
CA SER B 8 -1.20 29.16 -37.23
C SER B 8 -0.45 29.25 -35.88
N ARG B 9 -1.07 29.80 -34.83
CA ARG B 9 -0.49 30.00 -33.48
C ARG B 9 -1.05 29.00 -32.44
N PRO B 10 -0.22 28.44 -31.55
CA PRO B 10 -0.66 27.58 -30.44
C PRO B 10 -1.33 28.38 -29.33
N ALA B 11 -2.02 27.69 -28.41
CA ALA B 11 -2.67 28.30 -27.25
C ALA B 11 -2.48 27.50 -25.94
N PRO B 12 -2.38 28.17 -24.78
CA PRO B 12 -2.44 27.53 -23.46
C PRO B 12 -3.85 26.98 -23.15
N PRO B 13 -4.02 26.10 -22.14
CA PRO B 13 -5.35 25.64 -21.72
C PRO B 13 -6.18 26.76 -21.06
N PRO B 14 -7.52 26.64 -21.00
CA PRO B 14 -8.40 27.68 -20.45
C PRO B 14 -8.26 27.82 -18.92
N PRO B 15 -8.19 29.04 -18.35
CA PRO B 15 -8.04 29.26 -16.91
C PRO B 15 -9.08 28.54 -16.04
N THR B 16 -8.65 28.01 -14.90
CA THR B 16 -9.40 27.19 -13.92
C THR B 16 -10.09 25.92 -14.46
N SER B 17 -9.94 25.56 -15.74
CA SER B 17 -10.60 24.38 -16.34
C SER B 17 -10.10 23.05 -15.77
N GLY B 18 -8.85 23.00 -15.28
CA GLY B 18 -8.31 21.88 -14.52
C GLY B 18 -8.75 21.92 -13.07
N GLN B 19 -9.92 21.34 -12.77
CA GLN B 19 -10.38 21.14 -11.39
C GLN B 19 -9.59 20.00 -10.71
N ALA B 20 -9.51 20.05 -9.37
CA ALA B 20 -8.72 19.13 -8.55
C ALA B 20 -9.44 18.70 -7.26
N SER B 21 -8.97 17.59 -6.67
CA SER B 21 -9.46 17.09 -5.38
C SER B 21 -9.00 17.97 -4.21
N GLY B 22 -9.73 17.95 -3.09
CA GLY B 22 -9.39 18.66 -1.86
C GLY B 22 -10.26 18.31 -0.64
N ALA B 23 -11.56 18.04 -0.84
CA ALA B 23 -12.52 17.78 0.24
C ALA B 23 -12.18 16.56 1.12
N SER B 24 -12.44 16.62 2.43
CA SER B 24 -12.09 15.59 3.43
C SER B 24 -12.96 14.30 3.39
N ARG B 25 -13.26 13.82 2.17
CA ARG B 25 -14.09 12.65 1.85
C ARG B 25 -13.55 11.32 2.41
N PRO B 26 -14.42 10.33 2.71
CA PRO B 26 -14.04 8.99 3.17
C PRO B 26 -13.25 8.18 2.11
N LEU B 27 -12.75 7.02 2.53
CA LEU B 27 -11.88 6.13 1.76
C LEU B 27 -12.48 5.69 0.40
N PRO B 28 -11.63 5.39 -0.61
CA PRO B 28 -12.04 4.84 -1.90
C PRO B 28 -12.47 3.37 -1.79
N PRO B 29 -13.33 2.87 -2.69
CA PRO B 29 -13.83 1.50 -2.60
C PRO B 29 -12.77 0.43 -2.89
N ILE B 30 -11.66 0.77 -3.58
CA ILE B 30 -10.49 -0.13 -3.68
C ILE B 30 -9.91 -0.42 -2.30
N ALA B 31 -9.83 0.60 -1.43
CA ALA B 31 -9.41 0.41 -0.04
C ALA B 31 -10.46 -0.39 0.75
N GLN B 32 -11.73 -0.11 0.51
CA GLN B 32 -12.84 -0.87 1.11
C GLN B 32 -12.78 -2.37 0.75
N ALA B 33 -12.41 -2.69 -0.49
CA ALA B 33 -12.21 -4.06 -0.95
C ALA B 33 -10.98 -4.72 -0.33
N LEU B 34 -9.89 -3.96 -0.09
CA LEU B 34 -8.72 -4.44 0.65
C LEU B 34 -9.07 -4.73 2.12
N LYS B 35 -9.88 -3.88 2.79
CA LYS B 35 -10.41 -4.17 4.14
C LYS B 35 -11.19 -5.49 4.16
N ASP B 36 -12.09 -5.70 3.21
CA ASP B 36 -12.89 -6.93 3.09
C ASP B 36 -12.05 -8.17 2.74
N HIS B 37 -11.00 -8.01 1.92
CA HIS B 37 -10.06 -9.07 1.54
C HIS B 37 -9.17 -9.50 2.70
N LEU B 38 -8.68 -8.55 3.50
CA LEU B 38 -7.89 -8.81 4.72
C LEU B 38 -8.79 -9.38 5.84
N ALA B 39 -10.07 -9.02 5.86
CA ALA B 39 -11.03 -9.60 6.79
C ALA B 39 -11.24 -11.11 6.56
N ALA B 40 -11.22 -11.56 5.30
CA ALA B 40 -11.27 -12.99 4.95
C ALA B 40 -10.11 -13.80 5.57
N TYR B 41 -8.98 -13.13 5.81
CA TYR B 41 -7.85 -13.70 6.53
C TYR B 41 -8.09 -13.68 8.05
N GLU B 42 -8.43 -12.52 8.62
CA GLU B 42 -8.64 -12.35 10.07
C GLU B 42 -9.72 -13.29 10.62
N LEU B 43 -10.84 -13.43 9.90
CA LEU B 43 -11.93 -14.34 10.27
C LEU B 43 -11.45 -15.79 10.25
N SER B 44 -10.57 -16.15 9.31
CA SER B 44 -10.07 -17.52 9.15
C SER B 44 -9.14 -17.93 10.30
N LYS B 45 -8.53 -16.96 11.00
CA LYS B 45 -7.72 -17.25 12.21
C LYS B 45 -8.57 -17.78 13.37
N ALA B 46 -9.86 -17.45 13.36
CA ALA B 46 -10.87 -17.90 14.33
C ALA B 46 -11.90 -18.86 13.71
N SER B 47 -11.53 -19.63 12.69
CA SER B 47 -12.43 -20.53 11.95
C SER B 47 -11.67 -21.65 11.23
N GLU B 48 -12.32 -22.77 10.90
CA GLU B 48 -11.78 -23.84 10.02
C GLU B 48 -11.98 -23.47 8.54
N GLY A 1 1.94 2.90 -22.55
CA GLY A 1 3.19 2.14 -22.76
C GLY A 1 4.20 2.49 -21.71
N SER A 2 5.45 2.74 -22.09
CA SER A 2 6.54 3.12 -21.15
C SER A 2 6.78 2.09 -20.03
N HIS A 3 6.56 0.81 -20.36
CA HIS A 3 6.59 -0.36 -19.49
C HIS A 3 7.93 -0.56 -18.77
N MET A 4 7.92 -1.08 -17.54
CA MET A 4 9.16 -1.43 -16.80
C MET A 4 9.02 -2.53 -15.72
N SER A 5 7.80 -2.98 -15.40
CA SER A 5 7.57 -4.00 -14.36
C SER A 5 8.08 -5.40 -14.78
N ASN A 6 8.56 -6.19 -13.80
CA ASN A 6 8.88 -7.60 -14.02
C ASN A 6 7.63 -8.48 -14.23
N PHE A 7 6.44 -8.00 -13.89
CA PHE A 7 5.18 -8.64 -14.29
C PHE A 7 4.06 -7.63 -14.57
N GLN A 8 3.25 -7.88 -15.60
CA GLN A 8 2.25 -6.91 -16.05
C GLN A 8 1.19 -6.57 -15.00
N HIS A 9 0.78 -7.53 -14.16
CA HIS A 9 -0.17 -7.29 -13.05
C HIS A 9 0.51 -6.76 -11.78
N ILE A 10 1.68 -6.11 -11.91
CA ILE A 10 2.53 -5.63 -10.81
C ILE A 10 3.10 -4.23 -11.14
N GLY A 11 3.50 -3.47 -10.11
CA GLY A 11 4.19 -2.17 -10.21
C GLY A 11 5.42 -2.08 -9.31
N HIS A 12 5.94 -0.88 -9.10
CA HIS A 12 6.98 -0.62 -8.09
C HIS A 12 6.46 -0.88 -6.67
N VAL A 13 7.09 -1.80 -5.96
CA VAL A 13 6.72 -2.21 -4.59
C VAL A 13 7.88 -2.83 -3.82
N GLY A 14 8.10 -2.36 -2.59
CA GLY A 14 9.17 -2.82 -1.67
C GLY A 14 8.84 -4.08 -0.88
N TRP A 15 7.91 -4.91 -1.35
CA TRP A 15 7.45 -6.13 -0.70
C TRP A 15 8.29 -7.37 -1.02
N ASP A 16 8.44 -8.27 -0.04
CA ASP A 16 9.01 -9.61 -0.15
C ASP A 16 8.24 -10.63 0.69
N PRO A 17 8.13 -11.88 0.23
CA PRO A 17 7.45 -12.97 0.95
C PRO A 17 8.14 -13.34 2.27
N ASN A 18 9.41 -12.98 2.42
CA ASN A 18 10.25 -13.35 3.57
C ASN A 18 10.01 -12.52 4.82
N THR A 19 9.73 -11.22 4.67
CA THR A 19 9.61 -10.24 5.77
C THR A 19 8.46 -9.23 5.61
N GLY A 20 7.78 -9.29 4.48
CA GLY A 20 6.63 -8.46 4.14
C GLY A 20 7.03 -7.18 3.41
N PHE A 21 6.29 -6.09 3.63
CA PHE A 21 6.63 -4.78 3.09
C PHE A 21 7.87 -4.22 3.79
N ASP A 22 8.90 -3.87 3.03
CA ASP A 22 10.07 -3.17 3.56
C ASP A 22 9.77 -1.68 3.74
N LEU A 23 9.56 -1.24 4.98
CA LEU A 23 9.23 0.14 5.32
C LEU A 23 10.39 1.13 5.07
N ASN A 24 11.59 0.60 4.85
CA ASN A 24 12.77 1.35 4.40
C ASN A 24 12.78 1.64 2.88
N ASN A 25 11.88 0.99 2.12
CA ASN A 25 11.67 1.19 0.67
C ASN A 25 10.18 1.36 0.27
N LEU A 26 9.26 1.33 1.23
CA LEU A 26 7.82 1.35 1.00
C LEU A 26 7.34 2.68 0.40
N ASP A 27 6.66 2.58 -0.74
CA ASP A 27 6.10 3.69 -1.49
C ASP A 27 4.94 4.40 -0.79
N PRO A 28 4.76 5.70 -1.08
CA PRO A 28 3.82 6.54 -0.38
C PRO A 28 2.36 6.26 -0.75
N GLU A 29 2.04 5.96 -2.02
CA GLU A 29 0.71 5.48 -2.44
C GLU A 29 0.32 4.16 -1.74
N LEU A 30 1.29 3.29 -1.47
CA LEU A 30 1.05 2.05 -0.75
C LEU A 30 0.70 2.34 0.71
N LYS A 31 1.54 3.14 1.39
CA LYS A 31 1.23 3.52 2.78
C LYS A 31 -0.10 4.27 2.89
N ASN A 32 -0.45 5.07 1.88
CA ASN A 32 -1.72 5.79 1.83
C ASN A 32 -2.90 4.83 1.94
N LEU A 33 -2.93 3.83 1.04
CA LEU A 33 -3.97 2.82 0.94
C LEU A 33 -4.07 1.97 2.21
N PHE A 34 -2.90 1.61 2.75
CA PHE A 34 -2.82 0.80 3.95
C PHE A 34 -3.28 1.55 5.20
N ASP A 35 -2.99 2.85 5.29
CA ASP A 35 -3.40 3.70 6.42
C ASP A 35 -4.91 3.97 6.44
N MET A 36 -5.55 4.17 5.28
CA MET A 36 -7.03 4.21 5.21
C MET A 36 -7.65 2.84 5.51
N CYS A 37 -6.98 1.74 5.16
CA CYS A 37 -7.40 0.41 5.63
C CYS A 37 -7.18 0.19 7.14
N GLY A 38 -6.26 0.94 7.77
CA GLY A 38 -5.97 0.85 9.19
C GLY A 38 -4.99 -0.28 9.52
N ILE A 39 -4.14 -0.64 8.57
CA ILE A 39 -3.04 -1.61 8.72
C ILE A 39 -1.93 -0.96 9.56
N SER A 40 -1.29 -1.74 10.43
CA SER A 40 -0.21 -1.28 11.32
C SER A 40 1.16 -1.80 10.87
N GLU A 41 2.26 -1.17 11.31
CA GLU A 41 3.64 -1.63 11.04
C GLU A 41 3.83 -3.10 11.44
N ALA A 42 3.21 -3.54 12.54
CA ALA A 42 3.22 -4.93 12.98
C ALA A 42 2.66 -5.91 11.93
N GLN A 43 1.63 -5.48 11.18
CA GLN A 43 0.96 -6.26 10.14
C GLN A 43 1.73 -6.17 8.81
N LEU A 44 2.28 -4.98 8.50
CA LEU A 44 3.14 -4.71 7.33
C LEU A 44 4.51 -5.39 7.38
N LYS A 45 4.97 -5.75 8.58
CA LYS A 45 6.14 -6.60 8.79
C LYS A 45 5.75 -8.05 9.08
N ASP A 46 4.45 -8.36 9.20
CA ASP A 46 4.03 -9.75 9.32
C ASP A 46 4.20 -10.35 7.92
N ARG A 47 5.18 -11.24 7.74
CA ARG A 47 5.45 -11.85 6.43
C ARG A 47 4.25 -12.64 5.89
N GLU A 48 3.36 -13.08 6.78
CA GLU A 48 2.06 -13.67 6.45
C GLU A 48 0.98 -12.61 6.12
N THR A 49 0.72 -11.64 7.00
CA THR A 49 -0.36 -10.66 6.82
C THR A 49 -0.09 -9.73 5.63
N SER A 50 1.16 -9.31 5.46
CA SER A 50 1.63 -8.58 4.28
C SER A 50 1.38 -9.32 2.98
N LYS A 51 1.44 -10.66 2.96
CA LYS A 51 1.11 -11.46 1.78
C LYS A 51 -0.36 -11.35 1.40
N VAL A 52 -1.26 -11.39 2.39
CA VAL A 52 -2.69 -11.20 2.14
C VAL A 52 -2.96 -9.82 1.56
N ILE A 53 -2.35 -8.79 2.15
CA ILE A 53 -2.45 -7.40 1.71
C ILE A 53 -1.93 -7.25 0.28
N TYR A 54 -0.72 -7.74 0.02
CA TYR A 54 -0.06 -7.70 -1.30
C TYR A 54 -0.82 -8.48 -2.37
N ASP A 55 -1.43 -9.63 -2.05
CA ASP A 55 -2.20 -10.39 -3.04
C ASP A 55 -3.31 -9.55 -3.65
N PHE A 56 -4.03 -8.76 -2.86
CA PHE A 56 -5.09 -7.89 -3.36
C PHE A 56 -4.56 -6.84 -4.36
N ILE A 57 -3.32 -6.39 -4.15
CA ILE A 57 -2.63 -5.42 -4.99
C ILE A 57 -2.24 -6.06 -6.33
N GLU A 58 -1.45 -7.14 -6.31
CA GLU A 58 -1.05 -7.81 -7.56
C GLU A 58 -2.26 -8.49 -8.27
N LYS A 59 -3.39 -8.70 -7.58
CA LYS A 59 -4.68 -9.12 -8.15
C LYS A 59 -5.32 -8.08 -9.06
N THR A 60 -5.44 -6.84 -8.59
CA THR A 60 -6.08 -5.78 -9.38
C THR A 60 -5.23 -5.33 -10.56
N GLY A 61 -3.90 -5.50 -10.47
CA GLY A 61 -2.96 -4.99 -11.46
C GLY A 61 -1.70 -4.33 -10.91
N GLY A 62 -1.49 -4.41 -9.60
CA GLY A 62 -0.31 -3.89 -8.93
C GLY A 62 -0.51 -2.50 -8.35
N VAL A 63 0.60 -1.85 -8.00
CA VAL A 63 0.60 -0.51 -7.38
C VAL A 63 -0.09 0.54 -8.28
N GLU A 64 -0.01 0.34 -9.59
CA GLU A 64 -0.61 1.23 -10.59
C GLU A 64 -2.14 1.11 -10.57
N ALA A 65 -2.65 -0.12 -10.55
CA ALA A 65 -4.08 -0.40 -10.59
C ALA A 65 -4.82 0.12 -9.36
N VAL A 66 -4.25 -0.10 -8.17
CA VAL A 66 -4.79 0.51 -6.95
C VAL A 66 -4.75 2.04 -6.99
N LYS A 67 -3.69 2.67 -7.54
CA LYS A 67 -3.53 4.13 -7.66
C LYS A 67 -4.60 4.75 -8.55
N ASN A 68 -4.88 4.11 -9.68
CA ASN A 68 -5.93 4.54 -10.62
C ASN A 68 -7.31 4.59 -9.94
N GLU A 69 -7.62 3.64 -9.05
CA GLU A 69 -8.86 3.66 -8.27
C GLU A 69 -8.78 4.58 -7.04
N LEU A 70 -7.60 4.79 -6.46
CA LEU A 70 -7.34 5.74 -5.37
C LEU A 70 -7.69 7.17 -5.81
N ARG A 71 -7.54 7.48 -7.11
CA ARG A 71 -7.95 8.75 -7.72
C ARG A 71 -9.47 9.00 -7.72
N ARG A 72 -10.29 7.99 -7.40
CA ARG A 72 -11.77 8.08 -7.25
C ARG A 72 -12.22 8.52 -5.85
N GLN A 73 -11.26 8.82 -4.98
CA GLN A 73 -11.52 9.39 -3.64
C GLN A 73 -12.34 10.68 -3.69
N GLY B 1 22.33 10.60 58.33
CA GLY B 1 23.41 9.93 59.08
C GLY B 1 24.08 8.87 58.22
N THR B 2 23.38 7.79 57.92
CA THR B 2 23.88 6.66 57.11
C THR B 2 24.17 7.06 55.66
N VAL B 3 25.16 6.41 55.05
CA VAL B 3 25.48 6.56 53.61
C VAL B 3 24.53 5.71 52.78
N ASN B 4 24.13 6.25 51.62
CA ASN B 4 23.14 5.69 50.70
C ASN B 4 23.72 5.44 49.30
N PHE B 5 23.14 4.50 48.56
CA PHE B 5 23.41 4.29 47.14
C PHE B 5 22.14 3.87 46.39
N LYS B 6 21.97 4.33 45.15
CA LYS B 6 20.84 3.97 44.27
C LYS B 6 21.13 4.27 42.80
N PRO B 7 20.53 3.52 41.85
CA PRO B 7 20.54 3.90 40.44
C PRO B 7 19.66 5.15 40.26
N SER B 8 19.92 5.94 39.23
CA SER B 8 19.16 7.15 38.91
C SER B 8 18.95 7.33 37.40
N ARG B 9 17.75 7.78 37.03
CA ARG B 9 17.30 7.95 35.63
C ARG B 9 16.20 9.03 35.52
N PRO B 10 16.51 10.24 35.00
CA PRO B 10 15.50 11.26 34.72
C PRO B 10 14.68 10.88 33.46
N ALA B 11 13.46 11.41 33.32
CA ALA B 11 12.65 11.24 32.11
C ALA B 11 11.61 12.38 31.93
N PRO B 12 11.56 13.03 30.75
CA PRO B 12 10.53 14.03 30.45
C PRO B 12 9.15 13.39 30.21
N PRO B 13 8.05 14.19 30.27
CA PRO B 13 6.72 13.74 29.86
C PRO B 13 6.70 13.15 28.43
N PRO B 14 5.72 12.27 28.09
CA PRO B 14 5.68 11.60 26.79
C PRO B 14 5.66 12.58 25.59
N PRO B 15 6.17 12.17 24.42
CA PRO B 15 6.32 13.02 23.25
C PRO B 15 4.98 13.40 22.60
N THR B 16 4.98 14.48 21.81
CA THR B 16 3.81 14.94 21.03
C THR B 16 3.40 13.94 19.94
N SER B 17 4.29 13.04 19.51
CA SER B 17 4.06 12.05 18.45
C SER B 17 2.95 11.03 18.74
N GLY B 18 2.40 11.02 19.96
CA GLY B 18 1.20 10.25 20.34
C GLY B 18 -0.11 10.80 19.75
N GLN B 19 -0.12 12.02 19.20
CA GLN B 19 -1.29 12.58 18.50
C GLN B 19 -1.39 12.12 17.04
N ALA B 20 -2.61 12.07 16.51
CA ALA B 20 -2.95 11.70 15.13
C ALA B 20 -4.14 12.52 14.59
N SER B 21 -4.19 13.81 14.93
CA SER B 21 -5.19 14.77 14.45
C SER B 21 -5.20 14.85 12.92
N GLY B 22 -6.38 14.88 12.30
CA GLY B 22 -6.51 14.84 10.83
C GLY B 22 -7.92 15.16 10.30
N ALA B 23 -7.98 15.47 9.00
CA ALA B 23 -9.18 15.92 8.29
C ALA B 23 -10.35 14.92 8.25
N SER B 24 -10.10 13.62 8.45
CA SER B 24 -11.12 12.55 8.37
C SER B 24 -11.88 12.52 7.02
N ARG B 25 -11.16 12.61 5.90
CA ARG B 25 -11.73 12.43 4.55
C ARG B 25 -12.14 10.96 4.28
N PRO B 26 -13.29 10.69 3.64
CA PRO B 26 -13.80 9.33 3.42
C PRO B 26 -12.98 8.55 2.37
N LEU B 27 -12.60 7.31 2.69
CA LEU B 27 -11.75 6.45 1.86
C LEU B 27 -12.39 6.03 0.50
N PRO B 28 -11.57 5.73 -0.53
CA PRO B 28 -12.01 5.16 -1.81
C PRO B 28 -12.45 3.69 -1.68
N PRO B 29 -13.29 3.18 -2.59
CA PRO B 29 -13.80 1.82 -2.50
C PRO B 29 -12.72 0.75 -2.77
N ILE B 30 -11.61 1.06 -3.46
CA ILE B 30 -10.45 0.16 -3.56
C ILE B 30 -9.87 -0.12 -2.16
N ALA B 31 -9.83 0.91 -1.31
CA ALA B 31 -9.38 0.75 0.06
C ALA B 31 -10.37 -0.03 0.92
N GLN B 32 -11.65 0.24 0.76
CA GLN B 32 -12.74 -0.50 1.43
C GLN B 32 -12.67 -1.99 1.11
N ALA B 33 -12.40 -2.33 -0.15
CA ALA B 33 -12.24 -3.71 -0.60
C ALA B 33 -10.97 -4.37 -0.04
N LEU B 34 -9.86 -3.62 0.12
CA LEU B 34 -8.66 -4.12 0.80
C LEU B 34 -8.93 -4.40 2.29
N LYS B 35 -9.66 -3.52 3.00
CA LYS B 35 -10.08 -3.77 4.39
C LYS B 35 -10.87 -5.07 4.52
N ASP B 36 -11.82 -5.27 3.62
CA ASP B 36 -12.68 -6.45 3.61
C ASP B 36 -11.93 -7.73 3.22
N HIS B 37 -10.98 -7.64 2.28
CA HIS B 37 -10.14 -8.77 1.86
C HIS B 37 -9.19 -9.22 2.97
N LEU B 38 -8.61 -8.28 3.71
CA LEU B 38 -7.75 -8.56 4.86
C LEU B 38 -8.58 -9.01 6.08
N ALA B 39 -9.79 -8.47 6.25
CA ALA B 39 -10.71 -8.93 7.29
C ALA B 39 -11.16 -10.38 7.09
N ALA B 40 -11.30 -10.84 5.84
CA ALA B 40 -11.56 -12.25 5.51
C ALA B 40 -10.49 -13.19 6.08
N TYR B 41 -9.25 -12.70 6.17
CA TYR B 41 -8.13 -13.42 6.77
C TYR B 41 -8.15 -13.31 8.30
N GLU B 42 -8.34 -12.11 8.83
CA GLU B 42 -8.39 -11.89 10.29
C GLU B 42 -9.56 -12.60 10.99
N LEU B 43 -10.74 -12.66 10.38
CA LEU B 43 -11.87 -13.47 10.87
C LEU B 43 -11.55 -14.97 10.81
N SER B 44 -10.78 -15.38 9.81
CA SER B 44 -10.36 -16.78 9.63
C SER B 44 -9.37 -17.20 10.72
N LYS B 45 -8.54 -16.27 11.18
CA LYS B 45 -7.67 -16.40 12.36
C LYS B 45 -8.48 -16.38 13.66
N ALA B 46 -9.44 -15.46 13.77
CA ALA B 46 -10.36 -15.33 14.91
C ALA B 46 -11.51 -16.37 14.92
N SER B 47 -11.38 -17.46 14.16
CA SER B 47 -12.36 -18.55 14.11
C SER B 47 -12.18 -19.49 15.32
N GLU B 48 -12.74 -19.05 16.44
CA GLU B 48 -12.77 -19.70 17.77
C GLU B 48 -13.33 -21.13 17.75
N GLY A 1 7.94 -7.44 -28.77
CA GLY A 1 8.15 -6.31 -27.84
C GLY A 1 9.55 -6.32 -27.26
N SER A 2 10.13 -5.14 -27.00
CA SER A 2 11.47 -4.95 -26.41
C SER A 2 11.45 -3.91 -25.28
N HIS A 3 12.55 -3.84 -24.51
CA HIS A 3 12.79 -2.90 -23.39
C HIS A 3 11.81 -2.97 -22.20
N MET A 4 10.79 -3.84 -22.27
CA MET A 4 9.68 -3.98 -21.33
C MET A 4 10.07 -4.54 -19.94
N SER A 5 9.13 -4.42 -19.00
CA SER A 5 9.17 -5.00 -17.65
C SER A 5 9.18 -6.54 -17.66
N ASN A 6 9.94 -7.12 -16.74
CA ASN A 6 9.96 -8.56 -16.44
C ASN A 6 8.73 -9.04 -15.64
N PHE A 7 7.85 -8.12 -15.24
CA PHE A 7 6.60 -8.37 -14.51
C PHE A 7 5.35 -8.17 -15.36
N GLN A 8 4.23 -8.74 -14.91
CA GLN A 8 2.90 -8.46 -15.43
C GLN A 8 1.88 -8.41 -14.30
N HIS A 9 0.97 -7.43 -14.35
CA HIS A 9 -0.01 -7.13 -13.30
C HIS A 9 0.65 -6.76 -11.94
N ILE A 10 1.91 -6.28 -11.95
CA ILE A 10 2.68 -5.81 -10.79
C ILE A 10 3.40 -4.49 -11.11
N GLY A 11 3.36 -3.52 -10.19
CA GLY A 11 4.07 -2.24 -10.28
C GLY A 11 5.37 -2.20 -9.47
N HIS A 12 5.84 -1.00 -9.17
CA HIS A 12 6.93 -0.76 -8.22
C HIS A 12 6.43 -0.95 -6.77
N VAL A 13 7.02 -1.87 -6.02
CA VAL A 13 6.60 -2.22 -4.64
C VAL A 13 7.72 -2.88 -3.83
N GLY A 14 8.09 -2.25 -2.71
CA GLY A 14 9.10 -2.74 -1.76
C GLY A 14 8.67 -3.91 -0.87
N TRP A 15 7.82 -4.81 -1.35
CA TRP A 15 7.42 -6.03 -0.65
C TRP A 15 8.40 -7.22 -0.84
N ASP A 16 8.49 -8.10 0.16
CA ASP A 16 9.17 -9.41 0.12
C ASP A 16 8.40 -10.47 0.92
N PRO A 17 8.37 -11.73 0.46
CA PRO A 17 7.70 -12.86 1.13
C PRO A 17 8.35 -13.28 2.45
N ASN A 18 9.56 -12.80 2.73
CA ASN A 18 10.34 -13.16 3.91
C ASN A 18 9.89 -12.45 5.18
N THR A 19 9.54 -11.16 5.06
CA THR A 19 9.21 -10.25 6.17
C THR A 19 8.08 -9.28 5.91
N GLY A 20 7.57 -9.25 4.69
CA GLY A 20 6.50 -8.36 4.25
C GLY A 20 7.03 -7.10 3.58
N PHE A 21 6.33 -5.98 3.76
CA PHE A 21 6.69 -4.69 3.19
C PHE A 21 7.94 -4.11 3.88
N ASP A 22 8.96 -3.79 3.09
CA ASP A 22 10.17 -3.09 3.49
C ASP A 22 9.88 -1.58 3.61
N LEU A 23 9.51 -1.13 4.81
CA LEU A 23 9.06 0.25 5.07
C LEU A 23 10.11 1.32 4.73
N ASN A 24 11.37 0.93 4.59
CA ASN A 24 12.50 1.76 4.15
C ASN A 24 12.54 2.03 2.64
N ASN A 25 11.82 1.23 1.84
CA ASN A 25 11.68 1.36 0.39
C ASN A 25 10.20 1.37 -0.08
N LEU A 26 9.27 1.24 0.86
CA LEU A 26 7.82 1.23 0.64
C LEU A 26 7.33 2.57 0.06
N ASP A 27 6.59 2.49 -1.04
CA ASP A 27 6.05 3.64 -1.73
C ASP A 27 4.93 4.37 -0.97
N PRO A 28 4.78 5.70 -1.20
CA PRO A 28 3.87 6.55 -0.46
C PRO A 28 2.40 6.31 -0.80
N GLU A 29 2.07 5.95 -2.05
CA GLU A 29 0.73 5.48 -2.43
C GLU A 29 0.32 4.21 -1.67
N LEU A 30 1.26 3.28 -1.45
CA LEU A 30 1.01 2.06 -0.70
C LEU A 30 0.72 2.37 0.77
N LYS A 31 1.61 3.16 1.41
CA LYS A 31 1.43 3.63 2.77
C LYS A 31 0.14 4.44 2.95
N ASN A 32 -0.37 5.09 1.91
CA ASN A 32 -1.65 5.77 1.94
C ASN A 32 -2.81 4.76 1.99
N LEU A 33 -2.88 3.85 1.00
CA LEU A 33 -3.95 2.86 0.90
C LEU A 33 -4.05 2.00 2.17
N PHE A 34 -2.89 1.62 2.72
CA PHE A 34 -2.84 0.78 3.91
C PHE A 34 -3.33 1.49 5.17
N ASP A 35 -3.05 2.79 5.33
CA ASP A 35 -3.44 3.57 6.52
C ASP A 35 -4.95 3.84 6.58
N MET A 36 -5.59 4.10 5.42
CA MET A 36 -7.07 4.15 5.32
C MET A 36 -7.71 2.79 5.54
N CYS A 37 -7.05 1.69 5.16
CA CYS A 37 -7.51 0.35 5.53
C CYS A 37 -7.42 0.10 7.04
N GLY A 38 -6.42 0.69 7.70
CA GLY A 38 -6.18 0.56 9.14
C GLY A 38 -5.10 -0.48 9.45
N ILE A 39 -4.18 -0.71 8.52
CA ILE A 39 -3.06 -1.65 8.65
C ILE A 39 -1.93 -0.93 9.40
N SER A 40 -1.45 -1.53 10.48
CA SER A 40 -0.33 -1.00 11.27
C SER A 40 0.99 -1.63 10.84
N GLU A 41 2.12 -1.02 11.21
CA GLU A 41 3.47 -1.50 10.87
C GLU A 41 3.70 -2.95 11.31
N ALA A 42 3.14 -3.35 12.45
CA ALA A 42 3.20 -4.72 12.94
C ALA A 42 2.63 -5.76 11.95
N GLN A 43 1.63 -5.36 11.17
CA GLN A 43 0.96 -6.17 10.15
C GLN A 43 1.72 -6.10 8.81
N LEU A 44 2.26 -4.93 8.47
CA LEU A 44 3.13 -4.72 7.30
C LEU A 44 4.50 -5.41 7.42
N LYS A 45 4.92 -5.74 8.64
CA LYS A 45 6.08 -6.59 8.96
C LYS A 45 5.70 -8.02 9.30
N ASP A 46 4.43 -8.38 9.21
CA ASP A 46 4.00 -9.77 9.30
C ASP A 46 4.16 -10.37 7.90
N ARG A 47 5.06 -11.35 7.72
CA ARG A 47 5.27 -11.98 6.41
C ARG A 47 4.03 -12.71 5.89
N GLU A 48 3.14 -13.10 6.81
CA GLU A 48 1.83 -13.70 6.51
C GLU A 48 0.76 -12.67 6.11
N THR A 49 0.58 -11.62 6.91
CA THR A 49 -0.49 -10.63 6.75
C THR A 49 -0.18 -9.72 5.56
N SER A 50 1.07 -9.31 5.42
CA SER A 50 1.57 -8.60 4.23
C SER A 50 1.36 -9.36 2.93
N LYS A 51 1.41 -10.71 2.94
CA LYS A 51 1.08 -11.50 1.75
C LYS A 51 -0.39 -11.33 1.38
N VAL A 52 -1.32 -11.44 2.34
CA VAL A 52 -2.76 -11.23 2.08
C VAL A 52 -3.02 -9.82 1.53
N ILE A 53 -2.36 -8.81 2.10
CA ILE A 53 -2.47 -7.41 1.66
C ILE A 53 -1.97 -7.27 0.22
N TYR A 54 -0.78 -7.79 -0.07
CA TYR A 54 -0.15 -7.75 -1.39
C TYR A 54 -0.91 -8.56 -2.44
N ASP A 55 -1.46 -9.72 -2.08
CA ASP A 55 -2.26 -10.61 -2.94
C ASP A 55 -3.53 -9.93 -3.48
N PHE A 56 -4.01 -8.86 -2.83
CA PHE A 56 -5.07 -7.99 -3.33
C PHE A 56 -4.57 -6.97 -4.37
N ILE A 57 -3.33 -6.51 -4.24
CA ILE A 57 -2.70 -5.50 -5.10
C ILE A 57 -2.35 -6.11 -6.46
N GLU A 58 -1.60 -7.22 -6.49
CA GLU A 58 -1.26 -7.92 -7.74
C GLU A 58 -2.54 -8.43 -8.49
N LYS A 59 -3.66 -8.59 -7.77
CA LYS A 59 -4.99 -8.95 -8.30
C LYS A 59 -5.64 -7.88 -9.17
N THR A 60 -5.59 -6.63 -8.75
CA THR A 60 -6.17 -5.52 -9.52
C THR A 60 -5.27 -5.14 -10.71
N GLY A 61 -3.96 -5.37 -10.57
CA GLY A 61 -2.98 -4.92 -11.58
C GLY A 61 -1.67 -4.39 -11.02
N GLY A 62 -1.51 -4.41 -9.70
CA GLY A 62 -0.32 -3.94 -9.01
C GLY A 62 -0.50 -2.55 -8.40
N VAL A 63 0.62 -1.93 -8.00
CA VAL A 63 0.63 -0.57 -7.39
C VAL A 63 -0.04 0.46 -8.30
N GLU A 64 0.09 0.29 -9.61
CA GLU A 64 -0.48 1.20 -10.62
C GLU A 64 -2.00 1.15 -10.63
N ALA A 65 -2.55 -0.07 -10.53
CA ALA A 65 -3.98 -0.32 -10.60
C ALA A 65 -4.72 0.14 -9.35
N VAL A 66 -4.13 -0.08 -8.17
CA VAL A 66 -4.65 0.50 -6.93
C VAL A 66 -4.57 2.02 -6.94
N LYS A 67 -3.51 2.62 -7.49
CA LYS A 67 -3.33 4.08 -7.62
C LYS A 67 -4.45 4.69 -8.47
N ASN A 68 -4.76 4.05 -9.59
CA ASN A 68 -5.85 4.51 -10.47
C ASN A 68 -7.22 4.57 -9.77
N GLU A 69 -7.50 3.63 -8.86
CA GLU A 69 -8.75 3.60 -8.09
C GLU A 69 -8.69 4.48 -6.82
N LEU A 70 -7.51 4.61 -6.21
CA LEU A 70 -7.23 5.49 -5.05
C LEU A 70 -7.37 6.96 -5.43
N ARG A 71 -7.07 7.31 -6.69
CA ARG A 71 -7.30 8.66 -7.25
C ARG A 71 -8.77 9.10 -7.22
N ARG A 72 -9.70 8.16 -7.01
CA ARG A 72 -11.15 8.39 -6.89
C ARG A 72 -11.64 8.64 -5.46
N GLN A 73 -10.74 8.72 -4.47
CA GLN A 73 -11.09 9.11 -3.08
C GLN A 73 -11.76 10.48 -2.96
N GLY B 1 1.91 -22.45 -10.38
CA GLY B 1 0.51 -22.51 -9.93
C GLY B 1 -0.41 -22.99 -11.04
N THR B 2 -0.98 -22.10 -11.85
CA THR B 2 -1.89 -22.46 -12.96
C THR B 2 -1.12 -22.97 -14.19
N VAL B 3 -1.69 -23.92 -14.93
CA VAL B 3 -1.04 -24.57 -16.09
C VAL B 3 -0.74 -23.56 -17.18
N ASN B 4 -1.74 -22.82 -17.66
CA ASN B 4 -1.52 -21.67 -18.53
C ASN B 4 -1.18 -20.42 -17.70
N PHE B 5 -0.36 -19.54 -18.25
CA PHE B 5 -0.07 -18.23 -17.69
C PHE B 5 -1.26 -17.28 -17.88
N LYS B 6 -1.46 -16.36 -16.94
CA LYS B 6 -2.45 -15.28 -17.02
C LYS B 6 -2.13 -14.38 -18.24
N PRO B 7 -3.10 -14.04 -19.10
CA PRO B 7 -2.85 -13.12 -20.22
C PRO B 7 -2.64 -11.68 -19.73
N SER B 8 -1.96 -10.85 -20.52
CA SER B 8 -1.60 -9.47 -20.15
C SER B 8 -1.58 -8.55 -21.37
N ARG B 9 -2.03 -7.30 -21.19
CA ARG B 9 -2.20 -6.24 -22.21
C ARG B 9 -1.87 -4.84 -21.67
N PRO B 10 -1.44 -3.88 -22.51
CA PRO B 10 -1.19 -2.48 -22.11
C PRO B 10 -2.46 -1.75 -21.62
N ALA B 11 -2.29 -0.51 -21.12
CA ALA B 11 -3.39 0.34 -20.66
C ALA B 11 -3.16 1.83 -21.02
N PRO B 12 -4.21 2.61 -21.35
CA PRO B 12 -4.12 4.00 -21.79
C PRO B 12 -3.59 4.95 -20.70
N PRO B 13 -3.04 6.13 -21.06
CA PRO B 13 -2.44 7.07 -20.11
C PRO B 13 -3.49 7.61 -19.12
N PRO B 14 -3.32 7.44 -17.79
CA PRO B 14 -4.32 7.83 -16.80
C PRO B 14 -4.72 9.32 -16.82
N PRO B 15 -6.01 9.64 -16.59
CA PRO B 15 -6.53 11.01 -16.63
C PRO B 15 -6.02 11.91 -15.49
N THR B 16 -6.40 13.19 -15.50
CA THR B 16 -6.08 14.22 -14.47
C THR B 16 -6.52 13.90 -13.04
N SER B 17 -7.34 12.85 -12.80
CA SER B 17 -7.94 12.49 -11.51
C SER B 17 -6.92 12.30 -10.37
N GLY B 18 -7.20 12.87 -9.19
CA GLY B 18 -6.41 12.65 -7.97
C GLY B 18 -6.32 13.83 -6.99
N GLN B 19 -6.78 15.03 -7.35
CA GLN B 19 -6.67 16.25 -6.55
C GLN B 19 -7.52 16.25 -5.27
N ALA B 20 -7.01 16.85 -4.18
CA ALA B 20 -7.67 16.85 -2.87
C ALA B 20 -8.92 17.75 -2.83
N SER B 21 -10.06 17.20 -2.43
CA SER B 21 -11.29 17.98 -2.16
C SER B 21 -11.20 18.74 -0.84
N GLY B 22 -11.70 19.98 -0.78
CA GLY B 22 -11.71 20.82 0.42
C GLY B 22 -12.74 20.44 1.50
N ALA B 23 -13.43 19.31 1.34
CA ALA B 23 -14.49 18.81 2.20
C ALA B 23 -14.27 17.34 2.61
N SER B 24 -14.84 16.93 3.73
CA SER B 24 -14.67 15.60 4.33
C SER B 24 -15.41 14.49 3.59
N ARG B 25 -14.68 13.44 3.20
CA ARG B 25 -15.17 12.19 2.61
C ARG B 25 -14.48 10.96 3.21
N PRO B 26 -15.17 9.79 3.23
CA PRO B 26 -14.58 8.51 3.65
C PRO B 26 -13.47 8.03 2.70
N LEU B 27 -12.86 6.90 3.07
CA LEU B 27 -11.92 6.15 2.25
C LEU B 27 -12.51 5.72 0.87
N PRO B 28 -11.67 5.49 -0.15
CA PRO B 28 -12.10 4.97 -1.46
C PRO B 28 -12.49 3.49 -1.42
N PRO B 29 -13.35 3.02 -2.34
CA PRO B 29 -13.82 1.63 -2.32
C PRO B 29 -12.74 0.60 -2.67
N ILE B 30 -11.63 0.95 -3.35
CA ILE B 30 -10.46 0.05 -3.48
C ILE B 30 -9.86 -0.25 -2.10
N ALA B 31 -9.80 0.75 -1.20
CA ALA B 31 -9.38 0.53 0.18
C ALA B 31 -10.41 -0.28 0.97
N GLN B 32 -11.69 0.00 0.76
CA GLN B 32 -12.78 -0.76 1.37
C GLN B 32 -12.72 -2.26 0.99
N ALA B 33 -12.39 -2.55 -0.27
CA ALA B 33 -12.21 -3.90 -0.79
C ALA B 33 -10.94 -4.58 -0.26
N LEU B 34 -9.86 -3.82 -0.01
CA LEU B 34 -8.66 -4.34 0.68
C LEU B 34 -8.97 -4.70 2.14
N LYS B 35 -9.72 -3.85 2.87
CA LYS B 35 -10.17 -4.19 4.24
C LYS B 35 -11.01 -5.46 4.27
N ASP B 36 -11.94 -5.63 3.33
CA ASP B 36 -12.81 -6.80 3.20
C ASP B 36 -12.05 -8.07 2.79
N HIS B 37 -11.00 -7.92 1.97
CA HIS B 37 -10.13 -9.02 1.58
C HIS B 37 -9.26 -9.50 2.75
N LEU B 38 -8.68 -8.57 3.50
CA LEU B 38 -7.87 -8.83 4.69
C LEU B 38 -8.75 -9.34 5.85
N ALA B 39 -10.00 -8.87 5.98
CA ALA B 39 -10.94 -9.34 6.99
C ALA B 39 -11.32 -10.82 6.86
N ALA B 40 -11.32 -11.36 5.63
CA ALA B 40 -11.50 -12.79 5.38
C ALA B 40 -10.35 -13.64 5.95
N TYR B 41 -9.17 -13.04 6.10
CA TYR B 41 -8.02 -13.62 6.79
C TYR B 41 -8.14 -13.45 8.31
N GLU B 42 -8.44 -12.23 8.78
CA GLU B 42 -8.57 -11.92 10.22
C GLU B 42 -9.62 -12.76 10.96
N LEU B 43 -10.75 -13.06 10.31
CA LEU B 43 -11.80 -13.92 10.89
C LEU B 43 -11.31 -15.36 11.09
N SER B 44 -10.40 -15.79 10.21
CA SER B 44 -9.85 -17.15 10.19
C SER B 44 -8.86 -17.40 11.31
N LYS B 45 -8.29 -16.35 11.93
CA LYS B 45 -7.37 -16.44 13.07
C LYS B 45 -8.03 -17.09 14.31
N ALA B 46 -9.36 -16.98 14.41
CA ALA B 46 -10.18 -17.59 15.46
C ALA B 46 -10.37 -19.12 15.36
N SER B 47 -9.81 -19.72 14.32
CA SER B 47 -9.79 -21.18 14.08
C SER B 47 -9.02 -21.96 15.15
N GLU B 48 -8.00 -21.35 15.75
CA GLU B 48 -7.27 -21.91 16.91
C GLU B 48 -8.07 -21.79 18.22
N GLY A 1 16.30 0.49 -10.14
CA GLY A 1 15.70 0.66 -8.81
C GLY A 1 15.65 -0.66 -8.07
N SER A 2 15.78 -0.65 -6.75
CA SER A 2 15.80 -1.87 -5.90
C SER A 2 14.53 -2.71 -6.01
N HIS A 3 13.39 -2.09 -6.33
CA HIS A 3 12.08 -2.72 -6.47
C HIS A 3 12.01 -3.69 -7.68
N MET A 4 12.81 -3.47 -8.73
CA MET A 4 12.92 -4.34 -9.92
C MET A 4 11.56 -4.67 -10.57
N SER A 5 10.72 -3.65 -10.79
CA SER A 5 9.33 -3.77 -11.28
C SER A 5 9.17 -4.11 -12.77
N ASN A 6 9.99 -5.04 -13.30
CA ASN A 6 9.93 -5.58 -14.67
C ASN A 6 8.70 -6.50 -14.90
N PHE A 7 7.51 -6.02 -14.53
CA PHE A 7 6.23 -6.74 -14.55
C PHE A 7 5.15 -6.01 -15.34
N GLN A 8 4.16 -6.76 -15.85
CA GLN A 8 2.96 -6.16 -16.44
C GLN A 8 1.84 -5.98 -15.40
N HIS A 9 1.46 -7.07 -14.73
CA HIS A 9 0.33 -7.14 -13.79
C HIS A 9 0.70 -6.77 -12.33
N ILE A 10 1.89 -6.21 -12.14
CA ILE A 10 2.49 -5.81 -10.86
C ILE A 10 3.15 -4.42 -11.02
N GLY A 11 3.26 -3.65 -9.95
CA GLY A 11 3.96 -2.36 -9.90
C GLY A 11 5.22 -2.38 -9.03
N HIS A 12 5.89 -1.23 -8.93
CA HIS A 12 6.97 -0.99 -7.98
C HIS A 12 6.48 -1.13 -6.53
N VAL A 13 7.10 -2.05 -5.79
CA VAL A 13 6.71 -2.41 -4.42
C VAL A 13 7.89 -2.95 -3.62
N GLY A 14 8.04 -2.48 -2.38
CA GLY A 14 9.08 -2.89 -1.43
C GLY A 14 8.72 -4.14 -0.61
N TRP A 15 7.89 -5.03 -1.14
CA TRP A 15 7.43 -6.23 -0.44
C TRP A 15 8.41 -7.42 -0.56
N ASP A 16 8.49 -8.27 0.48
CA ASP A 16 9.29 -9.50 0.55
C ASP A 16 8.51 -10.63 1.25
N PRO A 17 8.52 -11.87 0.73
CA PRO A 17 7.73 -12.99 1.28
C PRO A 17 8.19 -13.48 2.66
N ASN A 18 9.37 -13.06 3.12
CA ASN A 18 10.01 -13.48 4.37
C ASN A 18 9.88 -12.50 5.54
N THR A 19 9.67 -11.21 5.23
CA THR A 19 9.66 -10.11 6.22
C THR A 19 8.61 -9.03 5.95
N GLY A 20 7.98 -9.08 4.78
CA GLY A 20 6.85 -8.25 4.39
C GLY A 20 7.22 -6.95 3.68
N PHE A 21 6.34 -5.95 3.75
CA PHE A 21 6.57 -4.62 3.17
C PHE A 21 7.68 -3.87 3.91
N ASP A 22 8.82 -3.69 3.24
CA ASP A 22 9.96 -2.94 3.74
C ASP A 22 9.69 -1.43 3.76
N LEU A 23 9.36 -0.88 4.93
CA LEU A 23 8.96 0.52 5.12
C LEU A 23 10.05 1.53 4.68
N ASN A 24 11.31 1.10 4.65
CA ASN A 24 12.46 1.87 4.15
C ASN A 24 12.43 2.14 2.63
N ASN A 25 11.70 1.32 1.86
CA ASN A 25 11.53 1.41 0.40
C ASN A 25 10.07 1.35 -0.04
N LEU A 26 9.13 1.36 0.92
CA LEU A 26 7.69 1.29 0.66
C LEU A 26 7.21 2.59 0.02
N ASP A 27 6.49 2.49 -1.11
CA ASP A 27 5.94 3.63 -1.81
C ASP A 27 4.84 4.34 -1.00
N PRO A 28 4.68 5.65 -1.18
CA PRO A 28 3.79 6.46 -0.37
C PRO A 28 2.31 6.17 -0.64
N GLU A 29 1.98 5.82 -1.89
CA GLU A 29 0.66 5.34 -2.28
C GLU A 29 0.25 4.10 -1.46
N LEU A 30 1.19 3.16 -1.29
CA LEU A 30 0.92 1.89 -0.63
C LEU A 30 0.61 2.13 0.84
N LYS A 31 1.48 2.90 1.51
CA LYS A 31 1.24 3.34 2.89
C LYS A 31 -0.10 4.06 3.03
N ASN A 32 -0.53 4.82 2.02
CA ASN A 32 -1.83 5.47 2.03
C ASN A 32 -2.98 4.46 2.04
N LEU A 33 -3.03 3.56 1.05
CA LEU A 33 -4.07 2.54 0.92
C LEU A 33 -4.17 1.66 2.18
N PHE A 34 -3.02 1.33 2.74
CA PHE A 34 -2.93 0.54 3.96
C PHE A 34 -3.40 1.31 5.20
N ASP A 35 -3.11 2.61 5.30
CA ASP A 35 -3.56 3.46 6.42
C ASP A 35 -5.08 3.67 6.43
N MET A 36 -5.71 3.83 5.27
CA MET A 36 -7.18 3.86 5.16
C MET A 36 -7.79 2.49 5.46
N CYS A 37 -7.09 1.38 5.19
CA CYS A 37 -7.51 0.06 5.69
C CYS A 37 -7.28 -0.10 7.21
N GLY A 38 -6.38 0.67 7.82
CA GLY A 38 -6.05 0.64 9.25
C GLY A 38 -4.93 -0.34 9.59
N ILE A 39 -4.05 -0.64 8.64
CA ILE A 39 -2.94 -1.60 8.80
C ILE A 39 -1.80 -0.92 9.58
N SER A 40 -1.26 -1.58 10.61
CA SER A 40 -0.07 -1.11 11.33
C SER A 40 1.23 -1.63 10.73
N GLU A 41 2.35 -1.02 11.10
CA GLU A 41 3.70 -1.50 10.77
C GLU A 41 3.91 -2.96 11.20
N ALA A 42 3.41 -3.37 12.36
CA ALA A 42 3.51 -4.75 12.83
C ALA A 42 2.92 -5.77 11.84
N GLN A 43 1.85 -5.37 11.15
CA GLN A 43 1.13 -6.19 10.17
C GLN A 43 1.79 -6.11 8.79
N LEU A 44 2.33 -4.94 8.42
CA LEU A 44 3.12 -4.74 7.21
C LEU A 44 4.44 -5.51 7.23
N LYS A 45 5.06 -5.63 8.42
CA LYS A 45 6.25 -6.43 8.70
C LYS A 45 5.92 -7.88 9.06
N ASP A 46 4.64 -8.26 9.09
CA ASP A 46 4.23 -9.65 9.24
C ASP A 46 4.29 -10.29 7.85
N ARG A 47 5.26 -11.18 7.63
CA ARG A 47 5.42 -11.91 6.35
C ARG A 47 4.16 -12.64 5.89
N GLU A 48 3.29 -13.02 6.83
CA GLU A 48 2.00 -13.66 6.57
C GLU A 48 0.88 -12.68 6.22
N THR A 49 0.71 -11.60 6.99
CA THR A 49 -0.39 -10.64 6.84
C THR A 49 -0.11 -9.72 5.64
N SER A 50 1.14 -9.26 5.50
CA SER A 50 1.60 -8.54 4.30
C SER A 50 1.34 -9.31 3.00
N LYS A 51 1.46 -10.64 2.97
CA LYS A 51 1.14 -11.47 1.80
C LYS A 51 -0.33 -11.35 1.41
N VAL A 52 -1.24 -11.40 2.38
CA VAL A 52 -2.68 -11.22 2.15
C VAL A 52 -2.95 -9.86 1.50
N ILE A 53 -2.37 -8.81 2.09
CA ILE A 53 -2.51 -7.43 1.61
C ILE A 53 -1.98 -7.29 0.18
N TYR A 54 -0.78 -7.80 -0.07
CA TYR A 54 -0.14 -7.80 -1.38
C TYR A 54 -0.91 -8.57 -2.46
N ASP A 55 -1.50 -9.73 -2.13
CA ASP A 55 -2.27 -10.54 -3.09
C ASP A 55 -3.44 -9.76 -3.73
N PHE A 56 -4.05 -8.84 -2.97
CA PHE A 56 -5.09 -7.95 -3.49
C PHE A 56 -4.56 -6.92 -4.51
N ILE A 57 -3.32 -6.47 -4.32
CA ILE A 57 -2.67 -5.44 -5.15
C ILE A 57 -2.33 -6.02 -6.53
N GLU A 58 -1.55 -7.11 -6.57
CA GLU A 58 -1.19 -7.78 -7.84
C GLU A 58 -2.41 -8.41 -8.54
N LYS A 59 -3.55 -8.58 -7.85
CA LYS A 59 -4.86 -8.95 -8.44
C LYS A 59 -5.46 -7.86 -9.32
N THR A 60 -5.54 -6.62 -8.83
CA THR A 60 -6.17 -5.53 -9.58
C THR A 60 -5.32 -5.08 -10.77
N GLY A 61 -3.99 -5.30 -10.68
CA GLY A 61 -3.02 -4.82 -11.68
C GLY A 61 -1.69 -4.33 -11.10
N GLY A 62 -1.52 -4.40 -9.79
CA GLY A 62 -0.32 -3.92 -9.09
C GLY A 62 -0.49 -2.53 -8.51
N VAL A 63 0.62 -1.91 -8.08
CA VAL A 63 0.64 -0.57 -7.47
C VAL A 63 0.00 0.47 -8.40
N GLU A 64 0.13 0.28 -9.71
CA GLU A 64 -0.42 1.21 -10.70
C GLU A 64 -1.96 1.20 -10.72
N ALA A 65 -2.54 0.00 -10.59
CA ALA A 65 -3.99 -0.19 -10.65
C ALA A 65 -4.68 0.36 -9.41
N VAL A 66 -4.14 0.03 -8.23
CA VAL A 66 -4.63 0.64 -6.99
C VAL A 66 -4.48 2.16 -7.00
N LYS A 67 -3.39 2.71 -7.57
CA LYS A 67 -3.16 4.16 -7.71
C LYS A 67 -4.23 4.81 -8.57
N ASN A 68 -4.60 4.18 -9.68
CA ASN A 68 -5.65 4.70 -10.56
C ASN A 68 -6.99 4.79 -9.83
N GLU A 69 -7.33 3.78 -9.04
CA GLU A 69 -8.60 3.71 -8.32
C GLU A 69 -8.61 4.59 -7.05
N LEU A 70 -7.47 4.75 -6.38
CA LEU A 70 -7.31 5.61 -5.19
C LEU A 70 -7.37 7.10 -5.58
N ARG A 71 -7.05 7.46 -6.82
CA ARG A 71 -7.24 8.83 -7.36
C ARG A 71 -8.73 9.25 -7.46
N ARG A 72 -9.67 8.32 -7.30
CA ARG A 72 -11.12 8.57 -7.20
C ARG A 72 -11.60 8.95 -5.79
N GLN A 73 -10.68 9.07 -4.82
CA GLN A 73 -10.92 9.53 -3.44
C GLN A 73 -11.93 10.69 -3.32
N GLY B 1 14.83 58.83 29.92
CA GLY B 1 15.83 59.91 29.84
C GLY B 1 17.19 59.39 30.28
N THR B 2 18.24 59.73 29.51
CA THR B 2 19.67 59.44 29.79
C THR B 2 20.01 57.97 30.17
N VAL B 3 19.18 57.00 29.79
CA VAL B 3 19.36 55.57 30.11
C VAL B 3 20.53 54.94 29.33
N ASN B 4 21.20 53.95 29.92
CA ASN B 4 22.22 53.12 29.24
C ASN B 4 21.77 51.66 29.04
N PHE B 5 20.91 51.11 29.90
CA PHE B 5 20.37 49.77 29.72
C PHE B 5 19.14 49.77 28.79
N LYS B 6 19.04 48.79 27.88
CA LYS B 6 17.85 48.52 27.06
C LYS B 6 17.23 47.16 27.46
N PRO B 7 15.90 47.01 27.62
CA PRO B 7 15.29 45.78 28.13
C PRO B 7 15.59 44.51 27.32
N SER B 8 15.68 43.39 28.03
CA SER B 8 16.00 42.05 27.48
C SER B 8 14.88 41.49 26.58
N ARG B 9 15.24 41.06 25.37
CA ARG B 9 14.32 40.60 24.31
C ARG B 9 14.02 39.08 24.40
N PRO B 10 12.77 38.61 24.20
CA PRO B 10 12.43 37.18 24.12
C PRO B 10 12.81 36.58 22.76
N ALA B 11 12.74 35.25 22.64
CA ALA B 11 13.08 34.53 21.42
C ALA B 11 11.99 34.58 20.30
N PRO B 12 12.37 34.41 19.01
CA PRO B 12 11.45 34.39 17.88
C PRO B 12 10.58 33.11 17.82
N PRO B 13 9.47 33.14 17.07
CA PRO B 13 8.68 31.96 16.75
C PRO B 13 9.33 31.11 15.64
N PRO B 14 9.28 29.77 15.71
CA PRO B 14 9.65 28.90 14.59
C PRO B 14 8.65 29.04 13.42
N PRO B 15 9.06 28.83 12.15
CA PRO B 15 8.16 28.85 11.01
C PRO B 15 7.06 27.77 11.10
N THR B 16 5.87 28.09 10.58
CA THR B 16 4.69 27.23 10.54
C THR B 16 4.80 26.20 9.40
N SER B 17 5.75 25.30 9.53
CA SER B 17 5.94 24.14 8.64
C SER B 17 4.92 23.04 8.93
N GLY B 18 4.69 22.14 7.97
CA GLY B 18 3.70 21.06 8.07
C GLY B 18 2.25 21.54 7.93
N GLN B 19 2.00 22.54 7.07
CA GLN B 19 0.70 23.19 6.89
C GLN B 19 -0.47 22.28 6.46
N ALA B 20 -0.22 21.08 5.94
CA ALA B 20 -1.24 20.05 5.70
C ALA B 20 -1.82 19.50 7.01
N SER B 21 -3.12 19.23 7.06
CA SER B 21 -3.77 18.64 8.25
C SER B 21 -3.36 17.18 8.46
N GLY B 22 -3.49 16.67 9.69
CA GLY B 22 -3.36 15.24 10.00
C GLY B 22 -4.56 14.42 9.52
N ALA B 23 -5.76 15.02 9.54
CA ALA B 23 -7.02 14.42 9.13
C ALA B 23 -7.08 14.06 7.62
N SER B 24 -8.03 13.21 7.23
CA SER B 24 -8.25 12.77 5.84
C SER B 24 -9.71 12.38 5.59
N ARG B 25 -10.21 12.59 4.36
CA ARG B 25 -11.59 12.26 3.91
C ARG B 25 -11.94 10.76 3.97
N PRO B 26 -13.24 10.41 3.90
CA PRO B 26 -13.69 9.02 3.75
C PRO B 26 -12.99 8.29 2.60
N LEU B 27 -12.63 7.02 2.85
CA LEU B 27 -11.83 6.18 1.96
C LEU B 27 -12.50 5.81 0.61
N PRO B 28 -11.71 5.53 -0.45
CA PRO B 28 -12.19 5.02 -1.73
C PRO B 28 -12.62 3.55 -1.68
N PRO B 29 -13.45 3.08 -2.61
CA PRO B 29 -13.91 1.69 -2.60
C PRO B 29 -12.81 0.67 -2.91
N ILE B 30 -11.74 1.00 -3.65
CA ILE B 30 -10.56 0.12 -3.76
C ILE B 30 -9.98 -0.20 -2.38
N ALA B 31 -9.95 0.79 -1.47
CA ALA B 31 -9.50 0.59 -0.10
C ALA B 31 -10.50 -0.21 0.75
N GLN B 32 -11.79 0.04 0.54
CA GLN B 32 -12.85 -0.73 1.19
C GLN B 32 -12.81 -2.22 0.80
N ALA B 33 -12.51 -2.50 -0.47
CA ALA B 33 -12.30 -3.84 -0.98
C ALA B 33 -11.05 -4.50 -0.40
N LEU B 34 -9.97 -3.74 -0.17
CA LEU B 34 -8.76 -4.22 0.52
C LEU B 34 -9.04 -4.58 1.98
N LYS B 35 -9.78 -3.73 2.72
CA LYS B 35 -10.26 -4.06 4.07
C LYS B 35 -11.05 -5.38 4.12
N ASP B 36 -12.00 -5.56 3.20
CA ASP B 36 -12.83 -6.78 3.12
C ASP B 36 -12.06 -8.02 2.64
N HIS B 37 -11.01 -7.83 1.82
CA HIS B 37 -10.10 -8.91 1.44
C HIS B 37 -9.21 -9.38 2.61
N LEU B 38 -8.72 -8.45 3.43
CA LEU B 38 -7.94 -8.75 4.64
C LEU B 38 -8.85 -9.33 5.75
N ALA B 39 -10.11 -8.90 5.83
CA ALA B 39 -11.07 -9.42 6.80
C ALA B 39 -11.36 -10.93 6.61
N ALA B 40 -11.34 -11.41 5.36
CA ALA B 40 -11.45 -12.83 5.03
C ALA B 40 -10.32 -13.70 5.60
N TYR B 41 -9.15 -13.09 5.84
CA TYR B 41 -8.00 -13.73 6.47
C TYR B 41 -8.15 -13.75 7.99
N GLU B 42 -8.49 -12.61 8.58
CA GLU B 42 -8.67 -12.47 10.04
C GLU B 42 -9.78 -13.41 10.58
N LEU B 43 -10.87 -13.59 9.83
CA LEU B 43 -11.94 -14.54 10.17
C LEU B 43 -11.49 -15.99 9.99
N SER B 44 -10.63 -16.24 8.99
CA SER B 44 -10.07 -17.56 8.71
C SER B 44 -9.12 -18.03 9.82
N LYS B 45 -8.53 -17.08 10.55
CA LYS B 45 -7.75 -17.31 11.78
C LYS B 45 -8.62 -17.38 13.04
N ALA B 46 -9.60 -16.49 13.17
CA ALA B 46 -10.48 -16.32 14.34
C ALA B 46 -9.77 -16.09 15.69
N SER B 47 -8.52 -15.57 15.68
CA SER B 47 -7.76 -15.27 16.91
C SER B 47 -8.41 -14.19 17.77
N GLU B 48 -9.10 -13.21 17.17
CA GLU B 48 -9.69 -12.04 17.87
C GLU B 48 -11.22 -11.97 17.77
N GLY A 1 18.63 -14.80 -8.68
CA GLY A 1 17.24 -15.15 -9.03
C GLY A 1 16.63 -14.13 -9.96
N SER A 2 15.32 -14.22 -10.20
CA SER A 2 14.50 -13.25 -10.94
C SER A 2 15.05 -12.90 -12.33
N HIS A 3 15.26 -13.91 -13.17
CA HIS A 3 15.63 -13.73 -14.58
C HIS A 3 14.54 -12.98 -15.34
N MET A 4 14.92 -11.96 -16.12
CA MET A 4 14.01 -11.08 -16.88
C MET A 4 12.80 -10.63 -16.04
N SER A 5 13.05 -9.90 -14.95
CA SER A 5 12.05 -9.42 -14.00
C SER A 5 11.10 -8.32 -14.51
N ASN A 6 10.67 -8.40 -15.77
CA ASN A 6 9.63 -7.56 -16.38
C ASN A 6 8.27 -7.79 -15.68
N PHE A 7 7.32 -6.86 -15.87
CA PHE A 7 6.02 -6.85 -15.18
C PHE A 7 4.90 -6.19 -16.00
N GLN A 8 3.66 -6.66 -15.84
CA GLN A 8 2.45 -6.10 -16.45
C GLN A 8 1.24 -5.98 -15.50
N HIS A 9 1.20 -6.77 -14.44
CA HIS A 9 0.18 -6.74 -13.37
C HIS A 9 0.79 -6.57 -11.96
N ILE A 10 1.99 -5.97 -11.92
CA ILE A 10 2.75 -5.55 -10.74
C ILE A 10 3.42 -4.21 -11.08
N GLY A 11 3.75 -3.41 -10.06
CA GLY A 11 4.43 -2.12 -10.19
C GLY A 11 5.69 -2.03 -9.33
N HIS A 12 6.10 -0.82 -8.98
CA HIS A 12 7.15 -0.56 -8.00
C HIS A 12 6.64 -0.78 -6.55
N VAL A 13 7.16 -1.80 -5.86
CA VAL A 13 6.71 -2.23 -4.51
C VAL A 13 7.80 -2.97 -3.72
N GLY A 14 8.13 -2.45 -2.54
CA GLY A 14 9.17 -3.00 -1.65
C GLY A 14 8.81 -4.27 -0.84
N TRP A 15 7.80 -5.02 -1.28
CA TRP A 15 7.29 -6.22 -0.59
C TRP A 15 8.14 -7.48 -0.79
N ASP A 16 8.07 -8.39 0.19
CA ASP A 16 8.84 -9.63 0.32
C ASP A 16 8.03 -10.75 0.99
N PRO A 17 7.96 -11.95 0.42
CA PRO A 17 7.25 -13.08 1.00
C PRO A 17 7.92 -13.64 2.27
N ASN A 18 9.18 -13.27 2.52
CA ASN A 18 9.92 -13.63 3.73
C ASN A 18 9.64 -12.69 4.91
N THR A 19 9.50 -11.37 4.68
CA THR A 19 9.40 -10.39 5.80
C THR A 19 8.36 -9.28 5.63
N GLY A 20 7.77 -9.20 4.45
CA GLY A 20 6.71 -8.27 4.11
C GLY A 20 7.20 -6.95 3.50
N PHE A 21 6.39 -5.91 3.63
CA PHE A 21 6.65 -4.58 3.06
C PHE A 21 7.85 -3.93 3.77
N ASP A 22 8.96 -3.74 3.06
CA ASP A 22 10.13 -3.03 3.60
C ASP A 22 9.86 -1.52 3.67
N LEU A 23 9.53 -1.06 4.88
CA LEU A 23 9.15 0.32 5.19
C LEU A 23 10.26 1.33 4.90
N ASN A 24 11.50 0.86 4.76
CA ASN A 24 12.64 1.67 4.33
C ASN A 24 12.60 2.11 2.85
N ASN A 25 11.87 1.41 1.98
CA ASN A 25 11.64 1.83 0.60
C ASN A 25 10.18 1.72 0.14
N LEU A 26 9.26 1.44 1.07
CA LEU A 26 7.82 1.36 0.81
C LEU A 26 7.29 2.67 0.25
N ASP A 27 6.62 2.57 -0.89
CA ASP A 27 6.07 3.70 -1.62
C ASP A 27 4.92 4.41 -0.89
N PRO A 28 4.73 5.71 -1.17
CA PRO A 28 3.79 6.54 -0.46
C PRO A 28 2.34 6.20 -0.80
N GLU A 29 2.00 5.89 -2.05
CA GLU A 29 0.66 5.42 -2.44
C GLU A 29 0.28 4.13 -1.70
N LEU A 30 1.25 3.26 -1.45
CA LEU A 30 1.06 2.03 -0.71
C LEU A 30 0.74 2.33 0.76
N LYS A 31 1.61 3.10 1.43
CA LYS A 31 1.38 3.57 2.80
C LYS A 31 0.03 4.30 2.96
N ASN A 32 -0.37 5.05 1.94
CA ASN A 32 -1.65 5.76 1.90
C ASN A 32 -2.82 4.77 1.94
N LEU A 33 -2.86 3.82 1.00
CA LEU A 33 -3.92 2.81 0.88
C LEU A 33 -4.02 1.95 2.15
N PHE A 34 -2.87 1.59 2.70
CA PHE A 34 -2.79 0.79 3.90
C PHE A 34 -3.26 1.54 5.15
N ASP A 35 -3.00 2.85 5.25
CA ASP A 35 -3.44 3.67 6.39
C ASP A 35 -4.96 3.80 6.44
N MET A 36 -5.63 4.07 5.30
CA MET A 36 -7.10 4.05 5.20
C MET A 36 -7.69 2.67 5.47
N CYS A 37 -6.93 1.59 5.21
CA CYS A 37 -7.33 0.25 5.66
C CYS A 37 -7.13 0.05 7.18
N GLY A 38 -6.23 0.80 7.82
CA GLY A 38 -5.93 0.76 9.26
C GLY A 38 -4.72 -0.13 9.60
N ILE A 39 -3.92 -0.49 8.59
CA ILE A 39 -2.79 -1.41 8.72
C ILE A 39 -1.62 -0.70 9.42
N SER A 40 -1.04 -1.35 10.45
CA SER A 40 0.14 -0.87 11.17
C SER A 40 1.44 -1.50 10.67
N GLU A 41 2.59 -1.00 11.12
CA GLU A 41 3.91 -1.57 10.82
C GLU A 41 3.98 -3.07 11.18
N ALA A 42 3.42 -3.47 12.32
CA ALA A 42 3.37 -4.86 12.76
C ALA A 42 2.72 -5.80 11.73
N GLN A 43 1.70 -5.31 11.02
CA GLN A 43 0.96 -6.08 10.01
C GLN A 43 1.67 -6.03 8.65
N LEU A 44 2.31 -4.91 8.33
CA LEU A 44 3.13 -4.72 7.13
C LEU A 44 4.43 -5.56 7.16
N LYS A 45 5.02 -5.76 8.35
CA LYS A 45 6.15 -6.65 8.64
C LYS A 45 5.74 -8.09 8.97
N ASP A 46 4.43 -8.37 9.00
CA ASP A 46 3.93 -9.74 9.14
C ASP A 46 4.04 -10.40 7.76
N ARG A 47 4.97 -11.34 7.56
CA ARG A 47 5.07 -12.09 6.29
C ARG A 47 3.81 -12.92 5.96
N GLU A 48 2.96 -13.17 6.97
CA GLU A 48 1.63 -13.79 6.81
C GLU A 48 0.55 -12.78 6.37
N THR A 49 0.46 -11.61 7.01
CA THR A 49 -0.59 -10.61 6.79
C THR A 49 -0.26 -9.71 5.60
N SER A 50 0.99 -9.25 5.49
CA SER A 50 1.50 -8.53 4.31
C SER A 50 1.28 -9.29 3.01
N LYS A 51 1.36 -10.64 3.01
CA LYS A 51 1.05 -11.46 1.84
C LYS A 51 -0.41 -11.26 1.42
N VAL A 52 -1.35 -11.35 2.36
CA VAL A 52 -2.78 -11.15 2.08
C VAL A 52 -3.03 -9.75 1.53
N ILE A 53 -2.38 -8.73 2.12
CA ILE A 53 -2.47 -7.34 1.69
C ILE A 53 -1.95 -7.19 0.26
N TYR A 54 -0.75 -7.71 -0.01
CA TYR A 54 -0.10 -7.68 -1.32
C TYR A 54 -0.84 -8.49 -2.41
N ASP A 55 -1.40 -9.65 -2.04
CA ASP A 55 -2.19 -10.52 -2.92
C ASP A 55 -3.40 -9.80 -3.53
N PHE A 56 -3.98 -8.83 -2.81
CA PHE A 56 -5.02 -7.94 -3.35
C PHE A 56 -4.49 -6.95 -4.39
N ILE A 57 -3.26 -6.46 -4.21
CA ILE A 57 -2.62 -5.45 -5.06
C ILE A 57 -2.25 -6.05 -6.41
N GLU A 58 -1.48 -7.13 -6.43
CA GLU A 58 -1.13 -7.83 -7.69
C GLU A 58 -2.40 -8.41 -8.39
N LYS A 59 -3.49 -8.69 -7.66
CA LYS A 59 -4.79 -9.11 -8.24
C LYS A 59 -5.38 -8.04 -9.16
N THR A 60 -5.54 -6.82 -8.66
CA THR A 60 -6.13 -5.72 -9.45
C THR A 60 -5.24 -5.31 -10.63
N GLY A 61 -3.93 -5.53 -10.52
CA GLY A 61 -2.97 -5.08 -11.52
C GLY A 61 -1.67 -4.49 -10.97
N GLY A 62 -1.51 -4.44 -9.66
CA GLY A 62 -0.32 -3.96 -8.97
C GLY A 62 -0.49 -2.54 -8.39
N VAL A 63 0.64 -1.90 -8.04
CA VAL A 63 0.66 -0.55 -7.43
C VAL A 63 -0.02 0.49 -8.31
N GLU A 64 0.07 0.34 -9.63
CA GLU A 64 -0.53 1.26 -10.61
C GLU A 64 -2.06 1.13 -10.63
N ALA A 65 -2.54 -0.12 -10.57
CA ALA A 65 -3.95 -0.44 -10.66
C ALA A 65 -4.74 0.01 -9.43
N VAL A 66 -4.17 -0.19 -8.24
CA VAL A 66 -4.74 0.39 -7.01
C VAL A 66 -4.76 1.92 -7.07
N LYS A 67 -3.71 2.58 -7.58
CA LYS A 67 -3.62 4.06 -7.68
C LYS A 67 -4.70 4.64 -8.57
N ASN A 68 -4.95 3.98 -9.71
CA ASN A 68 -6.03 4.35 -10.63
C ASN A 68 -7.42 4.39 -9.93
N GLU A 69 -7.66 3.51 -8.96
CA GLU A 69 -8.89 3.50 -8.16
C GLU A 69 -8.79 4.38 -6.89
N LEU A 70 -7.58 4.60 -6.38
CA LEU A 70 -7.28 5.45 -5.23
C LEU A 70 -7.59 6.92 -5.56
N ARG A 71 -7.39 7.33 -6.82
CA ARG A 71 -7.55 8.74 -7.20
C ARG A 71 -9.01 9.22 -7.19
N ARG A 72 -9.98 8.29 -7.22
CA ARG A 72 -11.42 8.59 -7.06
C ARG A 72 -11.95 8.57 -5.61
N GLN A 73 -11.06 8.69 -4.61
CA GLN A 73 -11.46 8.89 -3.19
C GLN A 73 -12.35 10.11 -2.96
N GLY B 1 32.15 56.43 28.23
CA GLY B 1 31.93 55.85 26.91
C GLY B 1 32.41 54.41 26.85
N THR B 2 31.51 53.45 27.08
CA THR B 2 31.76 52.01 26.90
C THR B 2 30.45 51.23 26.67
N VAL B 3 30.52 50.12 25.92
CA VAL B 3 29.40 49.20 25.63
C VAL B 3 29.83 47.74 25.89
N ASN B 4 28.87 46.83 26.05
CA ASN B 4 29.10 45.40 26.30
C ASN B 4 28.15 44.47 25.52
N PHE B 5 27.56 44.95 24.42
CA PHE B 5 26.77 44.12 23.50
C PHE B 5 27.61 42.98 22.91
N LYS B 6 26.99 41.84 22.59
CA LYS B 6 27.59 40.73 21.86
C LYS B 6 26.58 40.10 20.87
N PRO B 7 26.96 39.80 19.62
CA PRO B 7 26.10 39.07 18.68
C PRO B 7 25.75 37.64 19.15
N SER B 8 24.84 36.99 18.43
CA SER B 8 24.37 35.63 18.70
C SER B 8 24.10 34.84 17.41
N ARG B 9 24.17 33.50 17.48
CA ARG B 9 23.83 32.59 16.37
C ARG B 9 22.30 32.59 16.12
N PRO B 10 21.82 32.64 14.87
CA PRO B 10 20.39 32.59 14.59
C PRO B 10 19.75 31.25 14.98
N ALA B 11 18.48 31.29 15.38
CA ALA B 11 17.65 30.12 15.65
C ALA B 11 16.24 30.27 15.03
N PRO B 12 15.58 29.16 14.63
CA PRO B 12 14.17 29.15 14.24
C PRO B 12 13.25 29.46 15.44
N PRO B 13 12.02 29.92 15.20
CA PRO B 13 11.09 30.32 16.27
C PRO B 13 10.68 29.13 17.17
N PRO B 14 10.33 29.37 18.45
CA PRO B 14 9.87 28.33 19.38
C PRO B 14 8.54 27.66 18.95
N PRO B 15 8.16 26.54 19.60
CA PRO B 15 6.90 25.85 19.32
C PRO B 15 5.64 26.66 19.67
N THR B 16 4.55 26.35 18.98
CA THR B 16 3.22 26.96 19.10
C THR B 16 2.10 25.90 19.05
N SER B 17 2.42 24.65 19.41
CA SER B 17 1.53 23.48 19.40
C SER B 17 0.25 23.66 20.22
N GLY B 18 -0.81 22.93 19.87
CA GLY B 18 -2.05 22.85 20.64
C GLY B 18 -3.17 22.13 19.88
N GLN B 19 -3.37 22.47 18.61
CA GLN B 19 -4.39 21.84 17.76
C GLN B 19 -4.05 20.37 17.43
N ALA B 20 -5.04 19.48 17.54
CA ALA B 20 -4.93 18.07 17.14
C ALA B 20 -5.02 17.89 15.60
N SER B 21 -4.82 16.66 15.13
CA SER B 21 -5.03 16.26 13.72
C SER B 21 -6.45 16.59 13.26
N GLY B 22 -6.62 17.16 12.06
CA GLY B 22 -7.91 17.64 11.53
C GLY B 22 -7.96 17.85 10.02
N ALA B 23 -7.25 17.01 9.26
CA ALA B 23 -7.12 17.09 7.80
C ALA B 23 -7.67 15.86 7.04
N SER B 24 -8.05 14.78 7.74
CA SER B 24 -8.51 13.53 7.12
C SER B 24 -9.69 13.71 6.17
N ARG B 25 -9.69 12.90 5.11
CA ARG B 25 -10.73 12.77 4.08
C ARG B 25 -11.15 11.30 3.89
N PRO B 26 -12.37 11.01 3.39
CA PRO B 26 -12.88 9.65 3.19
C PRO B 26 -11.98 8.77 2.31
N LEU B 27 -12.12 7.45 2.46
CA LEU B 27 -11.37 6.47 1.68
C LEU B 27 -12.02 6.16 0.30
N PRO B 28 -11.24 5.72 -0.70
CA PRO B 28 -11.71 5.18 -1.98
C PRO B 28 -12.26 3.75 -1.88
N PRO B 29 -13.08 3.29 -2.84
CA PRO B 29 -13.68 1.96 -2.78
C PRO B 29 -12.65 0.81 -2.91
N ILE B 30 -11.51 1.03 -3.57
CA ILE B 30 -10.38 0.06 -3.59
C ILE B 30 -9.81 -0.18 -2.19
N ALA B 31 -9.78 0.86 -1.35
CA ALA B 31 -9.35 0.71 0.04
C ALA B 31 -10.34 -0.10 0.85
N GLN B 32 -11.63 0.18 0.69
CA GLN B 32 -12.69 -0.61 1.31
C GLN B 32 -12.63 -2.10 0.86
N ALA B 33 -12.35 -2.35 -0.41
CA ALA B 33 -12.17 -3.69 -0.95
C ALA B 33 -10.94 -4.40 -0.35
N LEU B 34 -9.82 -3.68 -0.14
CA LEU B 34 -8.63 -4.20 0.57
C LEU B 34 -8.96 -4.55 2.03
N LYS B 35 -9.69 -3.70 2.76
CA LYS B 35 -10.12 -3.97 4.14
C LYS B 35 -10.96 -5.22 4.25
N ASP B 36 -11.90 -5.42 3.32
CA ASP B 36 -12.74 -6.62 3.24
C ASP B 36 -11.96 -7.86 2.80
N HIS B 37 -10.97 -7.73 1.91
CA HIS B 37 -10.09 -8.83 1.50
C HIS B 37 -9.17 -9.29 2.65
N LEU B 38 -8.69 -8.38 3.50
CA LEU B 38 -7.93 -8.71 4.70
C LEU B 38 -8.84 -9.30 5.80
N ALA B 39 -10.06 -8.78 5.93
CA ALA B 39 -11.05 -9.37 6.83
C ALA B 39 -11.43 -10.81 6.44
N ALA B 40 -11.53 -11.10 5.13
CA ALA B 40 -11.73 -12.44 4.58
C ALA B 40 -10.66 -13.43 5.02
N TYR B 41 -9.46 -12.94 5.32
CA TYR B 41 -8.39 -13.71 5.92
C TYR B 41 -8.58 -13.87 7.44
N GLU B 42 -8.73 -12.77 8.17
CA GLU B 42 -8.78 -12.78 9.64
C GLU B 42 -9.99 -13.53 10.23
N LEU B 43 -11.15 -13.47 9.57
CA LEU B 43 -12.33 -14.29 9.91
C LEU B 43 -12.04 -15.77 9.66
N SER B 44 -11.24 -16.07 8.64
CA SER B 44 -10.95 -17.43 8.19
C SER B 44 -9.89 -18.12 9.07
N LYS B 45 -9.08 -17.36 9.82
CA LYS B 45 -8.12 -17.89 10.82
C LYS B 45 -8.77 -18.57 12.03
N ALA B 46 -10.03 -18.27 12.29
CA ALA B 46 -10.82 -18.69 13.45
C ALA B 46 -11.34 -20.14 13.32
N SER B 47 -10.42 -21.08 13.15
CA SER B 47 -10.68 -22.52 13.18
C SER B 47 -9.56 -23.31 13.87
N GLU B 48 -9.89 -24.03 14.95
CA GLU B 48 -9.00 -24.83 15.82
C GLU B 48 -9.59 -26.20 16.14
N GLY A 1 19.07 -4.15 -7.59
CA GLY A 1 20.34 -4.88 -7.57
C GLY A 1 20.14 -6.31 -8.05
N SER A 2 20.81 -7.27 -7.41
CA SER A 2 20.79 -8.67 -7.83
C SER A 2 19.44 -9.39 -7.65
N HIS A 3 19.20 -10.40 -8.48
CA HIS A 3 18.08 -11.38 -8.39
C HIS A 3 16.66 -10.78 -8.33
N MET A 4 16.38 -9.68 -9.05
CA MET A 4 15.04 -9.09 -9.15
C MET A 4 14.13 -9.91 -10.08
N SER A 5 12.96 -10.36 -9.60
CA SER A 5 11.99 -11.15 -10.38
C SER A 5 11.25 -10.32 -11.45
N ASN A 6 10.79 -10.95 -12.53
CA ASN A 6 9.98 -10.33 -13.61
C ASN A 6 8.48 -10.37 -13.31
N PHE A 7 7.71 -9.43 -13.89
CA PHE A 7 6.28 -9.29 -13.59
C PHE A 7 5.38 -8.64 -14.65
N GLN A 8 4.11 -9.03 -14.57
CA GLN A 8 2.94 -8.46 -15.24
C GLN A 8 1.80 -8.37 -14.20
N HIS A 9 0.91 -7.38 -14.33
CA HIS A 9 -0.14 -7.07 -13.35
C HIS A 9 0.42 -6.74 -11.94
N ILE A 10 1.61 -6.13 -11.88
CA ILE A 10 2.33 -5.70 -10.67
C ILE A 10 3.05 -4.36 -10.98
N GLY A 11 3.22 -3.49 -9.98
CA GLY A 11 3.94 -2.22 -10.08
C GLY A 11 5.23 -2.18 -9.25
N HIS A 12 5.77 -0.99 -9.02
CA HIS A 12 6.86 -0.76 -8.07
C HIS A 12 6.37 -0.96 -6.63
N VAL A 13 6.91 -1.96 -5.93
CA VAL A 13 6.53 -2.33 -4.55
C VAL A 13 7.73 -2.93 -3.79
N GLY A 14 8.05 -2.35 -2.64
CA GLY A 14 9.09 -2.80 -1.70
C GLY A 14 8.68 -3.97 -0.80
N TRP A 15 7.91 -4.93 -1.31
CA TRP A 15 7.50 -6.15 -0.60
C TRP A 15 8.47 -7.34 -0.79
N ASP A 16 8.60 -8.19 0.24
CA ASP A 16 9.36 -9.45 0.23
C ASP A 16 8.64 -10.57 1.01
N PRO A 17 8.70 -11.83 0.55
CA PRO A 17 8.09 -12.98 1.22
C PRO A 17 8.80 -13.39 2.52
N ASN A 18 9.95 -12.80 2.86
CA ASN A 18 10.71 -13.09 4.07
C ASN A 18 10.27 -12.29 5.31
N THR A 19 9.95 -11.00 5.08
CA THR A 19 9.68 -10.01 6.14
C THR A 19 8.58 -9.00 5.83
N GLY A 20 7.97 -9.12 4.67
CA GLY A 20 6.84 -8.32 4.22
C GLY A 20 7.24 -7.02 3.52
N PHE A 21 6.40 -5.99 3.66
CA PHE A 21 6.67 -4.66 3.10
C PHE A 21 7.83 -3.99 3.84
N ASP A 22 8.95 -3.78 3.14
CA ASP A 22 10.12 -3.10 3.64
C ASP A 22 9.86 -1.59 3.81
N LEU A 23 9.55 -1.16 5.03
CA LEU A 23 9.15 0.22 5.34
C LEU A 23 10.24 1.26 5.04
N ASN A 24 11.48 0.81 4.89
CA ASN A 24 12.61 1.61 4.38
C ASN A 24 12.48 2.02 2.91
N ASN A 25 11.74 1.23 2.10
CA ASN A 25 11.52 1.43 0.66
C ASN A 25 10.03 1.48 0.29
N LEU A 26 9.13 1.38 1.27
CA LEU A 26 7.70 1.30 1.03
C LEU A 26 7.17 2.62 0.46
N ASP A 27 6.54 2.50 -0.70
CA ASP A 27 6.00 3.62 -1.43
C ASP A 27 4.80 4.30 -0.74
N PRO A 28 4.63 5.62 -0.95
CA PRO A 28 3.64 6.42 -0.25
C PRO A 28 2.21 6.11 -0.68
N GLU A 29 1.95 5.86 -1.96
CA GLU A 29 0.64 5.38 -2.44
C GLU A 29 0.23 4.07 -1.76
N LEU A 30 1.18 3.19 -1.46
CA LEU A 30 0.93 1.96 -0.73
C LEU A 30 0.54 2.23 0.73
N LYS A 31 1.38 2.97 1.45
CA LYS A 31 1.13 3.36 2.84
C LYS A 31 -0.20 4.11 3.00
N ASN A 32 -0.59 4.89 2.00
CA ASN A 32 -1.86 5.60 2.00
C ASN A 32 -3.05 4.65 2.06
N LEU A 33 -3.10 3.68 1.13
CA LEU A 33 -4.16 2.68 1.04
C LEU A 33 -4.23 1.81 2.31
N PHE A 34 -3.06 1.46 2.83
CA PHE A 34 -2.97 0.64 4.03
C PHE A 34 -3.46 1.37 5.29
N ASP A 35 -3.17 2.67 5.43
CA ASP A 35 -3.60 3.46 6.60
C ASP A 35 -5.12 3.66 6.67
N MET A 36 -5.82 3.77 5.53
CA MET A 36 -7.30 3.79 5.47
C MET A 36 -7.92 2.42 5.78
N CYS A 37 -7.26 1.31 5.47
CA CYS A 37 -7.66 -0.03 5.96
C CYS A 37 -7.39 -0.19 7.48
N GLY A 38 -6.41 0.55 8.02
CA GLY A 38 -6.02 0.52 9.44
C GLY A 38 -4.88 -0.46 9.73
N ILE A 39 -4.07 -0.78 8.71
CA ILE A 39 -2.94 -1.70 8.81
C ILE A 39 -1.78 -1.01 9.53
N SER A 40 -1.21 -1.65 10.55
CA SER A 40 -0.03 -1.17 11.30
C SER A 40 1.30 -1.72 10.74
N GLU A 41 2.42 -1.16 11.20
CA GLU A 41 3.76 -1.68 10.89
C GLU A 41 3.88 -3.17 11.26
N ALA A 42 3.28 -3.59 12.38
CA ALA A 42 3.27 -4.99 12.83
C ALA A 42 2.69 -5.95 11.79
N GLN A 43 1.66 -5.50 11.06
CA GLN A 43 0.98 -6.25 10.01
C GLN A 43 1.73 -6.17 8.67
N LEU A 44 2.30 -4.99 8.37
CA LEU A 44 3.14 -4.77 7.18
C LEU A 44 4.46 -5.54 7.22
N LYS A 45 5.02 -5.74 8.41
CA LYS A 45 6.21 -6.57 8.70
C LYS A 45 5.86 -8.01 9.04
N ASP A 46 4.57 -8.37 9.06
CA ASP A 46 4.15 -9.76 9.16
C ASP A 46 4.32 -10.37 7.76
N ARG A 47 5.27 -11.30 7.57
CA ARG A 47 5.52 -11.92 6.24
C ARG A 47 4.33 -12.72 5.70
N GLU A 48 3.40 -13.06 6.59
CA GLU A 48 2.09 -13.65 6.28
C GLU A 48 1.01 -12.59 5.96
N THR A 49 0.78 -11.62 6.85
CA THR A 49 -0.30 -10.64 6.70
C THR A 49 -0.01 -9.70 5.53
N SER A 50 1.23 -9.23 5.39
CA SER A 50 1.69 -8.51 4.20
C SER A 50 1.46 -9.25 2.89
N LYS A 51 1.59 -10.59 2.85
CA LYS A 51 1.29 -11.40 1.66
C LYS A 51 -0.20 -11.31 1.32
N VAL A 52 -1.09 -11.42 2.32
CA VAL A 52 -2.53 -11.25 2.10
C VAL A 52 -2.82 -9.85 1.55
N ILE A 53 -2.26 -8.81 2.15
CA ILE A 53 -2.45 -7.41 1.74
C ILE A 53 -1.97 -7.23 0.29
N TYR A 54 -0.79 -7.73 -0.03
CA TYR A 54 -0.18 -7.69 -1.36
C TYR A 54 -0.94 -8.50 -2.41
N ASP A 55 -1.52 -9.66 -2.06
CA ASP A 55 -2.31 -10.51 -2.96
C ASP A 55 -3.48 -9.73 -3.60
N PHE A 56 -4.08 -8.81 -2.85
CA PHE A 56 -5.12 -7.92 -3.36
C PHE A 56 -4.59 -6.90 -4.38
N ILE A 57 -3.38 -6.41 -4.17
CA ILE A 57 -2.71 -5.43 -5.01
C ILE A 57 -2.34 -6.05 -6.36
N GLU A 58 -1.60 -7.16 -6.36
CA GLU A 58 -1.21 -7.86 -7.60
C GLU A 58 -2.41 -8.52 -8.32
N LYS A 59 -3.58 -8.60 -7.66
CA LYS A 59 -4.86 -8.98 -8.26
C LYS A 59 -5.42 -7.88 -9.16
N THR A 60 -5.61 -6.69 -8.61
CA THR A 60 -6.25 -5.59 -9.34
C THR A 60 -5.41 -5.10 -10.53
N GLY A 61 -4.08 -5.31 -10.48
CA GLY A 61 -3.14 -4.83 -11.50
C GLY A 61 -1.80 -4.33 -10.95
N GLY A 62 -1.64 -4.31 -9.64
CA GLY A 62 -0.44 -3.83 -8.96
C GLY A 62 -0.62 -2.47 -8.33
N VAL A 63 0.50 -1.84 -7.94
CA VAL A 63 0.54 -0.49 -7.33
C VAL A 63 -0.14 0.55 -8.25
N GLU A 64 -0.07 0.35 -9.56
CA GLU A 64 -0.65 1.26 -10.56
C GLU A 64 -2.19 1.21 -10.57
N ALA A 65 -2.75 0.01 -10.46
CA ALA A 65 -4.19 -0.23 -10.47
C ALA A 65 -4.87 0.29 -9.21
N VAL A 66 -4.30 0.00 -8.04
CA VAL A 66 -4.79 0.58 -6.79
C VAL A 66 -4.72 2.11 -6.80
N LYS A 67 -3.67 2.71 -7.39
CA LYS A 67 -3.52 4.17 -7.54
C LYS A 67 -4.60 4.75 -8.45
N ASN A 68 -4.89 4.10 -9.56
CA ASN A 68 -5.95 4.51 -10.50
C ASN A 68 -7.31 4.63 -9.80
N GLU A 69 -7.61 3.75 -8.85
CA GLU A 69 -8.86 3.82 -8.09
C GLU A 69 -8.76 4.79 -6.90
N LEU A 70 -7.59 4.92 -6.27
CA LEU A 70 -7.37 5.90 -5.20
C LEU A 70 -7.50 7.34 -5.72
N ARG A 71 -7.09 7.59 -6.97
CA ARG A 71 -7.06 8.95 -7.55
C ARG A 71 -8.41 9.46 -8.06
N ARG A 72 -9.48 8.66 -7.93
CA ARG A 72 -10.89 9.05 -8.17
C ARG A 72 -11.51 9.84 -7.01
N GLN A 73 -10.89 9.83 -5.82
CA GLN A 73 -11.35 10.57 -4.63
C GLN A 73 -10.43 11.73 -4.23
N GLY B 1 7.38 -21.53 -38.62
CA GLY B 1 6.49 -21.07 -37.53
C GLY B 1 7.27 -20.83 -36.26
N THR B 2 8.05 -19.73 -36.21
CA THR B 2 8.87 -19.39 -35.04
C THR B 2 9.16 -17.89 -34.92
N VAL B 3 9.12 -17.36 -33.69
CA VAL B 3 9.39 -15.96 -33.34
C VAL B 3 9.84 -15.85 -31.88
N ASN B 4 10.79 -14.95 -31.58
CA ASN B 4 11.35 -14.76 -30.24
C ASN B 4 10.76 -13.52 -29.52
N PHE B 5 10.52 -13.66 -28.21
CA PHE B 5 9.85 -12.68 -27.32
C PHE B 5 10.52 -12.62 -25.94
N LYS B 6 10.31 -11.51 -25.21
CA LYS B 6 10.88 -11.25 -23.87
C LYS B 6 10.02 -10.31 -23.02
N PRO B 7 9.98 -10.44 -21.67
CA PRO B 7 9.15 -9.57 -20.82
C PRO B 7 9.60 -8.10 -20.86
N SER B 8 8.62 -7.19 -21.01
CA SER B 8 8.80 -5.73 -20.99
C SER B 8 7.47 -5.06 -20.58
N ARG B 9 7.54 -3.94 -19.84
CA ARG B 9 6.38 -3.26 -19.25
C ARG B 9 6.57 -1.73 -19.12
N PRO B 10 5.95 -0.91 -20.00
CA PRO B 10 6.06 0.54 -19.97
C PRO B 10 5.28 1.15 -18.79
N ALA B 11 5.82 2.22 -18.19
CA ALA B 11 5.22 2.88 -17.04
C ALA B 11 5.49 4.41 -17.02
N PRO B 12 4.50 5.22 -16.59
CA PRO B 12 4.61 6.68 -16.55
C PRO B 12 5.67 7.17 -15.55
N PRO B 13 6.16 8.42 -15.72
CA PRO B 13 7.10 9.03 -14.78
C PRO B 13 6.53 9.18 -13.36
N PRO B 14 7.40 9.24 -12.33
CA PRO B 14 7.00 9.41 -10.94
C PRO B 14 6.47 10.84 -10.67
N PRO B 15 5.65 11.04 -9.62
CA PRO B 15 5.19 12.37 -9.20
C PRO B 15 6.33 13.20 -8.60
N THR B 16 6.17 14.53 -8.58
CA THR B 16 7.17 15.44 -7.97
C THR B 16 7.09 15.45 -6.44
N SER B 17 5.93 15.16 -5.84
CA SER B 17 5.76 14.95 -4.39
C SER B 17 4.59 14.01 -4.08
N GLY B 18 4.59 13.36 -2.90
CA GLY B 18 3.56 12.41 -2.49
C GLY B 18 2.14 12.99 -2.52
N GLN B 19 1.17 12.16 -2.93
CA GLN B 19 -0.22 12.54 -3.15
C GLN B 19 -1.14 12.04 -2.02
N ALA B 20 -1.83 12.96 -1.35
CA ALA B 20 -2.74 12.66 -0.25
C ALA B 20 -3.89 13.68 -0.18
N SER B 21 -5.01 13.29 0.44
CA SER B 21 -6.22 14.13 0.54
C SER B 21 -5.99 15.40 1.37
N GLY B 22 -5.29 15.28 2.50
CA GLY B 22 -5.05 16.35 3.48
C GLY B 22 -6.29 16.67 4.34
N ALA B 23 -7.26 15.76 4.39
CA ALA B 23 -8.56 15.93 5.04
C ALA B 23 -9.09 14.63 5.69
N SER B 24 -9.98 14.76 6.68
CA SER B 24 -10.61 13.64 7.40
C SER B 24 -11.77 12.97 6.62
N ARG B 25 -11.67 12.90 5.28
CA ARG B 25 -12.69 12.34 4.38
C ARG B 25 -12.79 10.80 4.49
N PRO B 26 -13.98 10.19 4.31
CA PRO B 26 -14.15 8.73 4.31
C PRO B 26 -13.26 7.98 3.30
N LEU B 27 -12.98 6.71 3.59
CA LEU B 27 -12.16 5.85 2.73
C LEU B 27 -12.79 5.55 1.35
N PRO B 28 -11.98 5.30 0.30
CA PRO B 28 -12.43 4.86 -1.03
C PRO B 28 -12.80 3.38 -1.08
N PRO B 29 -13.62 2.95 -2.05
CA PRO B 29 -14.07 1.57 -2.13
C PRO B 29 -12.95 0.56 -2.48
N ILE B 30 -11.89 0.95 -3.19
CA ILE B 30 -10.69 0.10 -3.37
C ILE B 30 -10.07 -0.27 -2.01
N ALA B 31 -10.06 0.69 -1.06
CA ALA B 31 -9.61 0.42 0.30
C ALA B 31 -10.61 -0.45 1.08
N GLN B 32 -11.90 -0.23 0.85
CA GLN B 32 -12.97 -1.03 1.45
C GLN B 32 -12.87 -2.51 1.06
N ALA B 33 -12.53 -2.76 -0.22
CA ALA B 33 -12.32 -4.10 -0.75
C ALA B 33 -11.04 -4.74 -0.17
N LEU B 34 -9.99 -3.95 0.08
CA LEU B 34 -8.79 -4.38 0.81
C LEU B 34 -9.16 -4.84 2.22
N LYS B 35 -9.92 -4.03 2.98
CA LYS B 35 -10.35 -4.40 4.34
C LYS B 35 -11.11 -5.73 4.37
N ASP B 36 -12.05 -5.94 3.45
CA ASP B 36 -12.81 -7.20 3.37
C ASP B 36 -11.95 -8.39 2.92
N HIS B 37 -10.99 -8.17 2.01
CA HIS B 37 -10.01 -9.19 1.62
C HIS B 37 -9.11 -9.60 2.79
N LEU B 38 -8.65 -8.65 3.59
CA LEU B 38 -7.83 -8.89 4.79
C LEU B 38 -8.67 -9.50 5.92
N ALA B 39 -9.97 -9.19 5.99
CA ALA B 39 -10.88 -9.77 6.98
C ALA B 39 -11.11 -11.29 6.79
N ALA B 40 -11.07 -11.78 5.55
CA ALA B 40 -11.07 -13.21 5.23
C ALA B 40 -9.84 -13.94 5.81
N TYR B 41 -8.74 -13.21 6.01
CA TYR B 41 -7.56 -13.71 6.70
C TYR B 41 -7.68 -13.56 8.23
N GLU B 42 -8.18 -12.42 8.71
CA GLU B 42 -8.37 -12.18 10.15
C GLU B 42 -9.25 -13.24 10.85
N LEU B 43 -10.35 -13.70 10.21
CA LEU B 43 -11.15 -14.82 10.72
C LEU B 43 -10.35 -16.14 10.78
N SER B 44 -9.44 -16.32 9.82
CA SER B 44 -8.59 -17.50 9.71
C SER B 44 -7.55 -17.58 10.86
N LYS B 45 -7.20 -16.46 11.49
CA LYS B 45 -6.35 -16.43 12.71
C LYS B 45 -7.02 -17.09 13.93
N ALA B 46 -8.35 -17.19 13.92
CA ALA B 46 -9.18 -17.82 14.94
C ALA B 46 -9.80 -19.17 14.46
N SER B 47 -9.04 -19.96 13.70
CA SER B 47 -9.49 -21.25 13.15
C SER B 47 -9.37 -22.43 14.13
N GLU B 48 -10.10 -23.50 13.87
CA GLU B 48 -10.13 -24.75 14.67
C GLU B 48 -10.23 -26.01 13.82
N GLY A 1 11.87 0.73 -6.00
CA GLY A 1 12.70 1.63 -6.83
C GLY A 1 11.84 2.45 -7.75
N SER A 2 12.24 3.70 -8.02
CA SER A 2 11.40 4.63 -8.81
C SER A 2 11.09 4.15 -10.23
N HIS A 3 9.78 4.12 -10.53
CA HIS A 3 9.14 3.85 -11.83
C HIS A 3 9.68 2.62 -12.57
N MET A 4 9.85 1.52 -11.84
CA MET A 4 10.45 0.27 -12.31
C MET A 4 9.74 -0.95 -11.69
N SER A 5 9.41 -1.92 -12.55
CA SER A 5 8.73 -3.17 -12.18
C SER A 5 9.25 -4.36 -12.99
N ASN A 6 9.20 -5.54 -12.38
CA ASN A 6 9.64 -6.80 -12.99
C ASN A 6 8.50 -7.59 -13.68
N PHE A 7 7.23 -7.22 -13.46
CA PHE A 7 6.06 -7.97 -13.94
C PHE A 7 4.92 -7.10 -14.49
N GLN A 8 4.20 -7.59 -15.50
CA GLN A 8 3.17 -6.79 -16.17
C GLN A 8 1.93 -6.44 -15.32
N HIS A 9 1.63 -7.24 -14.30
CA HIS A 9 0.55 -7.02 -13.32
C HIS A 9 1.05 -6.56 -11.94
N ILE A 10 2.25 -5.95 -11.90
CA ILE A 10 2.96 -5.49 -10.70
C ILE A 10 3.64 -4.16 -11.01
N GLY A 11 3.83 -3.32 -10.00
CA GLY A 11 4.51 -2.02 -10.10
C GLY A 11 5.78 -1.97 -9.25
N HIS A 12 6.20 -0.76 -8.90
CA HIS A 12 7.24 -0.51 -7.91
C HIS A 12 6.69 -0.79 -6.49
N VAL A 13 7.20 -1.81 -5.80
CA VAL A 13 6.71 -2.24 -4.47
C VAL A 13 7.75 -3.03 -3.68
N GLY A 14 8.16 -2.48 -2.53
CA GLY A 14 9.19 -3.05 -1.66
C GLY A 14 8.80 -4.29 -0.84
N TRP A 15 7.77 -5.03 -1.24
CA TRP A 15 7.31 -6.23 -0.54
C TRP A 15 8.16 -7.49 -0.81
N ASP A 16 8.30 -8.36 0.19
CA ASP A 16 8.93 -9.69 0.12
C ASP A 16 8.18 -10.74 0.95
N PRO A 17 8.10 -12.00 0.48
CA PRO A 17 7.37 -13.09 1.13
C PRO A 17 7.95 -13.54 2.48
N ASN A 18 9.13 -13.05 2.85
CA ASN A 18 9.87 -13.45 4.05
C ASN A 18 9.67 -12.53 5.26
N THR A 19 9.48 -11.23 5.02
CA THR A 19 9.41 -10.17 6.05
C THR A 19 8.35 -9.10 5.77
N GLY A 20 7.72 -9.19 4.60
CA GLY A 20 6.62 -8.33 4.19
C GLY A 20 7.07 -7.06 3.48
N PHE A 21 6.33 -5.98 3.66
CA PHE A 21 6.63 -4.67 3.07
C PHE A 21 7.87 -4.05 3.74
N ASP A 22 8.98 -3.91 3.01
CA ASP A 22 10.20 -3.25 3.52
C ASP A 22 9.98 -1.74 3.66
N LEU A 23 9.62 -1.31 4.87
CA LEU A 23 9.24 0.08 5.17
C LEU A 23 10.35 1.10 4.84
N ASN A 24 11.59 0.63 4.75
CA ASN A 24 12.77 1.41 4.34
C ASN A 24 12.76 1.84 2.85
N ASN A 25 11.93 1.22 2.00
CA ASN A 25 11.69 1.68 0.63
C ASN A 25 10.21 1.55 0.21
N LEU A 26 9.30 1.29 1.16
CA LEU A 26 7.86 1.21 0.90
C LEU A 26 7.35 2.54 0.32
N ASP A 27 6.67 2.45 -0.81
CA ASP A 27 6.13 3.62 -1.51
C ASP A 27 4.98 4.32 -0.75
N PRO A 28 4.81 5.63 -0.98
CA PRO A 28 3.87 6.45 -0.22
C PRO A 28 2.41 6.19 -0.59
N GLU A 29 2.08 5.89 -1.86
CA GLU A 29 0.74 5.44 -2.26
C GLU A 29 0.34 4.13 -1.57
N LEU A 30 1.30 3.24 -1.35
CA LEU A 30 1.08 1.98 -0.63
C LEU A 30 0.74 2.29 0.83
N LYS A 31 1.59 3.07 1.51
CA LYS A 31 1.34 3.56 2.87
C LYS A 31 -0.01 4.26 2.99
N ASN A 32 -0.41 5.01 1.96
CA ASN A 32 -1.69 5.70 1.92
C ASN A 32 -2.86 4.73 1.96
N LEU A 33 -2.89 3.79 1.01
CA LEU A 33 -3.94 2.79 0.89
C LEU A 33 -4.04 1.95 2.16
N PHE A 34 -2.89 1.56 2.71
CA PHE A 34 -2.85 0.76 3.92
C PHE A 34 -3.32 1.52 5.18
N ASP A 35 -3.04 2.82 5.28
CA ASP A 35 -3.46 3.65 6.42
C ASP A 35 -4.99 3.84 6.48
N MET A 36 -5.66 4.05 5.34
CA MET A 36 -7.13 4.05 5.25
C MET A 36 -7.74 2.65 5.50
N CYS A 37 -6.95 1.60 5.26
CA CYS A 37 -7.31 0.23 5.67
C CYS A 37 -7.01 -0.09 7.15
N GLY A 38 -6.28 0.79 7.83
CA GLY A 38 -5.98 0.76 9.26
C GLY A 38 -4.77 -0.08 9.63
N ILE A 39 -3.98 -0.48 8.64
CA ILE A 39 -2.85 -1.40 8.76
C ILE A 39 -1.65 -0.69 9.41
N SER A 40 -1.09 -1.30 10.45
CA SER A 40 0.11 -0.85 11.17
C SER A 40 1.40 -1.48 10.63
N GLU A 41 2.54 -0.93 11.04
CA GLU A 41 3.87 -1.50 10.76
C GLU A 41 3.95 -2.96 11.20
N ALA A 42 3.32 -3.33 12.34
CA ALA A 42 3.25 -4.70 12.82
C ALA A 42 2.60 -5.68 11.83
N GLN A 43 1.55 -5.24 11.14
CA GLN A 43 0.81 -6.02 10.14
C GLN A 43 1.56 -6.03 8.79
N LEU A 44 2.19 -4.90 8.44
CA LEU A 44 3.00 -4.74 7.22
C LEU A 44 4.32 -5.54 7.27
N LYS A 45 4.88 -5.72 8.47
CA LYS A 45 6.06 -6.55 8.77
C LYS A 45 5.70 -7.97 9.16
N ASP A 46 4.41 -8.30 9.23
CA ASP A 46 3.96 -9.68 9.37
C ASP A 46 4.02 -10.27 7.96
N ARG A 47 4.98 -11.15 7.65
CA ARG A 47 5.11 -11.76 6.31
C ARG A 47 3.85 -12.51 5.87
N GLU A 48 3.07 -12.99 6.84
CA GLU A 48 1.78 -13.67 6.65
C GLU A 48 0.61 -12.71 6.34
N THR A 49 0.54 -11.56 7.02
CA THR A 49 -0.55 -10.58 6.89
C THR A 49 -0.28 -9.68 5.68
N SER A 50 0.96 -9.19 5.56
CA SER A 50 1.46 -8.48 4.39
C SER A 50 1.26 -9.24 3.07
N LYS A 51 1.37 -10.59 3.05
CA LYS A 51 1.07 -11.39 1.85
C LYS A 51 -0.40 -11.23 1.45
N VAL A 52 -1.34 -11.32 2.40
CA VAL A 52 -2.77 -11.16 2.12
C VAL A 52 -3.04 -9.77 1.56
N ILE A 53 -2.42 -8.75 2.15
CA ILE A 53 -2.51 -7.36 1.69
C ILE A 53 -1.97 -7.23 0.25
N TYR A 54 -0.78 -7.76 0.00
CA TYR A 54 -0.09 -7.69 -1.30
C TYR A 54 -0.78 -8.48 -2.42
N ASP A 55 -1.33 -9.66 -2.15
CA ASP A 55 -2.03 -10.45 -3.18
C ASP A 55 -3.21 -9.68 -3.79
N PHE A 56 -3.89 -8.87 -2.98
CA PHE A 56 -4.96 -7.99 -3.46
C PHE A 56 -4.45 -6.93 -4.46
N ILE A 57 -3.22 -6.45 -4.26
CA ILE A 57 -2.57 -5.42 -5.07
C ILE A 57 -2.16 -5.99 -6.43
N GLU A 58 -1.33 -7.04 -6.45
CA GLU A 58 -0.91 -7.70 -7.71
C GLU A 58 -2.11 -8.33 -8.47
N LYS A 59 -3.25 -8.60 -7.78
CA LYS A 59 -4.52 -9.02 -8.37
C LYS A 59 -5.18 -7.98 -9.26
N THR A 60 -5.34 -6.74 -8.78
CA THR A 60 -5.91 -5.66 -9.60
C THR A 60 -4.99 -5.26 -10.76
N GLY A 61 -3.67 -5.44 -10.56
CA GLY A 61 -2.65 -5.00 -11.51
C GLY A 61 -1.39 -4.41 -10.91
N GLY A 62 -1.28 -4.37 -9.58
CA GLY A 62 -0.14 -3.85 -8.85
C GLY A 62 -0.35 -2.43 -8.32
N VAL A 63 0.75 -1.76 -7.98
CA VAL A 63 0.74 -0.42 -7.35
C VAL A 63 0.07 0.64 -8.25
N GLU A 64 0.19 0.51 -9.56
CA GLU A 64 -0.43 1.46 -10.51
C GLU A 64 -1.95 1.25 -10.57
N ALA A 65 -2.39 0.00 -10.56
CA ALA A 65 -3.79 -0.38 -10.68
C ALA A 65 -4.62 0.02 -9.47
N VAL A 66 -4.07 -0.16 -8.27
CA VAL A 66 -4.69 0.38 -7.05
C VAL A 66 -4.76 1.91 -7.10
N LYS A 67 -3.72 2.61 -7.57
CA LYS A 67 -3.64 4.09 -7.62
C LYS A 67 -4.73 4.68 -8.52
N ASN A 68 -4.93 4.09 -9.69
CA ASN A 68 -5.97 4.50 -10.64
C ASN A 68 -7.37 4.53 -9.97
N GLU A 69 -7.68 3.51 -9.17
CA GLU A 69 -8.93 3.45 -8.39
C GLU A 69 -8.88 4.32 -7.12
N LEU A 70 -7.70 4.47 -6.50
CA LEU A 70 -7.46 5.30 -5.30
C LEU A 70 -7.84 6.75 -5.61
N ARG A 71 -7.61 7.21 -6.86
CA ARG A 71 -7.93 8.57 -7.30
C ARG A 71 -9.42 8.91 -7.27
N ARG A 72 -10.33 7.95 -7.07
CA ARG A 72 -11.78 8.21 -6.86
C ARG A 72 -12.15 8.77 -5.48
N GLN A 73 -11.17 8.80 -4.56
CA GLN A 73 -11.33 9.38 -3.21
C GLN A 73 -11.67 10.89 -3.21
N GLY B 1 20.48 -11.43 17.58
CA GLY B 1 19.92 -10.35 16.75
C GLY B 1 19.54 -9.17 17.60
N THR B 2 19.89 -7.95 17.18
CA THR B 2 19.56 -6.67 17.85
C THR B 2 19.30 -5.58 16.80
N VAL B 3 18.75 -4.44 17.21
CA VAL B 3 18.30 -3.35 16.32
C VAL B 3 18.97 -2.01 16.66
N ASN B 4 19.40 -1.25 15.64
CA ASN B 4 20.03 0.06 15.79
C ASN B 4 19.72 1.03 14.63
N PHE B 5 19.36 2.27 14.98
CA PHE B 5 18.98 3.36 14.06
C PHE B 5 17.83 3.02 13.09
N LYS B 6 16.92 2.11 13.48
CA LYS B 6 15.76 1.69 12.70
C LYS B 6 14.50 2.49 13.12
N PRO B 7 14.01 3.46 12.31
CA PRO B 7 12.88 4.33 12.69
C PRO B 7 11.53 3.60 12.70
N SER B 8 10.50 4.24 13.26
CA SER B 8 9.15 3.68 13.42
C SER B 8 8.08 4.78 13.55
N ARG B 9 6.83 4.47 13.17
CA ARG B 9 5.67 5.39 13.26
C ARG B 9 4.38 4.65 13.69
N PRO B 10 4.24 4.31 14.99
CA PRO B 10 2.98 3.83 15.55
C PRO B 10 1.98 4.99 15.60
N ALA B 11 0.74 4.78 15.14
CA ALA B 11 -0.27 5.83 15.00
C ALA B 11 -1.48 5.71 15.96
N PRO B 12 -2.15 6.84 16.30
CA PRO B 12 -3.28 6.87 17.25
C PRO B 12 -4.47 5.96 16.91
N PRO B 13 -5.21 5.47 17.92
CA PRO B 13 -6.48 4.76 17.71
C PRO B 13 -7.54 5.76 17.21
N PRO B 14 -8.28 5.44 16.13
CA PRO B 14 -9.37 6.29 15.65
C PRO B 14 -10.66 6.08 16.48
N PRO B 15 -11.61 7.04 16.42
CA PRO B 15 -12.95 6.88 16.99
C PRO B 15 -13.75 5.72 16.41
N THR B 16 -14.82 5.33 17.10
CA THR B 16 -15.76 4.28 16.65
C THR B 16 -16.66 4.76 15.50
N SER B 17 -17.30 5.92 15.66
CA SER B 17 -18.14 6.59 14.64
C SER B 17 -17.92 8.10 14.69
N GLY B 18 -18.29 8.83 13.63
CA GLY B 18 -18.05 10.28 13.45
C GLY B 18 -18.82 11.24 14.37
N GLN B 19 -19.13 10.86 15.61
CA GLN B 19 -19.87 11.67 16.59
C GLN B 19 -19.06 12.91 17.04
N ALA B 20 -19.76 14.03 17.30
CA ALA B 20 -19.21 15.31 17.75
C ALA B 20 -18.01 15.82 16.91
N SER B 21 -17.97 15.50 15.61
CA SER B 21 -16.85 15.77 14.71
C SER B 21 -17.24 15.85 13.23
N GLY B 22 -16.98 17.00 12.58
CA GLY B 22 -17.19 17.22 11.15
C GLY B 22 -16.07 16.61 10.30
N ALA B 23 -16.11 15.29 10.15
CA ALA B 23 -15.10 14.47 9.49
C ALA B 23 -14.88 14.77 7.98
N SER B 24 -13.74 14.28 7.46
CA SER B 24 -13.34 14.34 6.04
C SER B 24 -14.20 13.48 5.11
N ARG B 25 -13.99 13.59 3.79
CA ARG B 25 -14.54 12.64 2.81
C ARG B 25 -13.93 11.25 3.04
N PRO B 26 -14.71 10.17 2.85
CA PRO B 26 -14.30 8.80 3.18
C PRO B 26 -13.22 8.24 2.24
N LEU B 27 -12.70 7.07 2.61
CA LEU B 27 -11.77 6.27 1.81
C LEU B 27 -12.39 5.81 0.46
N PRO B 28 -11.58 5.53 -0.57
CA PRO B 28 -12.04 4.96 -1.84
C PRO B 28 -12.45 3.48 -1.70
N PRO B 29 -13.32 2.97 -2.58
CA PRO B 29 -13.77 1.58 -2.51
C PRO B 29 -12.66 0.55 -2.83
N ILE B 30 -11.60 0.89 -3.58
CA ILE B 30 -10.42 0.00 -3.70
C ILE B 30 -9.81 -0.28 -2.32
N ALA B 31 -9.78 0.71 -1.43
CA ALA B 31 -9.34 0.52 -0.06
C ALA B 31 -10.33 -0.31 0.76
N GLN B 32 -11.62 -0.02 0.59
CA GLN B 32 -12.69 -0.79 1.25
C GLN B 32 -12.64 -2.29 0.88
N ALA B 33 -12.35 -2.60 -0.38
CA ALA B 33 -12.17 -3.96 -0.87
C ALA B 33 -10.92 -4.64 -0.31
N LEU B 34 -9.84 -3.89 -0.05
CA LEU B 34 -8.66 -4.39 0.68
C LEU B 34 -9.08 -4.79 2.10
N LYS B 35 -9.84 -3.95 2.79
CA LYS B 35 -10.33 -4.20 4.17
C LYS B 35 -11.19 -5.47 4.24
N ASP B 36 -12.12 -5.66 3.30
CA ASP B 36 -12.93 -6.89 3.20
C ASP B 36 -12.07 -8.13 2.94
N HIS B 37 -11.03 -8.00 2.11
CA HIS B 37 -10.11 -9.08 1.75
C HIS B 37 -9.20 -9.50 2.92
N LEU B 38 -8.69 -8.52 3.66
CA LEU B 38 -7.86 -8.74 4.84
C LEU B 38 -8.70 -9.24 6.04
N ALA B 39 -9.96 -8.81 6.15
CA ALA B 39 -10.86 -9.27 7.21
C ALA B 39 -11.19 -10.77 7.10
N ALA B 40 -11.31 -11.29 5.86
CA ALA B 40 -11.47 -12.71 5.57
C ALA B 40 -10.31 -13.57 6.08
N TYR B 41 -9.12 -12.98 6.16
CA TYR B 41 -7.92 -13.61 6.72
C TYR B 41 -7.94 -13.57 8.24
N GLU B 42 -8.18 -12.41 8.85
CA GLU B 42 -8.16 -12.25 10.31
C GLU B 42 -9.17 -13.15 11.04
N LEU B 43 -10.37 -13.33 10.47
CA LEU B 43 -11.36 -14.28 10.98
C LEU B 43 -10.85 -15.74 10.86
N SER B 44 -10.09 -16.03 9.81
CA SER B 44 -9.53 -17.36 9.58
C SER B 44 -8.51 -17.74 10.66
N LYS B 45 -7.79 -16.77 11.24
CA LYS B 45 -6.84 -16.97 12.36
C LYS B 45 -7.48 -17.46 13.65
N ALA B 46 -8.78 -17.17 13.83
CA ALA B 46 -9.60 -17.60 14.97
C ALA B 46 -10.67 -18.65 14.59
N SER B 47 -10.54 -19.25 13.41
CA SER B 47 -11.42 -20.32 12.91
C SER B 47 -10.77 -21.70 13.10
N GLU B 48 -11.28 -22.73 12.40
CA GLU B 48 -10.81 -24.13 12.49
C GLU B 48 -10.46 -24.70 11.12
N GLY A 1 5.91 8.87 -15.66
CA GLY A 1 6.37 7.58 -15.13
C GLY A 1 5.86 6.40 -15.96
N SER A 2 6.53 5.26 -15.83
CA SER A 2 6.26 4.00 -16.55
C SER A 2 6.30 4.13 -18.09
N HIS A 3 7.32 4.85 -18.60
CA HIS A 3 7.67 4.90 -20.02
C HIS A 3 7.92 3.50 -20.58
N MET A 4 8.60 2.65 -19.80
CA MET A 4 8.76 1.22 -20.08
C MET A 4 8.84 0.43 -18.76
N SER A 5 8.19 -0.74 -18.70
CA SER A 5 8.21 -1.63 -17.53
C SER A 5 8.17 -3.10 -17.91
N ASN A 6 8.57 -3.96 -16.97
CA ASN A 6 8.74 -5.41 -17.16
C ASN A 6 7.58 -6.28 -16.61
N PHE A 7 6.80 -5.80 -15.62
CA PHE A 7 5.69 -6.55 -15.01
C PHE A 7 4.32 -6.10 -15.52
N GLN A 8 3.43 -7.05 -15.82
CA GLN A 8 2.10 -6.76 -16.35
C GLN A 8 1.00 -6.60 -15.28
N HIS A 9 1.11 -7.33 -14.17
CA HIS A 9 0.16 -7.35 -13.05
C HIS A 9 0.77 -6.77 -11.75
N ILE A 10 1.90 -6.06 -11.86
CA ILE A 10 2.70 -5.53 -10.75
C ILE A 10 3.30 -4.17 -11.11
N GLY A 11 3.40 -3.28 -10.12
CA GLY A 11 4.06 -1.98 -10.17
C GLY A 11 5.26 -1.91 -9.22
N HIS A 12 5.79 -0.72 -8.95
CA HIS A 12 6.86 -0.51 -7.96
C HIS A 12 6.38 -0.84 -6.53
N VAL A 13 6.93 -1.89 -5.93
CA VAL A 13 6.55 -2.40 -4.59
C VAL A 13 7.69 -3.09 -3.85
N GLY A 14 7.97 -2.61 -2.64
CA GLY A 14 9.06 -3.08 -1.76
C GLY A 14 8.79 -4.37 -0.98
N TRP A 15 7.79 -5.16 -1.38
CA TRP A 15 7.33 -6.35 -0.66
C TRP A 15 8.15 -7.64 -0.94
N ASP A 16 8.41 -8.45 0.09
CA ASP A 16 9.05 -9.78 0.05
C ASP A 16 8.36 -10.82 0.95
N PRO A 17 8.25 -12.10 0.51
CA PRO A 17 7.54 -13.20 1.19
C PRO A 17 8.19 -13.68 2.50
N ASN A 18 9.35 -13.12 2.85
CA ASN A 18 10.11 -13.47 4.06
C ASN A 18 9.87 -12.56 5.26
N THR A 19 9.63 -11.27 5.02
CA THR A 19 9.49 -10.24 6.07
C THR A 19 8.41 -9.19 5.79
N GLY A 20 7.83 -9.23 4.59
CA GLY A 20 6.72 -8.40 4.17
C GLY A 20 7.15 -7.14 3.42
N PHE A 21 6.43 -6.04 3.64
CA PHE A 21 6.77 -4.74 3.06
C PHE A 21 8.02 -4.16 3.74
N ASP A 22 9.07 -3.89 2.96
CA ASP A 22 10.28 -3.21 3.43
C ASP A 22 10.04 -1.70 3.58
N LEU A 23 9.74 -1.24 4.79
CA LEU A 23 9.37 0.15 5.08
C LEU A 23 10.52 1.15 4.80
N ASN A 24 11.76 0.68 4.76
CA ASN A 24 12.95 1.44 4.32
C ASN A 24 12.97 1.79 2.82
N ASN A 25 12.12 1.18 1.99
CA ASN A 25 11.90 1.58 0.61
C ASN A 25 10.43 1.55 0.15
N LEU A 26 9.47 1.36 1.07
CA LEU A 26 8.03 1.32 0.78
C LEU A 26 7.52 2.66 0.22
N ASP A 27 6.77 2.60 -0.88
CA ASP A 27 6.15 3.74 -1.54
C ASP A 27 4.96 4.37 -0.78
N PRO A 28 4.70 5.67 -1.00
CA PRO A 28 3.71 6.42 -0.24
C PRO A 28 2.27 6.12 -0.64
N GLU A 29 1.97 5.91 -1.93
CA GLU A 29 0.65 5.43 -2.37
C GLU A 29 0.28 4.10 -1.70
N LEU A 30 1.27 3.25 -1.44
CA LEU A 30 1.07 2.02 -0.68
C LEU A 30 0.71 2.31 0.77
N LYS A 31 1.54 3.10 1.46
CA LYS A 31 1.27 3.53 2.85
C LYS A 31 -0.11 4.18 2.99
N ASN A 32 -0.51 4.97 1.99
CA ASN A 32 -1.80 5.64 1.96
C ASN A 32 -2.95 4.64 2.02
N LEU A 33 -2.96 3.69 1.06
CA LEU A 33 -4.01 2.68 0.92
C LEU A 33 -4.11 1.80 2.17
N PHE A 34 -2.95 1.50 2.74
CA PHE A 34 -2.86 0.69 3.95
C PHE A 34 -3.40 1.42 5.19
N ASP A 35 -3.15 2.73 5.34
CA ASP A 35 -3.60 3.48 6.51
C ASP A 35 -5.13 3.63 6.60
N MET A 36 -5.78 3.84 5.45
CA MET A 36 -7.25 3.83 5.31
C MET A 36 -7.84 2.44 5.58
N CYS A 37 -7.13 1.35 5.23
CA CYS A 37 -7.50 -0.01 5.68
C CYS A 37 -7.23 -0.25 7.18
N GLY A 38 -6.42 0.60 7.82
CA GLY A 38 -6.10 0.55 9.24
C GLY A 38 -4.90 -0.34 9.57
N ILE A 39 -4.10 -0.69 8.57
CA ILE A 39 -2.93 -1.58 8.69
C ILE A 39 -1.79 -0.83 9.41
N SER A 40 -1.19 -1.48 10.41
CA SER A 40 -0.03 -0.96 11.14
C SER A 40 1.30 -1.50 10.61
N GLU A 41 2.42 -0.90 11.05
CA GLU A 41 3.77 -1.40 10.72
C GLU A 41 3.93 -2.87 11.11
N ALA A 42 3.40 -3.30 12.26
CA ALA A 42 3.44 -4.69 12.70
C ALA A 42 2.79 -5.66 11.70
N GLN A 43 1.68 -5.25 11.07
CA GLN A 43 0.96 -6.07 10.08
C GLN A 43 1.63 -6.01 8.70
N LEU A 44 2.26 -4.87 8.38
CA LEU A 44 3.11 -4.72 7.19
C LEU A 44 4.41 -5.52 7.25
N LYS A 45 4.94 -5.74 8.47
CA LYS A 45 6.12 -6.55 8.77
C LYS A 45 5.77 -7.98 9.17
N ASP A 46 4.49 -8.35 9.17
CA ASP A 46 4.04 -9.72 9.31
C ASP A 46 4.20 -10.35 7.92
N ARG A 47 5.14 -11.28 7.75
CA ARG A 47 5.42 -11.91 6.44
C ARG A 47 4.23 -12.66 5.84
N GLU A 48 3.25 -12.99 6.69
CA GLU A 48 1.99 -13.65 6.35
C GLU A 48 0.80 -12.69 6.17
N THR A 49 0.71 -11.59 6.93
CA THR A 49 -0.41 -10.63 6.84
C THR A 49 -0.14 -9.70 5.67
N SER A 50 1.10 -9.20 5.54
CA SER A 50 1.56 -8.47 4.35
C SER A 50 1.33 -9.24 3.04
N LYS A 51 1.48 -10.57 3.05
CA LYS A 51 1.20 -11.45 1.90
C LYS A 51 -0.25 -11.35 1.46
N VAL A 52 -1.19 -11.36 2.41
CA VAL A 52 -2.62 -11.19 2.13
C VAL A 52 -2.90 -9.79 1.60
N ILE A 53 -2.31 -8.76 2.21
CA ILE A 53 -2.46 -7.36 1.79
C ILE A 53 -2.00 -7.20 0.34
N TYR A 54 -0.82 -7.75 0.03
CA TYR A 54 -0.20 -7.73 -1.30
C TYR A 54 -0.97 -8.54 -2.35
N ASP A 55 -1.53 -9.69 -1.99
CA ASP A 55 -2.35 -10.55 -2.87
C ASP A 55 -3.52 -9.77 -3.51
N PHE A 56 -4.09 -8.82 -2.77
CA PHE A 56 -5.11 -7.93 -3.30
C PHE A 56 -4.57 -6.93 -4.34
N ILE A 57 -3.35 -6.42 -4.12
CA ILE A 57 -2.72 -5.39 -4.95
C ILE A 57 -2.36 -5.96 -6.32
N GLU A 58 -1.61 -7.06 -6.37
CA GLU A 58 -1.25 -7.72 -7.63
C GLU A 58 -2.50 -8.24 -8.38
N LYS A 59 -3.61 -8.53 -7.68
CA LYS A 59 -4.90 -8.93 -8.30
C LYS A 59 -5.55 -7.85 -9.13
N THR A 60 -5.63 -6.61 -8.63
CA THR A 60 -6.18 -5.49 -9.42
C THR A 60 -5.26 -5.14 -10.58
N GLY A 61 -3.96 -5.42 -10.45
CA GLY A 61 -2.96 -5.03 -11.43
C GLY A 61 -1.63 -4.54 -10.88
N GLY A 62 -1.52 -4.40 -9.56
CA GLY A 62 -0.34 -3.89 -8.86
C GLY A 62 -0.51 -2.46 -8.31
N VAL A 63 0.61 -1.81 -7.96
CA VAL A 63 0.61 -0.45 -7.36
C VAL A 63 -0.03 0.59 -8.28
N GLU A 64 0.15 0.46 -9.59
CA GLU A 64 -0.43 1.41 -10.56
C GLU A 64 -1.95 1.26 -10.63
N ALA A 65 -2.42 0.01 -10.57
CA ALA A 65 -3.84 -0.31 -10.63
C ALA A 65 -4.63 0.17 -9.42
N VAL A 66 -4.09 -0.04 -8.20
CA VAL A 66 -4.68 0.54 -6.99
C VAL A 66 -4.67 2.08 -7.03
N LYS A 67 -3.61 2.71 -7.55
CA LYS A 67 -3.45 4.17 -7.68
C LYS A 67 -4.51 4.79 -8.60
N ASN A 68 -4.85 4.09 -9.68
CA ASN A 68 -5.91 4.50 -10.61
C ASN A 68 -7.28 4.62 -9.93
N GLU A 69 -7.56 3.77 -8.96
CA GLU A 69 -8.84 3.77 -8.23
C GLU A 69 -8.80 4.71 -7.03
N LEU A 70 -7.62 4.86 -6.42
CA LEU A 70 -7.33 5.85 -5.37
C LEU A 70 -7.62 7.29 -5.83
N ARG A 71 -7.53 7.57 -7.14
CA ARG A 71 -7.85 8.89 -7.70
C ARG A 71 -9.35 9.24 -7.66
N ARG A 72 -10.23 8.25 -7.49
CA ARG A 72 -11.70 8.40 -7.48
C ARG A 72 -12.26 8.90 -6.14
N GLN A 73 -11.49 8.75 -5.06
CA GLN A 73 -11.74 9.28 -3.70
C GLN A 73 -13.19 9.12 -3.19
N GLY B 1 59.58 21.96 13.74
CA GLY B 1 58.62 22.29 12.69
C GLY B 1 57.23 21.78 13.04
N THR B 2 56.33 22.67 13.46
CA THR B 2 54.93 22.38 13.82
C THR B 2 53.98 23.42 13.22
N VAL B 3 52.95 22.97 12.51
CA VAL B 3 51.84 23.78 11.99
C VAL B 3 50.50 23.21 12.47
N ASN B 4 49.60 24.08 12.93
CA ASN B 4 48.31 23.74 13.54
C ASN B 4 47.22 23.29 12.53
N PHE B 5 47.53 22.35 11.64
CA PHE B 5 46.63 21.85 10.59
C PHE B 5 45.29 21.30 11.10
N LYS B 6 44.26 21.36 10.25
CA LYS B 6 42.90 20.83 10.49
C LYS B 6 42.39 20.05 9.25
N PRO B 7 41.64 18.94 9.42
CA PRO B 7 40.99 18.25 8.31
C PRO B 7 39.88 19.10 7.68
N SER B 8 39.47 18.77 6.46
CA SER B 8 38.50 19.57 5.69
C SER B 8 37.09 19.60 6.29
N ARG B 9 36.38 20.72 6.10
CA ARG B 9 35.00 20.96 6.62
C ARG B 9 33.99 19.89 6.15
N PRO B 10 33.03 19.50 7.01
CA PRO B 10 32.07 18.44 6.74
C PRO B 10 30.99 18.83 5.72
N ALA B 11 30.39 17.82 5.10
CA ALA B 11 29.26 17.96 4.18
C ALA B 11 28.07 17.08 4.63
N PRO B 12 27.11 17.63 5.39
CA PRO B 12 25.91 16.92 5.82
C PRO B 12 25.06 16.43 4.63
N PRO B 13 24.37 15.28 4.76
CA PRO B 13 23.38 14.82 3.79
C PRO B 13 22.12 15.72 3.82
N PRO B 14 21.24 15.68 2.81
CA PRO B 14 20.03 16.51 2.75
C PRO B 14 19.03 16.19 3.89
N PRO B 15 18.30 17.17 4.44
CA PRO B 15 17.36 16.93 5.54
C PRO B 15 16.17 16.03 5.23
N THR B 16 15.60 15.47 6.30
CA THR B 16 14.34 14.72 6.38
C THR B 16 13.70 15.06 7.73
N SER B 17 13.54 16.37 7.97
CA SER B 17 13.10 16.97 9.23
C SER B 17 11.63 16.73 9.58
N GLY B 18 11.35 16.60 10.88
CA GLY B 18 10.02 16.61 11.47
C GLY B 18 9.05 15.46 11.17
N GLN B 19 8.00 15.40 12.01
CA GLN B 19 6.84 14.51 11.88
C GLN B 19 5.87 14.98 10.79
N ALA B 20 5.19 14.03 10.14
CA ALA B 20 4.32 14.28 8.99
C ALA B 20 2.97 14.96 9.31
N SER B 21 2.26 15.39 8.26
CA SER B 21 0.95 16.06 8.33
C SER B 21 -0.21 15.14 8.69
N GLY B 22 -0.18 13.89 8.20
CA GLY B 22 -1.27 12.92 8.34
C GLY B 22 -2.50 13.27 7.49
N ALA B 23 -3.54 12.44 7.57
CA ALA B 23 -4.87 12.67 6.98
C ALA B 23 -5.93 11.68 7.49
N SER B 24 -7.21 12.01 7.32
CA SER B 24 -8.39 11.24 7.75
C SER B 24 -9.59 11.30 6.77
N ARG B 25 -9.33 11.63 5.50
CA ARG B 25 -10.36 11.77 4.44
C ARG B 25 -11.12 10.43 4.23
N PRO B 26 -12.41 10.48 3.84
CA PRO B 26 -13.22 9.30 3.52
C PRO B 26 -12.56 8.43 2.45
N LEU B 27 -12.46 7.13 2.71
CA LEU B 27 -11.71 6.20 1.86
C LEU B 27 -12.34 5.87 0.47
N PRO B 28 -11.51 5.53 -0.54
CA PRO B 28 -11.93 5.00 -1.84
C PRO B 28 -12.38 3.54 -1.79
N PRO B 29 -13.17 3.05 -2.77
CA PRO B 29 -13.69 1.68 -2.77
C PRO B 29 -12.61 0.60 -2.99
N ILE B 30 -11.46 0.93 -3.61
CA ILE B 30 -10.28 0.05 -3.66
C ILE B 30 -9.76 -0.25 -2.26
N ALA B 31 -9.78 0.75 -1.37
CA ALA B 31 -9.38 0.55 0.02
C ALA B 31 -10.41 -0.28 0.79
N GLN B 32 -11.69 -0.04 0.55
CA GLN B 32 -12.78 -0.84 1.14
C GLN B 32 -12.67 -2.31 0.73
N ALA B 33 -12.34 -2.57 -0.53
CA ALA B 33 -12.11 -3.91 -1.06
C ALA B 33 -10.87 -4.58 -0.45
N LEU B 34 -9.79 -3.82 -0.19
CA LEU B 34 -8.62 -4.33 0.54
C LEU B 34 -8.99 -4.73 1.99
N LYS B 35 -9.78 -3.91 2.70
CA LYS B 35 -10.26 -4.24 4.06
C LYS B 35 -11.05 -5.55 4.07
N ASP B 36 -11.97 -5.73 3.11
CA ASP B 36 -12.78 -6.96 2.99
C ASP B 36 -11.97 -8.21 2.59
N HIS B 37 -10.90 -8.02 1.80
CA HIS B 37 -9.97 -9.09 1.43
C HIS B 37 -9.10 -9.55 2.61
N LEU B 38 -8.67 -8.61 3.46
CA LEU B 38 -7.95 -8.89 4.70
C LEU B 38 -8.89 -9.49 5.77
N ALA B 39 -10.15 -9.06 5.81
CA ALA B 39 -11.16 -9.64 6.68
C ALA B 39 -11.48 -11.10 6.34
N ALA B 40 -11.40 -11.49 5.07
CA ALA B 40 -11.49 -12.89 4.62
C ALA B 40 -10.37 -13.76 5.20
N TYR B 41 -9.21 -13.17 5.49
CA TYR B 41 -8.07 -13.82 6.11
C TYR B 41 -8.21 -13.91 7.62
N GLU B 42 -8.63 -12.83 8.27
CA GLU B 42 -8.85 -12.80 9.72
C GLU B 42 -9.93 -13.81 10.18
N LEU B 43 -11.00 -14.00 9.40
CA LEU B 43 -11.97 -15.08 9.62
C LEU B 43 -11.36 -16.47 9.32
N SER B 44 -10.45 -16.54 8.36
CA SER B 44 -9.74 -17.77 8.01
C SER B 44 -8.79 -18.22 9.14
N LYS B 45 -8.24 -17.27 9.90
CA LYS B 45 -7.49 -17.55 11.15
C LYS B 45 -8.42 -18.09 12.24
N ALA B 46 -9.64 -17.56 12.32
CA ALA B 46 -10.70 -18.06 13.20
C ALA B 46 -11.37 -19.38 12.75
N SER B 47 -10.86 -19.96 11.67
CA SER B 47 -11.32 -21.20 11.04
C SER B 47 -10.38 -22.40 11.24
N GLU B 48 -9.29 -22.26 12.00
CA GLU B 48 -8.31 -23.33 12.26
C GLU B 48 -8.69 -24.25 13.43
N GLY A 1 17.73 -17.59 -9.88
CA GLY A 1 17.85 -16.15 -9.57
C GLY A 1 16.69 -15.41 -10.19
N SER A 2 16.97 -14.29 -10.89
CA SER A 2 15.95 -13.56 -11.67
C SER A 2 15.41 -14.42 -12.81
N HIS A 3 14.08 -14.60 -12.85
CA HIS A 3 13.38 -15.26 -13.96
C HIS A 3 13.39 -14.45 -15.26
N MET A 4 13.72 -13.16 -15.23
CA MET A 4 13.76 -12.22 -16.36
C MET A 4 12.43 -12.10 -17.15
N SER A 5 11.31 -12.55 -16.57
CA SER A 5 9.97 -12.45 -17.16
C SER A 5 9.39 -11.04 -17.05
N ASN A 6 8.33 -10.79 -17.84
CA ASN A 6 7.54 -9.56 -17.82
C ASN A 6 6.88 -9.33 -16.43
N PHE A 7 6.77 -8.06 -16.02
CA PHE A 7 6.08 -7.63 -14.79
C PHE A 7 4.70 -7.00 -15.07
N GLN A 8 3.94 -7.62 -15.99
CA GLN A 8 2.55 -7.26 -16.19
C GLN A 8 1.74 -7.51 -14.89
N HIS A 9 0.79 -6.63 -14.60
CA HIS A 9 -0.05 -6.65 -13.39
C HIS A 9 0.72 -6.57 -12.05
N ILE A 10 1.91 -5.96 -12.04
CA ILE A 10 2.72 -5.59 -10.87
C ILE A 10 3.42 -4.23 -11.13
N GLY A 11 3.72 -3.51 -10.04
CA GLY A 11 4.36 -2.19 -10.05
C GLY A 11 5.58 -2.12 -9.12
N HIS A 12 6.07 -0.90 -8.92
CA HIS A 12 7.09 -0.60 -7.91
C HIS A 12 6.58 -0.89 -6.50
N VAL A 13 7.21 -1.87 -5.82
CA VAL A 13 6.83 -2.33 -4.48
C VAL A 13 8.01 -2.92 -3.69
N GLY A 14 8.12 -2.54 -2.40
CA GLY A 14 9.16 -2.99 -1.47
C GLY A 14 8.83 -4.29 -0.70
N TRP A 15 7.88 -5.06 -1.19
CA TRP A 15 7.39 -6.28 -0.53
C TRP A 15 8.26 -7.51 -0.85
N ASP A 16 8.45 -8.37 0.14
CA ASP A 16 9.12 -9.68 0.02
C ASP A 16 8.47 -10.74 0.94
N PRO A 17 8.35 -12.00 0.46
CA PRO A 17 7.67 -13.11 1.17
C PRO A 17 8.36 -13.54 2.47
N ASN A 18 9.57 -13.06 2.72
CA ASN A 18 10.39 -13.42 3.87
C ASN A 18 10.12 -12.54 5.11
N THR A 19 9.82 -11.25 4.90
CA THR A 19 9.68 -10.25 5.98
C THR A 19 8.53 -9.26 5.79
N GLY A 20 7.94 -9.19 4.60
CA GLY A 20 6.81 -8.35 4.26
C GLY A 20 7.18 -7.06 3.54
N PHE A 21 6.34 -6.03 3.65
CA PHE A 21 6.60 -4.70 3.09
C PHE A 21 7.76 -4.03 3.83
N ASP A 22 8.90 -3.87 3.15
CA ASP A 22 10.05 -3.17 3.71
C ASP A 22 9.82 -1.65 3.77
N LEU A 23 9.43 -1.16 4.94
CA LEU A 23 9.03 0.23 5.18
C LEU A 23 10.15 1.24 4.84
N ASN A 24 11.41 0.79 4.81
CA ASN A 24 12.54 1.62 4.38
C ASN A 24 12.49 2.01 2.89
N ASN A 25 11.90 1.18 2.03
CA ASN A 25 11.68 1.44 0.58
C ASN A 25 10.23 1.24 0.13
N LEU A 26 9.28 1.19 1.08
CA LEU A 26 7.84 1.15 0.82
C LEU A 26 7.38 2.48 0.22
N ASP A 27 6.64 2.38 -0.88
CA ASP A 27 6.11 3.51 -1.62
C ASP A 27 4.96 4.22 -0.91
N PRO A 28 4.81 5.53 -1.15
CA PRO A 28 3.87 6.36 -0.41
C PRO A 28 2.41 6.14 -0.76
N GLU A 29 2.07 5.83 -2.02
CA GLU A 29 0.71 5.40 -2.40
C GLU A 29 0.32 4.08 -1.70
N LEU A 30 1.28 3.17 -1.52
CA LEU A 30 1.06 1.92 -0.79
C LEU A 30 0.76 2.24 0.67
N LYS A 31 1.63 3.03 1.31
CA LYS A 31 1.42 3.51 2.67
C LYS A 31 0.07 4.22 2.84
N ASN A 32 -0.35 5.02 1.86
CA ASN A 32 -1.63 5.71 1.87
C ASN A 32 -2.79 4.72 1.92
N LEU A 33 -2.82 3.77 0.97
CA LEU A 33 -3.88 2.77 0.85
C LEU A 33 -4.01 1.92 2.14
N PHE A 34 -2.86 1.57 2.70
CA PHE A 34 -2.79 0.77 3.92
C PHE A 34 -3.23 1.56 5.16
N ASP A 35 -2.88 2.84 5.29
CA ASP A 35 -3.37 3.70 6.37
C ASP A 35 -4.91 3.85 6.36
N MET A 36 -5.54 4.04 5.20
CA MET A 36 -7.01 4.09 5.09
C MET A 36 -7.67 2.72 5.35
N CYS A 37 -7.00 1.61 5.03
CA CYS A 37 -7.47 0.29 5.49
C CYS A 37 -7.29 0.09 7.02
N GLY A 38 -6.37 0.82 7.64
CA GLY A 38 -6.10 0.76 9.09
C GLY A 38 -5.08 -0.34 9.46
N ILE A 39 -4.18 -0.65 8.53
CA ILE A 39 -3.08 -1.61 8.69
C ILE A 39 -1.96 -0.93 9.51
N SER A 40 -1.25 -1.66 10.36
CA SER A 40 -0.10 -1.17 11.15
C SER A 40 1.25 -1.69 10.65
N GLU A 41 2.36 -1.12 11.12
CA GLU A 41 3.72 -1.62 10.88
C GLU A 41 3.85 -3.10 11.26
N ALA A 42 3.22 -3.52 12.37
CA ALA A 42 3.22 -4.91 12.81
C ALA A 42 2.61 -5.88 11.78
N GLN A 43 1.59 -5.44 11.05
CA GLN A 43 0.88 -6.20 10.02
C GLN A 43 1.64 -6.13 8.68
N LEU A 44 2.20 -4.96 8.36
CA LEU A 44 3.04 -4.73 7.16
C LEU A 44 4.36 -5.50 7.20
N LYS A 45 4.95 -5.68 8.39
CA LYS A 45 6.13 -6.51 8.66
C LYS A 45 5.78 -7.95 8.99
N ASP A 46 4.50 -8.31 9.01
CA ASP A 46 4.12 -9.71 9.17
C ASP A 46 4.20 -10.37 7.80
N ARG A 47 5.16 -11.28 7.58
CA ARG A 47 5.35 -11.95 6.27
C ARG A 47 4.13 -12.75 5.82
N GLU A 48 3.27 -13.10 6.77
CA GLU A 48 1.97 -13.78 6.58
C GLU A 48 0.81 -12.82 6.25
N THR A 49 0.73 -11.66 6.89
CA THR A 49 -0.38 -10.69 6.76
C THR A 49 -0.12 -9.73 5.60
N SER A 50 1.12 -9.23 5.50
CA SER A 50 1.59 -8.46 4.33
C SER A 50 1.36 -9.20 3.01
N LYS A 51 1.45 -10.53 3.01
CA LYS A 51 1.15 -11.38 1.85
C LYS A 51 -0.31 -11.28 1.43
N VAL A 52 -1.24 -11.33 2.38
CA VAL A 52 -2.68 -11.16 2.12
C VAL A 52 -2.96 -9.78 1.54
N ILE A 53 -2.34 -8.75 2.12
CA ILE A 53 -2.45 -7.36 1.68
C ILE A 53 -1.91 -7.23 0.25
N TYR A 54 -0.70 -7.72 0.01
CA TYR A 54 -0.03 -7.70 -1.30
C TYR A 54 -0.80 -8.49 -2.38
N ASP A 55 -1.35 -9.66 -2.06
CA ASP A 55 -2.18 -10.47 -2.98
C ASP A 55 -3.27 -9.62 -3.62
N PHE A 56 -3.99 -8.82 -2.82
CA PHE A 56 -5.06 -7.97 -3.32
C PHE A 56 -4.56 -6.93 -4.34
N ILE A 57 -3.32 -6.48 -4.17
CA ILE A 57 -2.68 -5.46 -5.01
C ILE A 57 -2.32 -6.07 -6.36
N GLU A 58 -1.46 -7.09 -6.40
CA GLU A 58 -1.10 -7.80 -7.65
C GLU A 58 -2.34 -8.44 -8.34
N LYS A 59 -3.42 -8.73 -7.59
CA LYS A 59 -4.72 -9.18 -8.12
C LYS A 59 -5.40 -8.16 -9.03
N THR A 60 -5.57 -6.91 -8.57
CA THR A 60 -6.20 -5.85 -9.37
C THR A 60 -5.33 -5.44 -10.57
N GLY A 61 -4.02 -5.61 -10.43
CA GLY A 61 -3.05 -5.14 -11.44
C GLY A 61 -1.76 -4.57 -10.87
N GLY A 62 -1.59 -4.57 -9.55
CA GLY A 62 -0.41 -4.04 -8.85
C GLY A 62 -0.61 -2.61 -8.36
N VAL A 63 0.50 -1.92 -8.06
CA VAL A 63 0.51 -0.57 -7.47
C VAL A 63 -0.16 0.47 -8.37
N GLU A 64 -0.08 0.31 -9.69
CA GLU A 64 -0.68 1.27 -10.64
C GLU A 64 -2.22 1.11 -10.69
N ALA A 65 -2.69 -0.13 -10.56
CA ALA A 65 -4.10 -0.49 -10.62
C ALA A 65 -4.88 0.01 -9.41
N VAL A 66 -4.34 -0.18 -8.21
CA VAL A 66 -4.90 0.40 -6.98
C VAL A 66 -4.92 1.93 -7.03
N LYS A 67 -3.87 2.57 -7.55
CA LYS A 67 -3.75 4.05 -7.62
C LYS A 67 -4.81 4.67 -8.51
N ASN A 68 -5.08 4.05 -9.66
CA ASN A 68 -6.14 4.49 -10.57
C ASN A 68 -7.49 4.68 -9.86
N GLU A 69 -7.81 3.77 -8.94
CA GLU A 69 -9.06 3.77 -8.16
C GLU A 69 -8.97 4.63 -6.89
N LEU A 70 -7.77 4.77 -6.32
CA LEU A 70 -7.47 5.68 -5.21
C LEU A 70 -7.72 7.14 -5.62
N ARG A 71 -7.46 7.48 -6.89
CA ARG A 71 -7.64 8.85 -7.42
C ARG A 71 -9.08 9.35 -7.38
N ARG A 72 -10.08 8.46 -7.23
CA ARG A 72 -11.53 8.78 -7.17
C ARG A 72 -11.96 9.55 -5.91
N GLN A 73 -11.14 9.56 -4.83
CA GLN A 73 -11.42 10.31 -3.59
C GLN A 73 -10.31 11.30 -3.24
N GLY B 1 -16.39 60.26 -13.20
CA GLY B 1 -15.61 61.35 -12.60
C GLY B 1 -14.28 60.85 -12.07
N THR B 2 -13.78 61.49 -11.02
CA THR B 2 -12.54 61.13 -10.31
C THR B 2 -12.84 60.10 -9.20
N VAL B 3 -12.11 58.99 -9.15
CA VAL B 3 -12.33 57.95 -8.12
C VAL B 3 -11.52 58.25 -6.85
N ASN B 4 -12.10 58.04 -5.66
CA ASN B 4 -11.42 58.10 -4.36
C ASN B 4 -10.61 56.81 -4.06
N PHE B 5 -9.75 56.42 -5.01
CA PHE B 5 -8.95 55.20 -4.98
C PHE B 5 -7.68 55.38 -5.83
N LYS B 6 -6.61 54.63 -5.56
CA LYS B 6 -5.41 54.56 -6.43
C LYS B 6 -4.85 53.12 -6.51
N PRO B 7 -4.23 52.70 -7.64
CA PRO B 7 -3.71 51.34 -7.81
C PRO B 7 -2.65 50.91 -6.77
N SER B 8 -2.02 51.86 -6.09
CA SER B 8 -1.05 51.67 -5.01
C SER B 8 -1.65 51.58 -3.59
N ARG B 9 -2.99 51.49 -3.44
CA ARG B 9 -3.66 51.38 -2.13
C ARG B 9 -3.19 50.14 -1.34
N PRO B 10 -2.69 50.27 -0.10
CA PRO B 10 -2.21 49.14 0.69
C PRO B 10 -3.34 48.17 1.07
N ALA B 11 -3.01 46.89 1.23
CA ALA B 11 -3.97 45.84 1.56
C ALA B 11 -3.30 44.58 2.18
N PRO B 12 -3.99 43.86 3.09
CA PRO B 12 -3.54 42.56 3.60
C PRO B 12 -3.67 41.45 2.53
N PRO B 13 -2.78 40.44 2.54
CA PRO B 13 -2.84 39.31 1.61
C PRO B 13 -4.07 38.40 1.89
N PRO B 14 -4.55 37.62 0.89
CA PRO B 14 -5.57 36.60 1.09
C PRO B 14 -5.08 35.47 2.03
N PRO B 15 -5.96 34.88 2.85
CA PRO B 15 -5.58 33.87 3.83
C PRO B 15 -5.15 32.53 3.21
N THR B 16 -4.37 31.78 3.99
CA THR B 16 -3.86 30.44 3.65
C THR B 16 -4.21 29.40 4.73
N SER B 17 -5.15 29.72 5.62
CA SER B 17 -5.67 28.85 6.68
C SER B 17 -6.71 27.83 6.20
N GLY B 18 -6.88 26.76 6.98
CA GLY B 18 -7.73 25.61 6.72
C GLY B 18 -8.31 25.02 8.00
N GLN B 19 -9.11 25.80 8.72
CA GLN B 19 -9.83 25.36 9.92
C GLN B 19 -10.85 24.25 9.61
N ALA B 20 -11.67 24.46 8.57
CA ALA B 20 -12.77 23.57 8.18
C ALA B 20 -12.31 22.19 7.66
N SER B 21 -13.21 21.20 7.72
CA SER B 21 -12.94 19.79 7.36
C SER B 21 -13.55 19.33 6.03
N GLY B 22 -14.27 20.19 5.31
CA GLY B 22 -15.00 19.83 4.08
C GLY B 22 -14.16 19.35 2.89
N ALA B 23 -12.90 19.77 2.75
CA ALA B 23 -12.03 19.29 1.66
C ALA B 23 -11.47 17.87 1.86
N SER B 24 -11.57 17.31 3.08
CA SER B 24 -11.08 15.98 3.43
C SER B 24 -12.10 14.88 3.06
N ARG B 25 -11.88 14.18 1.94
CA ARG B 25 -12.74 13.06 1.51
C ARG B 25 -12.50 11.78 2.34
N PRO B 26 -13.54 10.96 2.62
CA PRO B 26 -13.39 9.61 3.18
C PRO B 26 -12.73 8.64 2.19
N LEU B 27 -12.32 7.47 2.68
CA LEU B 27 -11.58 6.46 1.92
C LEU B 27 -12.25 6.05 0.57
N PRO B 28 -11.45 5.66 -0.43
CA PRO B 28 -11.91 5.12 -1.71
C PRO B 28 -12.39 3.66 -1.63
N PRO B 29 -13.25 3.21 -2.58
CA PRO B 29 -13.78 1.85 -2.55
C PRO B 29 -12.73 0.75 -2.80
N ILE B 30 -11.62 1.04 -3.49
CA ILE B 30 -10.45 0.13 -3.58
C ILE B 30 -9.86 -0.14 -2.19
N ALA B 31 -9.80 0.87 -1.32
CA ALA B 31 -9.35 0.70 0.05
C ALA B 31 -10.35 -0.12 0.87
N GLN B 32 -11.63 0.15 0.69
CA GLN B 32 -12.72 -0.64 1.30
C GLN B 32 -12.63 -2.12 0.92
N ALA B 33 -12.33 -2.41 -0.36
CA ALA B 33 -12.14 -3.76 -0.85
C ALA B 33 -10.89 -4.44 -0.25
N LEU B 34 -9.82 -3.67 0.03
CA LEU B 34 -8.66 -4.17 0.79
C LEU B 34 -9.08 -4.54 2.21
N LYS B 35 -9.81 -3.67 2.91
CA LYS B 35 -10.29 -3.92 4.29
C LYS B 35 -11.10 -5.21 4.36
N ASP B 36 -12.02 -5.43 3.42
CA ASP B 36 -12.84 -6.63 3.31
C ASP B 36 -12.00 -7.90 3.03
N HIS B 37 -10.99 -7.80 2.15
CA HIS B 37 -10.11 -8.90 1.76
C HIS B 37 -9.14 -9.33 2.87
N LEU B 38 -8.61 -8.36 3.63
CA LEU B 38 -7.78 -8.63 4.80
C LEU B 38 -8.63 -9.14 5.98
N ALA B 39 -9.85 -8.63 6.12
CA ALA B 39 -10.78 -9.16 7.11
C ALA B 39 -11.18 -10.62 6.83
N ALA B 40 -11.28 -11.03 5.56
CA ALA B 40 -11.49 -12.43 5.16
C ALA B 40 -10.42 -13.39 5.68
N TYR B 41 -9.22 -12.85 5.93
CA TYR B 41 -8.11 -13.55 6.55
C TYR B 41 -8.21 -13.52 8.08
N GLU B 42 -8.37 -12.35 8.69
CA GLU B 42 -8.40 -12.22 10.16
C GLU B 42 -9.59 -12.95 10.80
N LEU B 43 -10.78 -12.93 10.18
CA LEU B 43 -11.96 -13.70 10.63
C LEU B 43 -11.68 -15.21 10.62
N SER B 44 -10.83 -15.66 9.70
CA SER B 44 -10.45 -17.07 9.59
C SER B 44 -9.61 -17.52 10.80
N LYS B 45 -8.82 -16.60 11.36
CA LYS B 45 -7.97 -16.78 12.55
C LYS B 45 -8.76 -16.67 13.87
N ALA B 46 -9.74 -15.76 13.92
CA ALA B 46 -10.64 -15.50 15.06
C ALA B 46 -9.95 -15.18 16.40
N SER B 47 -8.69 -14.71 16.36
CA SER B 47 -7.90 -14.37 17.53
C SER B 47 -8.23 -12.97 18.06
N GLU B 48 -8.15 -12.80 19.39
CA GLU B 48 -8.33 -11.53 20.12
C GLU B 48 -9.68 -10.80 19.93
N GLY A 1 8.81 3.15 -10.76
CA GLY A 1 8.85 1.89 -11.51
C GLY A 1 9.05 2.15 -12.98
N SER A 2 9.89 1.34 -13.63
CA SER A 2 10.30 1.52 -15.04
C SER A 2 9.13 1.54 -16.03
N HIS A 3 9.18 2.43 -17.03
CA HIS A 3 8.25 2.43 -18.18
C HIS A 3 8.37 1.16 -19.04
N MET A 4 9.43 0.36 -18.84
CA MET A 4 9.66 -0.98 -19.41
C MET A 4 9.75 -2.04 -18.31
N SER A 5 8.72 -2.10 -17.45
CA SER A 5 8.61 -3.08 -16.37
C SER A 5 8.57 -4.52 -16.91
N ASN A 6 9.38 -5.40 -16.30
CA ASN A 6 9.33 -6.85 -16.53
C ASN A 6 8.02 -7.52 -16.06
N PHE A 7 7.15 -6.78 -15.36
CA PHE A 7 5.82 -7.19 -14.92
C PHE A 7 4.70 -6.55 -15.74
N GLN A 8 3.58 -7.27 -15.84
CA GLN A 8 2.35 -6.78 -16.48
C GLN A 8 1.18 -6.53 -15.52
N HIS A 9 1.19 -7.12 -14.33
CA HIS A 9 0.18 -6.93 -13.27
C HIS A 9 0.80 -6.72 -11.88
N ILE A 10 2.05 -6.27 -11.83
CA ILE A 10 2.77 -5.85 -10.63
C ILE A 10 3.52 -4.56 -10.93
N GLY A 11 3.69 -3.69 -9.95
CA GLY A 11 4.44 -2.44 -10.07
C GLY A 11 5.66 -2.37 -9.15
N HIS A 12 6.19 -1.16 -8.97
CA HIS A 12 7.19 -0.84 -7.96
C HIS A 12 6.56 -1.00 -6.57
N VAL A 13 7.09 -1.91 -5.77
CA VAL A 13 6.59 -2.25 -4.43
C VAL A 13 7.67 -2.92 -3.60
N GLY A 14 7.94 -2.34 -2.43
CA GLY A 14 8.99 -2.78 -1.50
C GLY A 14 8.70 -4.08 -0.75
N TRP A 15 7.77 -4.89 -1.24
CA TRP A 15 7.35 -6.13 -0.59
C TRP A 15 8.24 -7.34 -0.93
N ASP A 16 8.43 -8.23 0.05
CA ASP A 16 9.05 -9.56 -0.04
C ASP A 16 8.28 -10.60 0.81
N PRO A 17 8.15 -11.85 0.33
CA PRO A 17 7.40 -12.93 1.00
C PRO A 17 8.02 -13.39 2.33
N ASN A 18 9.26 -13.00 2.61
CA ASN A 18 10.03 -13.45 3.77
C ASN A 18 9.82 -12.62 5.04
N THR A 19 9.53 -11.33 4.87
CA THR A 19 9.45 -10.35 5.97
C THR A 19 8.40 -9.26 5.76
N GLY A 20 7.81 -9.19 4.56
CA GLY A 20 6.67 -8.33 4.21
C GLY A 20 7.07 -7.04 3.48
N PHE A 21 6.29 -5.98 3.67
CA PHE A 21 6.57 -4.66 3.10
C PHE A 21 7.78 -4.02 3.80
N ASP A 22 8.86 -3.80 3.05
CA ASP A 22 10.05 -3.12 3.55
C ASP A 22 9.83 -1.61 3.64
N LEU A 23 9.50 -1.15 4.85
CA LEU A 23 9.16 0.23 5.14
C LEU A 23 10.32 1.21 4.82
N ASN A 24 11.56 0.72 4.71
CA ASN A 24 12.74 1.48 4.29
C ASN A 24 12.74 1.90 2.79
N ASN A 25 11.95 1.24 1.94
CA ASN A 25 11.80 1.61 0.53
C ASN A 25 10.34 1.53 0.01
N LEU A 26 9.38 1.39 0.91
CA LEU A 26 7.94 1.35 0.58
C LEU A 26 7.48 2.67 -0.06
N ASP A 27 6.69 2.57 -1.14
CA ASP A 27 6.10 3.74 -1.80
C ASP A 27 5.01 4.44 -0.97
N PRO A 28 4.80 5.74 -1.21
CA PRO A 28 3.91 6.57 -0.41
C PRO A 28 2.42 6.35 -0.71
N GLU A 29 2.08 5.94 -1.94
CA GLU A 29 0.73 5.52 -2.30
C GLU A 29 0.32 4.29 -1.49
N LEU A 30 1.22 3.31 -1.36
CA LEU A 30 0.94 2.06 -0.65
C LEU A 30 0.66 2.33 0.83
N LYS A 31 1.51 3.15 1.47
CA LYS A 31 1.28 3.65 2.82
C LYS A 31 -0.07 4.34 2.96
N ASN A 32 -0.50 5.09 1.94
CA ASN A 32 -1.79 5.74 1.92
C ASN A 32 -2.94 4.72 1.94
N LEU A 33 -2.97 3.79 0.98
CA LEU A 33 -4.00 2.76 0.88
C LEU A 33 -4.09 1.89 2.14
N PHE A 34 -2.94 1.57 2.70
CA PHE A 34 -2.88 0.74 3.91
C PHE A 34 -3.36 1.49 5.16
N ASP A 35 -3.08 2.80 5.28
CA ASP A 35 -3.48 3.60 6.44
C ASP A 35 -4.99 3.90 6.50
N MET A 36 -5.69 3.97 5.36
CA MET A 36 -7.16 4.03 5.30
C MET A 36 -7.79 2.69 5.75
N CYS A 37 -7.16 1.55 5.41
CA CYS A 37 -7.52 0.25 5.99
C CYS A 37 -7.17 0.15 7.50
N GLY A 38 -6.16 0.90 7.95
CA GLY A 38 -5.70 1.00 9.34
C GLY A 38 -4.53 0.06 9.69
N ILE A 39 -3.84 -0.45 8.67
CA ILE A 39 -2.78 -1.45 8.80
C ILE A 39 -1.53 -0.86 9.46
N SER A 40 -1.07 -1.46 10.56
CA SER A 40 0.13 -1.03 11.28
C SER A 40 1.42 -1.62 10.72
N GLU A 41 2.57 -1.07 11.12
CA GLU A 41 3.89 -1.64 10.87
C GLU A 41 4.01 -3.11 11.32
N ALA A 42 3.37 -3.48 12.43
CA ALA A 42 3.33 -4.87 12.90
C ALA A 42 2.71 -5.84 11.88
N GLN A 43 1.68 -5.38 11.15
CA GLN A 43 0.96 -6.14 10.15
C GLN A 43 1.66 -6.09 8.78
N LEU A 44 2.26 -4.94 8.44
CA LEU A 44 3.09 -4.76 7.24
C LEU A 44 4.39 -5.57 7.29
N LYS A 45 4.95 -5.78 8.49
CA LYS A 45 6.10 -6.65 8.79
C LYS A 45 5.70 -8.08 9.16
N ASP A 46 4.41 -8.41 9.07
CA ASP A 46 3.94 -9.78 9.20
C ASP A 46 4.07 -10.40 7.81
N ARG A 47 5.00 -11.34 7.60
CA ARG A 47 5.23 -11.95 6.27
C ARG A 47 4.00 -12.71 5.73
N GLU A 48 3.06 -13.02 6.63
CA GLU A 48 1.74 -13.60 6.34
C GLU A 48 0.63 -12.55 6.08
N THR A 49 0.47 -11.53 6.93
CA THR A 49 -0.60 -10.52 6.76
C THR A 49 -0.27 -9.60 5.59
N SER A 50 0.98 -9.14 5.46
CA SER A 50 1.47 -8.42 4.28
C SER A 50 1.23 -9.17 2.97
N LYS A 51 1.33 -10.52 2.94
CA LYS A 51 1.00 -11.33 1.78
C LYS A 51 -0.48 -11.21 1.42
N VAL A 52 -1.41 -11.30 2.37
CA VAL A 52 -2.84 -11.09 2.10
C VAL A 52 -3.08 -9.71 1.52
N ILE A 53 -2.48 -8.68 2.11
CA ILE A 53 -2.60 -7.29 1.66
C ILE A 53 -2.09 -7.15 0.21
N TYR A 54 -0.91 -7.69 -0.06
CA TYR A 54 -0.27 -7.69 -1.38
C TYR A 54 -1.01 -8.53 -2.44
N ASP A 55 -1.55 -9.68 -2.06
CA ASP A 55 -2.33 -10.58 -2.93
C ASP A 55 -3.58 -9.93 -3.52
N PHE A 56 -4.06 -8.83 -2.91
CA PHE A 56 -5.10 -7.96 -3.45
C PHE A 56 -4.56 -6.92 -4.45
N ILE A 57 -3.34 -6.43 -4.24
CA ILE A 57 -2.68 -5.41 -5.08
C ILE A 57 -2.31 -5.99 -6.44
N GLU A 58 -1.57 -7.10 -6.47
CA GLU A 58 -1.20 -7.75 -7.74
C GLU A 58 -2.45 -8.26 -8.51
N LYS A 59 -3.54 -8.56 -7.80
CA LYS A 59 -4.85 -8.94 -8.36
C LYS A 59 -5.48 -7.88 -9.24
N THR A 60 -5.52 -6.63 -8.76
CA THR A 60 -6.10 -5.51 -9.53
C THR A 60 -5.21 -5.09 -10.70
N GLY A 61 -3.90 -5.35 -10.61
CA GLY A 61 -2.93 -4.91 -11.61
C GLY A 61 -1.61 -4.38 -11.05
N GLY A 62 -1.43 -4.41 -9.73
CA GLY A 62 -0.23 -3.92 -9.06
C GLY A 62 -0.41 -2.50 -8.50
N VAL A 63 0.69 -1.87 -8.11
CA VAL A 63 0.70 -0.52 -7.51
C VAL A 63 0.03 0.51 -8.42
N GLU A 64 0.16 0.34 -9.73
CA GLU A 64 -0.39 1.27 -10.73
C GLU A 64 -1.92 1.22 -10.82
N ALA A 65 -2.47 0.03 -10.60
CA ALA A 65 -3.89 -0.25 -10.65
C ALA A 65 -4.62 0.23 -9.39
N VAL A 66 -4.05 -0.05 -8.22
CA VAL A 66 -4.55 0.55 -6.98
C VAL A 66 -4.49 2.08 -7.02
N LYS A 67 -3.43 2.68 -7.61
CA LYS A 67 -3.31 4.13 -7.81
C LYS A 67 -4.44 4.67 -8.68
N ASN A 68 -4.76 3.95 -9.77
CA ASN A 68 -5.88 4.29 -10.64
C ASN A 68 -7.23 4.33 -9.90
N GLU A 69 -7.48 3.43 -8.96
CA GLU A 69 -8.73 3.40 -8.21
C GLU A 69 -8.70 4.26 -6.94
N LEU A 70 -7.51 4.52 -6.38
CA LEU A 70 -7.32 5.44 -5.26
C LEU A 70 -7.70 6.86 -5.70
N ARG A 71 -7.54 7.23 -6.98
CA ARG A 71 -7.95 8.54 -7.50
C ARG A 71 -9.47 8.80 -7.44
N ARG A 72 -10.27 7.77 -7.12
CA ARG A 72 -11.73 7.80 -6.85
C ARG A 72 -12.06 8.27 -5.42
N GLN A 73 -11.06 8.58 -4.60
CA GLN A 73 -11.21 9.17 -3.25
C GLN A 73 -11.81 10.58 -3.25
N GLY B 1 -16.55 69.61 -0.35
CA GLY B 1 -15.53 68.86 -1.08
C GLY B 1 -15.84 68.86 -2.56
N THR B 2 -14.80 68.78 -3.40
CA THR B 2 -14.90 68.84 -4.86
C THR B 2 -15.23 67.50 -5.55
N VAL B 3 -15.05 66.36 -4.87
CA VAL B 3 -15.20 65.00 -5.43
C VAL B 3 -15.92 64.04 -4.47
N ASN B 4 -16.31 62.87 -4.98
CA ASN B 4 -16.83 61.75 -4.18
C ASN B 4 -15.77 61.25 -3.18
N PHE B 5 -16.12 61.12 -1.90
CA PHE B 5 -15.22 60.64 -0.83
C PHE B 5 -15.48 59.18 -0.46
N LYS B 6 -14.44 58.48 0.01
CA LYS B 6 -14.44 57.04 0.33
C LYS B 6 -13.63 56.72 1.61
N PRO B 7 -14.21 56.05 2.63
CA PRO B 7 -13.53 55.73 3.88
C PRO B 7 -12.18 55.01 3.76
N SER B 8 -11.31 55.20 4.75
CA SER B 8 -9.94 54.66 4.87
C SER B 8 -9.86 53.13 5.08
N ARG B 9 -10.69 52.33 4.40
CA ARG B 9 -10.55 50.86 4.37
C ARG B 9 -9.27 50.46 3.59
N PRO B 10 -8.37 49.62 4.15
CA PRO B 10 -7.24 49.05 3.41
C PRO B 10 -7.70 47.90 2.48
N ALA B 11 -6.81 47.47 1.59
CA ALA B 11 -7.01 46.26 0.79
C ALA B 11 -7.00 44.98 1.66
N PRO B 12 -7.43 43.80 1.16
CA PRO B 12 -7.47 42.56 1.92
C PRO B 12 -6.16 42.23 2.67
N PRO B 13 -6.20 41.90 3.97
CA PRO B 13 -5.02 41.46 4.73
C PRO B 13 -4.47 40.11 4.25
N PRO B 14 -3.24 39.72 4.67
CA PRO B 14 -2.72 38.38 4.44
C PRO B 14 -3.61 37.30 5.11
N PRO B 15 -3.86 36.16 4.45
CA PRO B 15 -4.61 35.04 5.00
C PRO B 15 -4.05 34.48 6.31
N THR B 16 -4.91 33.77 7.06
CA THR B 16 -4.62 33.12 8.34
C THR B 16 -5.51 31.87 8.50
N SER B 17 -5.10 30.77 7.87
CA SER B 17 -5.86 29.50 7.84
C SER B 17 -5.90 28.78 9.20
N GLY B 18 -4.87 28.95 10.03
CA GLY B 18 -4.81 28.45 11.40
C GLY B 18 -4.95 26.94 11.54
N GLN B 19 -5.83 26.51 12.45
CA GLN B 19 -6.20 25.10 12.67
C GLN B 19 -7.34 24.69 11.73
N ALA B 20 -7.16 23.59 11.01
CA ALA B 20 -8.17 23.03 10.12
C ALA B 20 -9.36 22.44 10.89
N SER B 21 -10.56 22.42 10.30
CA SER B 21 -11.79 21.96 10.98
C SER B 21 -12.84 21.30 10.06
N GLY B 22 -12.54 21.14 8.76
CA GLY B 22 -13.45 20.54 7.79
C GLY B 22 -13.65 19.05 8.02
N ALA B 23 -14.89 18.59 7.91
CA ALA B 23 -15.26 17.18 8.11
C ALA B 23 -14.58 16.24 7.10
N SER B 24 -13.94 15.19 7.60
CA SER B 24 -13.15 14.26 6.78
C SER B 24 -14.02 13.50 5.77
N ARG B 25 -13.51 13.28 4.55
CA ARG B 25 -14.20 12.52 3.49
C ARG B 25 -13.93 11.01 3.58
N PRO B 26 -14.84 10.16 3.05
CA PRO B 26 -14.70 8.71 3.11
C PRO B 26 -13.60 8.16 2.18
N LEU B 27 -12.98 7.05 2.58
CA LEU B 27 -11.97 6.31 1.81
C LEU B 27 -12.48 5.85 0.42
N PRO B 28 -11.59 5.61 -0.55
CA PRO B 28 -11.94 5.10 -1.88
C PRO B 28 -12.39 3.63 -1.85
N PRO B 29 -13.18 3.18 -2.84
CA PRO B 29 -13.72 1.82 -2.86
C PRO B 29 -12.67 0.73 -3.04
N ILE B 30 -11.49 1.02 -3.61
CA ILE B 30 -10.34 0.10 -3.65
C ILE B 30 -9.82 -0.18 -2.24
N ALA B 31 -9.79 0.84 -1.38
CA ALA B 31 -9.42 0.67 0.02
C ALA B 31 -10.47 -0.13 0.79
N GLN B 32 -11.74 0.12 0.52
CA GLN B 32 -12.82 -0.67 1.10
C GLN B 32 -12.74 -2.14 0.66
N ALA B 33 -12.41 -2.39 -0.61
CA ALA B 33 -12.21 -3.74 -1.14
C ALA B 33 -11.00 -4.44 -0.51
N LEU B 34 -9.93 -3.70 -0.21
CA LEU B 34 -8.76 -4.17 0.53
C LEU B 34 -9.12 -4.51 1.98
N LYS B 35 -9.88 -3.66 2.68
CA LYS B 35 -10.42 -3.97 4.02
C LYS B 35 -11.30 -5.22 4.02
N ASP B 36 -12.20 -5.39 3.04
CA ASP B 36 -13.05 -6.59 2.89
C ASP B 36 -12.23 -7.85 2.52
N HIS B 37 -11.16 -7.69 1.74
CA HIS B 37 -10.22 -8.76 1.39
C HIS B 37 -9.39 -9.22 2.61
N LEU B 38 -8.92 -8.29 3.42
CA LEU B 38 -8.15 -8.55 4.65
C LEU B 38 -9.06 -9.07 5.78
N ALA B 39 -10.33 -8.62 5.82
CA ALA B 39 -11.31 -9.13 6.79
C ALA B 39 -11.65 -10.63 6.58
N ALA B 40 -11.61 -11.08 5.32
CA ALA B 40 -11.77 -12.48 4.96
C ALA B 40 -10.66 -13.38 5.52
N TYR B 41 -9.47 -12.80 5.71
CA TYR B 41 -8.34 -13.42 6.37
C TYR B 41 -8.52 -13.38 7.89
N GLU B 42 -8.81 -12.22 8.45
CA GLU B 42 -8.99 -12.04 9.91
C GLU B 42 -10.07 -12.97 10.50
N LEU B 43 -11.20 -13.18 9.81
CA LEU B 43 -12.21 -14.16 10.23
C LEU B 43 -11.69 -15.59 10.16
N SER B 44 -10.87 -15.89 9.15
CA SER B 44 -10.29 -17.22 8.92
C SER B 44 -9.34 -17.63 10.05
N LYS B 45 -8.68 -16.66 10.69
CA LYS B 45 -7.84 -16.86 11.89
C LYS B 45 -8.59 -17.38 13.11
N ALA B 46 -9.92 -17.20 13.15
CA ALA B 46 -10.81 -17.62 14.24
C ALA B 46 -11.92 -18.59 13.77
N SER B 47 -11.73 -19.26 12.62
CA SER B 47 -12.63 -20.32 12.12
C SER B 47 -12.39 -21.63 12.88
N GLU B 48 -12.88 -21.70 14.12
CA GLU B 48 -12.78 -22.84 15.04
C GLU B 48 -13.91 -23.87 14.93
N GLY A 1 9.68 -3.18 -21.19
CA GLY A 1 8.51 -2.32 -21.50
C GLY A 1 7.62 -2.21 -20.29
N SER A 2 6.42 -2.82 -20.34
CA SER A 2 5.55 -2.99 -19.17
C SER A 2 4.63 -4.23 -19.24
N HIS A 3 4.36 -4.77 -20.43
CA HIS A 3 3.59 -6.00 -20.66
C HIS A 3 4.48 -7.24 -20.76
N MET A 4 3.88 -8.43 -20.78
CA MET A 4 4.46 -9.76 -21.04
C MET A 4 5.59 -10.25 -20.11
N SER A 5 6.08 -9.39 -19.23
CA SER A 5 7.00 -9.64 -18.11
C SER A 5 6.39 -10.56 -17.04
N ASN A 6 7.25 -11.22 -16.26
CA ASN A 6 6.87 -11.98 -15.04
C ASN A 6 6.11 -11.12 -14.01
N PHE A 7 6.19 -9.79 -14.12
CA PHE A 7 5.64 -8.81 -13.18
C PHE A 7 4.86 -7.66 -13.86
N GLN A 8 4.24 -7.93 -15.01
CA GLN A 8 3.36 -6.98 -15.70
C GLN A 8 2.13 -6.54 -14.87
N HIS A 9 1.64 -7.41 -13.99
CA HIS A 9 0.53 -7.21 -13.04
C HIS A 9 1.00 -6.63 -11.69
N ILE A 10 2.16 -5.98 -11.68
CA ILE A 10 2.85 -5.43 -10.51
C ILE A 10 3.46 -4.06 -10.86
N GLY A 11 3.77 -3.25 -9.85
CA GLY A 11 4.54 -2.01 -9.99
C GLY A 11 5.78 -1.98 -9.09
N HIS A 12 6.28 -0.79 -8.81
CA HIS A 12 7.32 -0.54 -7.81
C HIS A 12 6.72 -0.75 -6.40
N VAL A 13 7.26 -1.72 -5.65
CA VAL A 13 6.79 -2.06 -4.30
C VAL A 13 7.89 -2.75 -3.48
N GLY A 14 8.25 -2.15 -2.34
CA GLY A 14 9.27 -2.64 -1.39
C GLY A 14 8.90 -3.90 -0.59
N TRP A 15 8.00 -4.75 -1.11
CA TRP A 15 7.57 -6.00 -0.47
C TRP A 15 8.45 -7.22 -0.81
N ASP A 16 8.51 -8.20 0.11
CA ASP A 16 9.16 -9.52 -0.02
C ASP A 16 8.47 -10.60 0.82
N PRO A 17 8.36 -11.85 0.32
CA PRO A 17 7.70 -12.98 1.02
C PRO A 17 8.38 -13.44 2.31
N ASN A 18 9.62 -12.98 2.53
CA ASN A 18 10.47 -13.34 3.66
C ASN A 18 10.27 -12.46 4.90
N THR A 19 9.88 -11.20 4.72
CA THR A 19 9.77 -10.19 5.81
C THR A 19 8.62 -9.21 5.66
N GLY A 20 8.05 -9.10 4.46
CA GLY A 20 6.91 -8.24 4.15
C GLY A 20 7.31 -6.92 3.50
N PHE A 21 6.51 -5.87 3.74
CA PHE A 21 6.74 -4.52 3.22
C PHE A 21 7.89 -3.81 3.99
N ASP A 22 9.02 -3.60 3.34
CA ASP A 22 10.14 -2.86 3.90
C ASP A 22 9.83 -1.37 4.05
N LEU A 23 9.45 -0.92 5.25
CA LEU A 23 9.01 0.45 5.51
C LEU A 23 10.09 1.50 5.23
N ASN A 24 11.36 1.09 5.20
CA ASN A 24 12.49 1.94 4.79
C ASN A 24 12.50 2.27 3.29
N ASN A 25 11.79 1.51 2.46
CA ASN A 25 11.65 1.73 0.99
C ASN A 25 10.20 1.66 0.50
N LEU A 26 9.22 1.55 1.41
CA LEU A 26 7.80 1.48 1.10
C LEU A 26 7.29 2.80 0.49
N ASP A 27 6.62 2.69 -0.65
CA ASP A 27 6.06 3.82 -1.38
C ASP A 27 4.87 4.51 -0.69
N PRO A 28 4.66 5.80 -0.96
CA PRO A 28 3.68 6.62 -0.26
C PRO A 28 2.23 6.31 -0.64
N GLU A 29 1.94 5.97 -1.91
CA GLU A 29 0.62 5.46 -2.33
C GLU A 29 0.25 4.16 -1.61
N LEU A 30 1.24 3.30 -1.33
CA LEU A 30 1.02 2.07 -0.58
C LEU A 30 0.64 2.38 0.87
N LYS A 31 1.46 3.21 1.56
CA LYS A 31 1.17 3.69 2.91
C LYS A 31 -0.21 4.35 3.02
N ASN A 32 -0.60 5.11 2.00
CA ASN A 32 -1.90 5.75 1.91
C ASN A 32 -3.02 4.72 2.01
N LEU A 33 -3.02 3.77 1.08
CA LEU A 33 -4.07 2.75 0.96
C LEU A 33 -4.15 1.91 2.24
N PHE A 34 -3.00 1.56 2.80
CA PHE A 34 -2.94 0.73 3.99
C PHE A 34 -3.44 1.45 5.26
N ASP A 35 -3.17 2.75 5.39
CA ASP A 35 -3.62 3.53 6.56
C ASP A 35 -5.15 3.72 6.58
N MET A 36 -5.78 4.02 5.44
CA MET A 36 -7.25 4.06 5.33
C MET A 36 -7.91 2.70 5.59
N CYS A 37 -7.25 1.59 5.25
CA CYS A 37 -7.69 0.26 5.66
C CYS A 37 -7.57 0.04 7.18
N GLY A 38 -6.52 0.59 7.80
CA GLY A 38 -6.22 0.50 9.23
C GLY A 38 -5.07 -0.47 9.57
N ILE A 39 -4.16 -0.72 8.63
CA ILE A 39 -3.04 -1.68 8.77
C ILE A 39 -1.88 -1.03 9.54
N SER A 40 -1.41 -1.71 10.60
CA SER A 40 -0.28 -1.26 11.43
C SER A 40 1.06 -1.88 10.99
N GLU A 41 2.20 -1.35 11.45
CA GLU A 41 3.55 -1.87 11.10
C GLU A 41 3.68 -3.37 11.36
N ALA A 42 3.10 -3.88 12.45
CA ALA A 42 3.11 -5.30 12.80
C ALA A 42 2.50 -6.21 11.71
N GLN A 43 1.48 -5.72 11.01
CA GLN A 43 0.81 -6.43 9.92
C GLN A 43 1.60 -6.28 8.60
N LEU A 44 2.22 -5.11 8.39
CA LEU A 44 3.06 -4.81 7.23
C LEU A 44 4.39 -5.58 7.23
N LYS A 45 4.96 -5.82 8.42
CA LYS A 45 6.17 -6.64 8.67
C LYS A 45 5.83 -8.10 9.00
N ASP A 46 4.54 -8.43 9.06
CA ASP A 46 4.14 -9.83 9.14
C ASP A 46 4.37 -10.44 7.75
N ARG A 47 5.38 -11.28 7.55
CA ARG A 47 5.66 -11.93 6.25
C ARG A 47 4.49 -12.81 5.74
N GLU A 48 3.60 -13.19 6.65
CA GLU A 48 2.33 -13.89 6.39
C GLU A 48 1.15 -12.94 6.05
N THR A 49 0.95 -11.87 6.81
CA THR A 49 -0.19 -10.95 6.67
C THR A 49 0.03 -9.94 5.54
N SER A 50 1.25 -9.40 5.44
CA SER A 50 1.70 -8.59 4.28
C SER A 50 1.49 -9.28 2.94
N LYS A 51 1.63 -10.62 2.85
CA LYS A 51 1.33 -11.39 1.65
C LYS A 51 -0.14 -11.29 1.29
N VAL A 52 -1.04 -11.44 2.26
CA VAL A 52 -2.48 -11.29 2.04
C VAL A 52 -2.80 -9.89 1.52
N ILE A 53 -2.21 -8.86 2.14
CA ILE A 53 -2.36 -7.46 1.73
C ILE A 53 -1.88 -7.26 0.29
N TYR A 54 -0.67 -7.75 -0.01
CA TYR A 54 -0.04 -7.66 -1.34
C TYR A 54 -0.80 -8.45 -2.43
N ASP A 55 -1.39 -9.60 -2.12
CA ASP A 55 -2.17 -10.40 -3.08
C ASP A 55 -3.33 -9.60 -3.69
N PHE A 56 -3.97 -8.75 -2.88
CA PHE A 56 -5.00 -7.84 -3.35
C PHE A 56 -4.48 -6.79 -4.34
N ILE A 57 -3.23 -6.35 -4.13
CA ILE A 57 -2.57 -5.33 -4.95
C ILE A 57 -2.22 -5.92 -6.33
N GLU A 58 -1.49 -7.04 -6.36
CA GLU A 58 -1.16 -7.68 -7.64
C GLU A 58 -2.44 -8.20 -8.36
N LYS A 59 -3.53 -8.52 -7.65
CA LYS A 59 -4.85 -8.88 -8.23
C LYS A 59 -5.44 -7.77 -9.09
N THR A 60 -5.49 -6.55 -8.58
CA THR A 60 -6.07 -5.44 -9.35
C THR A 60 -5.18 -5.05 -10.54
N GLY A 61 -3.87 -5.30 -10.43
CA GLY A 61 -2.89 -4.88 -11.44
C GLY A 61 -1.57 -4.36 -10.90
N GLY A 62 -1.41 -4.30 -9.57
CA GLY A 62 -0.21 -3.81 -8.90
C GLY A 62 -0.39 -2.41 -8.30
N VAL A 63 0.73 -1.79 -7.90
CA VAL A 63 0.75 -0.44 -7.28
C VAL A 63 0.10 0.60 -8.21
N GLU A 64 0.19 0.40 -9.52
CA GLU A 64 -0.38 1.30 -10.54
C GLU A 64 -1.91 1.21 -10.58
N ALA A 65 -2.46 -0.01 -10.48
CA ALA A 65 -3.88 -0.26 -10.56
C ALA A 65 -4.65 0.22 -9.33
N VAL A 66 -4.07 0.01 -8.14
CA VAL A 66 -4.62 0.61 -6.91
C VAL A 66 -4.58 2.14 -6.97
N LYS A 67 -3.54 2.75 -7.55
CA LYS A 67 -3.43 4.21 -7.76
C LYS A 67 -4.50 4.74 -8.72
N ASN A 68 -4.77 4.00 -9.80
CA ASN A 68 -5.86 4.33 -10.74
C ASN A 68 -7.25 4.35 -10.06
N GLU A 69 -7.48 3.48 -9.08
CA GLU A 69 -8.73 3.44 -8.32
C GLU A 69 -8.76 4.42 -7.14
N LEU A 70 -7.60 4.68 -6.54
CA LEU A 70 -7.42 5.74 -5.53
C LEU A 70 -7.73 7.12 -6.15
N ARG A 71 -7.27 7.38 -7.38
CA ARG A 71 -7.37 8.71 -7.99
C ARG A 71 -8.75 9.06 -8.57
N ARG A 72 -9.64 8.08 -8.76
CA ARG A 72 -11.04 8.34 -9.20
C ARG A 72 -11.96 8.85 -8.10
N GLN A 73 -11.55 8.84 -6.82
CA GLN A 73 -12.34 9.30 -5.66
C GLN A 73 -11.61 10.33 -4.78
N GLY B 1 32.08 1.65 -40.94
CA GLY B 1 32.40 2.48 -39.77
C GLY B 1 31.66 2.00 -38.53
N THR B 2 31.05 2.91 -37.77
CA THR B 2 30.26 2.62 -36.55
C THR B 2 29.32 3.76 -36.14
N VAL B 3 28.29 3.44 -35.36
CA VAL B 3 27.27 4.38 -34.85
C VAL B 3 27.79 5.38 -33.80
N ASN B 4 27.00 6.43 -33.58
CA ASN B 4 27.24 7.55 -32.66
C ASN B 4 26.52 7.39 -31.29
N PHE B 5 26.85 8.23 -30.31
CA PHE B 5 26.13 8.40 -29.03
C PHE B 5 26.41 9.75 -28.36
N LYS B 6 25.54 10.18 -27.42
CA LYS B 6 25.69 11.44 -26.65
C LYS B 6 25.10 11.39 -25.22
N PRO B 7 25.61 12.22 -24.27
CA PRO B 7 25.15 12.23 -22.87
C PRO B 7 23.69 12.65 -22.70
N SER B 8 22.99 11.99 -21.77
CA SER B 8 21.58 12.27 -21.47
C SER B 8 21.25 11.99 -20.00
N ARG B 9 20.12 12.56 -19.56
CA ARG B 9 19.48 12.39 -18.24
C ARG B 9 17.95 12.57 -18.41
N PRO B 10 17.11 11.68 -17.86
CA PRO B 10 15.65 11.76 -17.96
C PRO B 10 15.08 12.89 -17.09
N ALA B 11 13.80 13.22 -17.28
CA ALA B 11 13.08 14.26 -16.55
C ALA B 11 11.71 13.79 -15.98
N PRO B 12 11.71 12.86 -15.00
CA PRO B 12 10.50 12.40 -14.33
C PRO B 12 9.95 13.48 -13.36
N PRO B 13 8.61 13.67 -13.28
CA PRO B 13 8.02 14.66 -12.37
C PRO B 13 8.13 14.24 -10.89
N PRO B 14 8.25 15.21 -9.96
CA PRO B 14 8.18 14.97 -8.51
C PRO B 14 6.90 14.23 -8.07
N PRO B 15 6.87 13.61 -6.86
CA PRO B 15 5.72 12.82 -6.42
C PRO B 15 4.43 13.62 -6.33
N THR B 16 3.32 12.99 -6.73
CA THR B 16 2.01 13.64 -6.82
C THR B 16 1.44 13.99 -5.43
N SER B 17 1.39 15.28 -5.14
CA SER B 17 1.00 15.84 -3.84
C SER B 17 -0.42 15.46 -3.40
N GLY B 18 -0.60 15.18 -2.10
CA GLY B 18 -1.87 14.79 -1.48
C GLY B 18 -1.99 13.29 -1.17
N GLN B 19 -0.89 12.55 -1.25
CA GLN B 19 -0.79 11.10 -1.02
C GLN B 19 -0.72 10.76 0.49
N ALA B 20 -1.72 11.22 1.25
CA ALA B 20 -1.82 11.02 2.70
C ALA B 20 -3.28 11.08 3.19
N SER B 21 -3.70 10.07 3.94
CA SER B 21 -5.03 9.92 4.55
C SER B 21 -5.06 10.43 5.99
N GLY B 22 -6.27 10.75 6.50
CA GLY B 22 -6.49 11.19 7.89
C GLY B 22 -7.50 12.32 8.08
N ALA B 23 -8.14 12.81 7.02
CA ALA B 23 -9.18 13.83 7.06
C ALA B 23 -10.52 13.29 7.63
N SER B 24 -11.42 14.18 8.07
CA SER B 24 -12.78 13.86 8.54
C SER B 24 -13.75 13.56 7.38
N ARG B 25 -13.37 12.60 6.52
CA ARG B 25 -14.03 12.17 5.26
C ARG B 25 -13.81 10.67 4.97
N PRO B 26 -14.64 10.03 4.13
CA PRO B 26 -14.60 8.59 3.87
C PRO B 26 -13.36 8.10 3.10
N LEU B 27 -13.07 6.81 3.23
CA LEU B 27 -12.08 6.07 2.43
C LEU B 27 -12.61 5.73 1.00
N PRO B 28 -11.75 5.38 0.04
CA PRO B 28 -12.13 4.90 -1.30
C PRO B 28 -12.53 3.40 -1.33
N PRO B 29 -13.31 2.95 -2.31
CA PRO B 29 -13.80 1.57 -2.35
C PRO B 29 -12.71 0.52 -2.65
N ILE B 30 -11.59 0.89 -3.28
CA ILE B 30 -10.40 0.02 -3.41
C ILE B 30 -9.82 -0.29 -2.02
N ALA B 31 -9.82 0.68 -1.10
CA ALA B 31 -9.43 0.43 0.29
C ALA B 31 -10.43 -0.47 1.03
N GLN B 32 -11.72 -0.23 0.79
CA GLN B 32 -12.78 -1.07 1.38
C GLN B 32 -12.65 -2.54 0.96
N ALA B 33 -12.31 -2.79 -0.31
CA ALA B 33 -12.08 -4.12 -0.84
C ALA B 33 -10.86 -4.81 -0.21
N LEU B 34 -9.80 -4.06 0.07
CA LEU B 34 -8.62 -4.54 0.80
C LEU B 34 -8.96 -4.90 2.26
N LYS B 35 -9.76 -4.10 2.98
CA LYS B 35 -10.22 -4.47 4.33
C LYS B 35 -11.02 -5.78 4.34
N ASP B 36 -11.93 -5.96 3.38
CA ASP B 36 -12.70 -7.22 3.26
C ASP B 36 -11.81 -8.40 2.89
N HIS B 37 -10.82 -8.20 2.00
CA HIS B 37 -9.86 -9.23 1.60
C HIS B 37 -8.95 -9.68 2.75
N LEU B 38 -8.49 -8.74 3.59
CA LEU B 38 -7.66 -9.03 4.77
C LEU B 38 -8.51 -9.58 5.94
N ALA B 39 -9.75 -9.15 6.09
CA ALA B 39 -10.63 -9.66 7.15
C ALA B 39 -10.94 -11.16 7.02
N ALA B 40 -11.02 -11.65 5.78
CA ALA B 40 -11.15 -13.07 5.46
C ALA B 40 -9.99 -13.91 6.02
N TYR B 41 -8.79 -13.31 6.06
CA TYR B 41 -7.61 -13.93 6.65
C TYR B 41 -7.65 -13.88 8.17
N GLU B 42 -7.94 -12.72 8.76
CA GLU B 42 -7.98 -12.54 10.23
C GLU B 42 -8.98 -13.48 10.92
N LEU B 43 -10.17 -13.68 10.34
CA LEU B 43 -11.16 -14.62 10.87
C LEU B 43 -10.64 -16.07 10.86
N SER B 44 -9.79 -16.39 9.87
CA SER B 44 -9.20 -17.73 9.73
C SER B 44 -8.17 -18.04 10.82
N LYS B 45 -7.50 -17.00 11.35
CA LYS B 45 -6.63 -17.10 12.53
C LYS B 45 -7.43 -17.45 13.79
N ALA B 46 -8.69 -17.00 13.84
CA ALA B 46 -9.61 -17.15 14.98
C ALA B 46 -10.54 -18.38 14.88
N SER B 47 -10.27 -19.28 13.93
CA SER B 47 -11.06 -20.50 13.70
C SER B 47 -10.84 -21.55 14.81
N GLU B 48 -11.69 -22.58 14.84
CA GLU B 48 -11.64 -23.70 15.81
C GLU B 48 -10.60 -24.79 15.46
N GLY A 1 19.02 -6.47 -24.59
CA GLY A 1 17.62 -6.27 -24.19
C GLY A 1 16.75 -7.39 -24.69
N SER A 2 16.01 -8.05 -23.78
CA SER A 2 15.17 -9.24 -24.04
C SER A 2 13.65 -8.98 -24.01
N HIS A 3 13.22 -7.74 -23.70
CA HIS A 3 11.80 -7.33 -23.66
C HIS A 3 10.89 -8.13 -22.72
N MET A 4 11.40 -8.53 -21.55
CA MET A 4 10.60 -9.12 -20.46
C MET A 4 9.34 -8.27 -20.16
N SER A 5 8.20 -8.93 -19.94
CA SER A 5 6.89 -8.30 -19.77
C SER A 5 5.96 -8.94 -18.72
N ASN A 6 6.38 -10.04 -18.08
CA ASN A 6 5.57 -10.86 -17.15
C ASN A 6 5.17 -10.18 -15.82
N PHE A 7 5.34 -8.85 -15.71
CA PHE A 7 4.89 -8.02 -14.59
C PHE A 7 3.66 -7.17 -14.94
N GLN A 8 2.83 -7.64 -15.88
CA GLN A 8 1.65 -6.95 -16.39
C GLN A 8 0.60 -6.57 -15.33
N HIS A 9 0.57 -7.25 -14.19
CA HIS A 9 -0.27 -6.91 -13.02
C HIS A 9 0.52 -6.50 -11.76
N ILE A 10 1.76 -6.00 -11.92
CA ILE A 10 2.63 -5.57 -10.81
C ILE A 10 3.28 -4.22 -11.13
N GLY A 11 3.71 -3.49 -10.10
CA GLY A 11 4.45 -2.22 -10.21
C GLY A 11 5.67 -2.16 -9.30
N HIS A 12 6.16 -0.95 -9.03
CA HIS A 12 7.17 -0.69 -8.01
C HIS A 12 6.60 -0.97 -6.61
N VAL A 13 7.22 -1.88 -5.86
CA VAL A 13 6.80 -2.29 -4.52
C VAL A 13 7.97 -2.91 -3.72
N GLY A 14 8.16 -2.45 -2.48
CA GLY A 14 9.20 -2.92 -1.56
C GLY A 14 8.88 -4.20 -0.77
N TRP A 15 7.92 -5.00 -1.23
CA TRP A 15 7.44 -6.21 -0.53
C TRP A 15 8.29 -7.46 -0.83
N ASP A 16 8.55 -8.29 0.19
CA ASP A 16 9.25 -9.58 0.12
C ASP A 16 8.53 -10.66 0.94
N PRO A 17 8.43 -11.91 0.44
CA PRO A 17 7.71 -13.02 1.08
C PRO A 17 8.30 -13.48 2.41
N ASN A 18 9.54 -13.08 2.71
CA ASN A 18 10.27 -13.44 3.92
C ASN A 18 9.88 -12.63 5.16
N THR A 19 9.57 -11.34 4.98
CA THR A 19 9.35 -10.36 6.08
C THR A 19 8.29 -9.29 5.82
N GLY A 20 7.82 -9.17 4.57
CA GLY A 20 6.72 -8.31 4.16
C GLY A 20 7.14 -7.02 3.47
N PHE A 21 6.33 -5.97 3.63
CA PHE A 21 6.58 -4.64 3.05
C PHE A 21 7.76 -3.96 3.76
N ASP A 22 8.91 -3.83 3.09
CA ASP A 22 10.08 -3.15 3.68
C ASP A 22 9.83 -1.64 3.79
N LEU A 23 9.56 -1.16 5.00
CA LEU A 23 9.19 0.23 5.28
C LEU A 23 10.30 1.24 4.95
N ASN A 24 11.55 0.78 4.82
CA ASN A 24 12.69 1.56 4.32
C ASN A 24 12.63 1.86 2.80
N ASN A 25 11.85 1.09 2.05
CA ASN A 25 11.68 1.17 0.59
C ASN A 25 10.21 1.26 0.16
N LEU A 26 9.28 1.31 1.11
CA LEU A 26 7.84 1.30 0.86
C LEU A 26 7.34 2.63 0.28
N ASP A 27 6.71 2.55 -0.88
CA ASP A 27 6.15 3.68 -1.61
C ASP A 27 4.98 4.38 -0.90
N PRO A 28 4.77 5.68 -1.19
CA PRO A 28 3.81 6.49 -0.50
C PRO A 28 2.36 6.15 -0.85
N GLU A 29 2.02 5.88 -2.11
CA GLU A 29 0.68 5.41 -2.48
C GLU A 29 0.30 4.12 -1.76
N LEU A 30 1.28 3.23 -1.52
CA LEU A 30 1.06 2.01 -0.76
C LEU A 30 0.71 2.31 0.70
N LYS A 31 1.58 3.07 1.38
CA LYS A 31 1.35 3.55 2.75
C LYS A 31 0.01 4.28 2.90
N ASN A 32 -0.39 5.03 1.87
CA ASN A 32 -1.64 5.77 1.84
C ASN A 32 -2.85 4.85 1.90
N LEU A 33 -2.90 3.86 0.98
CA LEU A 33 -3.98 2.88 0.89
C LEU A 33 -4.05 2.03 2.15
N PHE A 34 -2.90 1.63 2.66
CA PHE A 34 -2.83 0.78 3.85
C PHE A 34 -3.31 1.51 5.11
N ASP A 35 -3.06 2.82 5.23
CA ASP A 35 -3.52 3.62 6.36
C ASP A 35 -5.04 3.77 6.40
N MET A 36 -5.71 4.03 5.27
CA MET A 36 -7.19 4.03 5.18
C MET A 36 -7.78 2.63 5.40
N CYS A 37 -6.98 1.57 5.14
CA CYS A 37 -7.34 0.21 5.54
C CYS A 37 -7.14 -0.07 7.05
N GLY A 38 -6.31 0.73 7.73
CA GLY A 38 -6.04 0.72 9.17
C GLY A 38 -4.80 -0.10 9.57
N ILE A 39 -4.04 -0.57 8.57
CA ILE A 39 -2.91 -1.49 8.74
C ILE A 39 -1.75 -0.83 9.49
N SER A 40 -1.24 -1.53 10.51
CA SER A 40 -0.08 -1.13 11.34
C SER A 40 1.25 -1.68 10.83
N GLU A 41 2.38 -1.11 11.27
CA GLU A 41 3.74 -1.60 10.93
C GLU A 41 3.91 -3.07 11.27
N ALA A 42 3.35 -3.53 12.40
CA ALA A 42 3.40 -4.93 12.81
C ALA A 42 2.74 -5.88 11.80
N GLN A 43 1.71 -5.42 11.09
CA GLN A 43 0.97 -6.19 10.09
C GLN A 43 1.63 -6.09 8.71
N LEU A 44 2.21 -4.93 8.40
CA LEU A 44 3.04 -4.71 7.20
C LEU A 44 4.34 -5.53 7.23
N LYS A 45 4.90 -5.76 8.43
CA LYS A 45 6.07 -6.62 8.68
C LYS A 45 5.70 -8.05 9.12
N ASP A 46 4.43 -8.41 9.02
CA ASP A 46 3.98 -9.79 9.18
C ASP A 46 4.20 -10.46 7.81
N ARG A 47 5.11 -11.42 7.67
CA ARG A 47 5.33 -12.09 6.36
C ARG A 47 4.07 -12.77 5.82
N GLU A 48 3.14 -13.10 6.71
CA GLU A 48 1.83 -13.68 6.40
C GLU A 48 0.75 -12.63 6.08
N THR A 49 0.53 -11.63 6.94
CA THR A 49 -0.55 -10.64 6.75
C THR A 49 -0.20 -9.68 5.60
N SER A 50 1.06 -9.24 5.50
CA SER A 50 1.56 -8.48 4.34
C SER A 50 1.33 -9.20 3.01
N LYS A 51 1.43 -10.54 2.96
CA LYS A 51 1.14 -11.32 1.77
C LYS A 51 -0.33 -11.22 1.37
N VAL A 52 -1.25 -11.36 2.32
CA VAL A 52 -2.68 -11.21 2.05
C VAL A 52 -2.98 -9.80 1.52
N ILE A 53 -2.38 -8.78 2.12
CA ILE A 53 -2.49 -7.38 1.70
C ILE A 53 -1.96 -7.22 0.26
N TYR A 54 -0.77 -7.72 -0.02
CA TYR A 54 -0.11 -7.69 -1.33
C TYR A 54 -0.88 -8.46 -2.42
N ASP A 55 -1.47 -9.62 -2.09
CA ASP A 55 -2.26 -10.44 -3.02
C ASP A 55 -3.44 -9.68 -3.62
N PHE A 56 -4.03 -8.76 -2.86
CA PHE A 56 -5.07 -7.87 -3.37
C PHE A 56 -4.54 -6.84 -4.38
N ILE A 57 -3.31 -6.37 -4.18
CA ILE A 57 -2.67 -5.35 -5.02
C ILE A 57 -2.33 -5.93 -6.39
N GLU A 58 -1.56 -7.03 -6.42
CA GLU A 58 -1.24 -7.74 -7.67
C GLU A 58 -2.50 -8.32 -8.36
N LYS A 59 -3.61 -8.54 -7.64
CA LYS A 59 -4.91 -8.88 -8.22
C LYS A 59 -5.49 -7.75 -9.05
N THR A 60 -5.65 -6.56 -8.48
CA THR A 60 -6.32 -5.47 -9.21
C THR A 60 -5.53 -5.03 -10.44
N GLY A 61 -4.20 -5.26 -10.43
CA GLY A 61 -3.28 -4.84 -11.48
C GLY A 61 -1.93 -4.28 -10.98
N GLY A 62 -1.68 -4.30 -9.68
CA GLY A 62 -0.44 -3.85 -9.06
C GLY A 62 -0.55 -2.46 -8.45
N VAL A 63 0.59 -1.86 -8.07
CA VAL A 63 0.65 -0.52 -7.44
C VAL A 63 0.00 0.55 -8.32
N GLU A 64 0.04 0.36 -9.63
CA GLU A 64 -0.54 1.27 -10.62
C GLU A 64 -2.08 1.21 -10.63
N ALA A 65 -2.63 0.00 -10.51
CA ALA A 65 -4.06 -0.24 -10.51
C ALA A 65 -4.73 0.32 -9.26
N VAL A 66 -4.15 0.01 -8.09
CA VAL A 66 -4.62 0.60 -6.83
C VAL A 66 -4.51 2.13 -6.85
N LYS A 67 -3.47 2.72 -7.45
CA LYS A 67 -3.34 4.18 -7.64
C LYS A 67 -4.49 4.72 -8.48
N ASN A 68 -4.81 4.07 -9.60
CA ASN A 68 -5.94 4.48 -10.45
C ASN A 68 -7.27 4.48 -9.69
N GLU A 69 -7.55 3.47 -8.87
CA GLU A 69 -8.80 3.41 -8.09
C GLU A 69 -8.77 4.27 -6.82
N LEU A 70 -7.60 4.51 -6.23
CA LEU A 70 -7.37 5.44 -5.11
C LEU A 70 -7.65 6.89 -5.54
N ARG A 71 -7.37 7.22 -6.81
CA ARG A 71 -7.59 8.56 -7.40
C ARG A 71 -9.06 8.96 -7.53
N ARG A 72 -10.02 8.02 -7.50
CA ARG A 72 -11.45 8.36 -7.42
C ARG A 72 -11.92 8.79 -6.02
N GLN A 73 -11.07 8.60 -4.99
CA GLN A 73 -11.27 9.02 -3.59
C GLN A 73 -12.59 8.56 -2.94
N GLY B 1 -8.81 47.47 38.66
CA GLY B 1 -8.40 46.92 39.95
C GLY B 1 -6.92 46.55 39.96
N THR B 2 -6.30 46.51 41.14
CA THR B 2 -4.87 46.14 41.29
C THR B 2 -4.68 44.66 40.98
N VAL B 3 -3.90 44.34 39.94
CA VAL B 3 -3.60 42.95 39.50
C VAL B 3 -2.21 42.84 38.86
N ASN B 4 -1.48 41.78 39.22
CA ASN B 4 -0.23 41.37 38.56
C ASN B 4 -0.44 40.00 37.87
N PHE B 5 0.27 39.77 36.77
CA PHE B 5 0.24 38.53 36.00
C PHE B 5 1.59 37.79 36.06
N LYS B 6 1.55 36.47 35.96
CA LYS B 6 2.73 35.60 36.03
C LYS B 6 3.69 35.87 34.85
N PRO B 7 4.96 36.26 35.09
CA PRO B 7 5.91 36.56 34.01
C PRO B 7 6.26 35.28 33.24
N SER B 8 6.06 35.28 31.92
CA SER B 8 6.40 34.16 31.04
C SER B 8 6.39 34.62 29.58
N ARG B 9 7.44 34.33 28.81
CA ARG B 9 7.57 34.74 27.40
C ARG B 9 7.80 33.53 26.49
N PRO B 10 6.79 32.68 26.27
CA PRO B 10 6.88 31.58 25.31
C PRO B 10 6.95 32.12 23.86
N ALA B 11 7.46 31.30 22.96
CA ALA B 11 7.42 31.60 21.53
C ALA B 11 5.99 31.44 20.95
N PRO B 12 5.56 32.29 20.00
CA PRO B 12 4.21 32.26 19.43
C PRO B 12 3.93 30.98 18.61
N PRO B 13 2.67 30.64 18.35
CA PRO B 13 2.31 29.53 17.45
C PRO B 13 2.63 29.87 15.97
N PRO B 14 3.09 28.92 15.14
CA PRO B 14 3.47 29.16 13.74
C PRO B 14 2.34 29.79 12.89
N PRO B 15 2.66 30.67 11.92
CA PRO B 15 1.69 31.42 11.14
C PRO B 15 0.80 30.48 10.30
N THR B 16 -0.51 30.74 10.37
CA THR B 16 -1.61 30.09 9.63
C THR B 16 -1.49 28.56 9.52
N SER B 17 -1.02 27.92 10.61
CA SER B 17 -0.81 26.47 10.74
C SER B 17 -1.41 25.96 12.06
N GLY B 18 -2.01 24.77 12.05
CA GLY B 18 -2.70 24.17 13.20
C GLY B 18 -4.22 24.46 13.28
N GLN B 19 -4.87 24.75 12.15
CA GLN B 19 -6.32 25.03 12.10
C GLN B 19 -7.20 23.78 12.28
N ALA B 20 -8.44 24.01 12.72
CA ALA B 20 -9.52 23.03 12.80
C ALA B 20 -9.84 22.37 11.45
N SER B 21 -9.84 21.03 11.40
CA SER B 21 -10.12 20.23 10.20
C SER B 21 -11.60 19.85 10.03
N GLY B 22 -12.41 19.90 11.10
CA GLY B 22 -13.81 19.49 11.09
C GLY B 22 -13.99 17.97 10.94
N ALA B 23 -15.06 17.55 10.27
CA ALA B 23 -15.41 16.14 10.07
C ALA B 23 -14.39 15.36 9.22
N SER B 24 -14.39 14.04 9.35
CA SER B 24 -13.60 13.13 8.50
C SER B 24 -14.20 12.96 7.10
N ARG B 25 -13.35 12.85 6.07
CA ARG B 25 -13.71 12.48 4.70
C ARG B 25 -13.73 10.93 4.55
N PRO B 26 -14.51 10.35 3.62
CA PRO B 26 -14.58 8.91 3.42
C PRO B 26 -13.31 8.34 2.77
N LEU B 27 -13.14 7.02 2.83
CA LEU B 27 -12.13 6.26 2.09
C LEU B 27 -12.66 5.82 0.70
N PRO B 28 -11.77 5.50 -0.26
CA PRO B 28 -12.15 4.94 -1.55
C PRO B 28 -12.57 3.46 -1.47
N PRO B 29 -13.43 2.97 -2.38
CA PRO B 29 -13.90 1.60 -2.33
C PRO B 29 -12.81 0.55 -2.64
N ILE B 30 -11.71 0.89 -3.34
CA ILE B 30 -10.53 0.00 -3.44
C ILE B 30 -9.93 -0.29 -2.05
N ALA B 31 -9.91 0.71 -1.16
CA ALA B 31 -9.48 0.50 0.22
C ALA B 31 -10.46 -0.35 1.01
N GLN B 32 -11.76 -0.11 0.83
CA GLN B 32 -12.79 -0.93 1.46
C GLN B 32 -12.71 -2.40 1.01
N ALA B 33 -12.40 -2.65 -0.27
CA ALA B 33 -12.19 -3.98 -0.82
C ALA B 33 -10.92 -4.65 -0.28
N LEU B 34 -9.84 -3.90 -0.04
CA LEU B 34 -8.64 -4.42 0.65
C LEU B 34 -8.95 -4.78 2.10
N LYS B 35 -9.70 -3.95 2.84
CA LYS B 35 -10.14 -4.27 4.21
C LYS B 35 -10.95 -5.55 4.26
N ASP B 36 -11.87 -5.75 3.31
CA ASP B 36 -12.70 -6.94 3.18
C ASP B 36 -11.94 -8.18 2.69
N HIS B 37 -10.93 -8.02 1.83
CA HIS B 37 -10.03 -9.11 1.40
C HIS B 37 -9.13 -9.59 2.55
N LEU B 38 -8.65 -8.67 3.39
CA LEU B 38 -7.89 -8.99 4.60
C LEU B 38 -8.81 -9.58 5.67
N ALA B 39 -10.04 -9.09 5.79
CA ALA B 39 -11.03 -9.68 6.68
C ALA B 39 -11.42 -11.11 6.28
N ALA B 40 -11.41 -11.44 4.98
CA ALA B 40 -11.58 -12.81 4.50
C ALA B 40 -10.53 -13.77 5.05
N TYR B 41 -9.33 -13.25 5.36
CA TYR B 41 -8.26 -13.99 6.00
C TYR B 41 -8.45 -14.06 7.52
N GLU B 42 -8.75 -12.94 8.16
CA GLU B 42 -8.93 -12.84 9.61
C GLU B 42 -10.15 -13.61 10.15
N LEU B 43 -11.28 -13.59 9.44
CA LEU B 43 -12.43 -14.45 9.72
C LEU B 43 -12.07 -15.93 9.55
N SER B 44 -11.19 -16.22 8.58
CA SER B 44 -10.75 -17.59 8.29
C SER B 44 -9.80 -18.15 9.37
N LYS B 45 -9.07 -17.26 10.06
CA LYS B 45 -8.28 -17.57 11.27
C LYS B 45 -9.18 -17.79 12.49
N ALA B 46 -10.23 -16.98 12.62
CA ALA B 46 -11.16 -16.94 13.76
C ALA B 46 -10.46 -16.94 15.13
N SER B 47 -9.29 -16.29 15.21
CA SER B 47 -8.43 -16.28 16.40
C SER B 47 -7.46 -15.11 16.41
N GLU B 48 -7.21 -14.55 17.60
CA GLU B 48 -6.33 -13.39 17.85
C GLU B 48 -4.84 -13.74 17.90
N GLY A 1 21.94 -9.62 -5.83
CA GLY A 1 22.64 -10.83 -6.24
C GLY A 1 22.27 -11.25 -7.66
N SER A 2 22.37 -12.54 -7.96
CA SER A 2 22.19 -13.13 -9.29
C SER A 2 20.75 -13.33 -9.77
N HIS A 3 19.73 -13.07 -8.95
CA HIS A 3 18.31 -13.36 -9.28
C HIS A 3 17.55 -12.15 -9.87
N MET A 4 16.42 -12.44 -10.53
CA MET A 4 15.51 -11.47 -11.13
C MET A 4 14.08 -12.01 -11.17
N SER A 5 13.17 -11.41 -10.38
CA SER A 5 11.73 -11.73 -10.41
C SER A 5 11.09 -11.19 -11.69
N ASN A 6 10.54 -12.07 -12.54
CA ASN A 6 9.69 -11.68 -13.67
C ASN A 6 8.29 -11.29 -13.17
N PHE A 7 7.67 -10.32 -13.83
CA PHE A 7 6.40 -9.72 -13.43
C PHE A 7 5.46 -9.35 -14.57
N GLN A 8 4.17 -9.62 -14.34
CA GLN A 8 3.06 -9.12 -15.14
C GLN A 8 1.90 -8.74 -14.22
N HIS A 9 1.24 -7.61 -14.52
CA HIS A 9 0.16 -7.00 -13.74
C HIS A 9 0.51 -6.73 -12.27
N ILE A 10 1.74 -6.28 -12.03
CA ILE A 10 2.37 -5.86 -10.77
C ILE A 10 3.04 -4.48 -10.99
N GLY A 11 3.36 -3.73 -9.93
CA GLY A 11 4.06 -2.44 -10.01
C GLY A 11 5.39 -2.41 -9.27
N HIS A 12 5.92 -1.21 -9.01
CA HIS A 12 7.05 -1.00 -8.11
C HIS A 12 6.55 -1.13 -6.66
N VAL A 13 7.11 -2.07 -5.89
CA VAL A 13 6.66 -2.38 -4.52
C VAL A 13 7.73 -3.07 -3.70
N GLY A 14 8.13 -2.44 -2.59
CA GLY A 14 9.13 -2.93 -1.64
C GLY A 14 8.72 -4.11 -0.76
N TRP A 15 7.77 -4.93 -1.22
CA TRP A 15 7.34 -6.15 -0.54
C TRP A 15 8.20 -7.37 -0.91
N ASP A 16 8.63 -8.11 0.11
CA ASP A 16 9.29 -9.42 0.00
C ASP A 16 8.53 -10.50 0.82
N PRO A 17 8.40 -11.73 0.31
CA PRO A 17 7.69 -12.83 0.97
C PRO A 17 8.35 -13.29 2.29
N ASN A 18 9.60 -12.91 2.54
CA ASN A 18 10.36 -13.29 3.72
C ASN A 18 10.06 -12.44 4.97
N THR A 19 9.84 -11.14 4.80
CA THR A 19 9.70 -10.15 5.89
C THR A 19 8.63 -9.08 5.68
N GLY A 20 7.98 -9.11 4.51
CA GLY A 20 6.84 -8.28 4.17
C GLY A 20 7.21 -6.97 3.49
N PHE A 21 6.37 -5.94 3.66
CA PHE A 21 6.61 -4.60 3.12
C PHE A 21 7.78 -3.92 3.86
N ASP A 22 8.86 -3.65 3.14
CA ASP A 22 10.04 -2.97 3.69
C ASP A 22 9.81 -1.47 3.85
N LEU A 23 9.39 -1.07 5.04
CA LEU A 23 9.01 0.30 5.40
C LEU A 23 10.10 1.35 5.13
N ASN A 24 11.37 0.92 5.09
CA ASN A 24 12.51 1.76 4.73
C ASN A 24 12.43 2.33 3.30
N ASN A 25 11.85 1.57 2.35
CA ASN A 25 11.67 2.00 0.95
C ASN A 25 10.22 1.89 0.47
N LEU A 26 9.27 1.61 1.37
CA LEU A 26 7.86 1.45 1.04
C LEU A 26 7.29 2.73 0.40
N ASP A 27 6.66 2.55 -0.75
CA ASP A 27 6.12 3.61 -1.56
C ASP A 27 4.92 4.34 -0.92
N PRO A 28 4.76 5.64 -1.23
CA PRO A 28 3.77 6.50 -0.60
C PRO A 28 2.34 6.20 -1.02
N GLU A 29 2.08 5.86 -2.29
CA GLU A 29 0.78 5.34 -2.74
C GLU A 29 0.37 4.07 -1.97
N LEU A 30 1.33 3.20 -1.64
CA LEU A 30 1.06 2.00 -0.85
C LEU A 30 0.68 2.33 0.59
N LYS A 31 1.51 3.15 1.25
CA LYS A 31 1.26 3.64 2.62
C LYS A 31 -0.11 4.32 2.75
N ASN A 32 -0.54 5.04 1.71
CA ASN A 32 -1.84 5.70 1.68
C ASN A 32 -2.97 4.68 1.80
N LEU A 33 -3.00 3.70 0.88
CA LEU A 33 -4.04 2.68 0.81
C LEU A 33 -4.10 1.84 2.09
N PHE A 34 -2.93 1.53 2.65
CA PHE A 34 -2.85 0.73 3.86
C PHE A 34 -3.35 1.49 5.10
N ASP A 35 -3.10 2.80 5.20
CA ASP A 35 -3.55 3.61 6.35
C ASP A 35 -5.07 3.81 6.42
N MET A 36 -5.76 3.91 5.28
CA MET A 36 -7.23 3.91 5.19
C MET A 36 -7.83 2.52 5.49
N CYS A 37 -7.07 1.44 5.27
CA CYS A 37 -7.44 0.10 5.76
C CYS A 37 -7.15 -0.07 7.27
N GLY A 38 -6.25 0.74 7.82
CA GLY A 38 -5.86 0.75 9.24
C GLY A 38 -4.68 -0.17 9.57
N ILE A 39 -3.89 -0.55 8.56
CA ILE A 39 -2.79 -1.52 8.69
C ILE A 39 -1.60 -0.89 9.42
N SER A 40 -1.15 -1.55 10.48
CA SER A 40 0.02 -1.16 11.28
C SER A 40 1.34 -1.68 10.72
N GLU A 41 2.46 -1.16 11.23
CA GLU A 41 3.80 -1.66 10.95
C GLU A 41 3.93 -3.16 11.29
N ALA A 42 3.33 -3.61 12.39
CA ALA A 42 3.35 -5.01 12.79
C ALA A 42 2.68 -5.94 11.75
N GLN A 43 1.60 -5.49 11.11
CA GLN A 43 0.88 -6.25 10.09
C GLN A 43 1.56 -6.14 8.72
N LEU A 44 2.18 -5.00 8.43
CA LEU A 44 3.00 -4.76 7.24
C LEU A 44 4.33 -5.56 7.23
N LYS A 45 4.92 -5.77 8.42
CA LYS A 45 6.12 -6.60 8.65
C LYS A 45 5.78 -8.06 8.93
N ASP A 46 4.50 -8.38 9.13
CA ASP A 46 4.05 -9.76 9.21
C ASP A 46 4.16 -10.34 7.79
N ARG A 47 5.17 -11.17 7.50
CA ARG A 47 5.30 -11.87 6.21
C ARG A 47 4.09 -12.74 5.85
N GLU A 48 3.27 -13.11 6.83
CA GLU A 48 1.98 -13.78 6.62
C GLU A 48 0.81 -12.82 6.28
N THR A 49 0.69 -11.70 7.00
CA THR A 49 -0.41 -10.73 6.87
C THR A 49 -0.17 -9.80 5.68
N SER A 50 1.06 -9.29 5.52
CA SER A 50 1.51 -8.55 4.35
C SER A 50 1.29 -9.30 3.04
N LYS A 51 1.40 -10.64 3.02
CA LYS A 51 1.09 -11.48 1.86
C LYS A 51 -0.38 -11.34 1.48
N VAL A 52 -1.30 -11.44 2.45
CA VAL A 52 -2.74 -11.25 2.22
C VAL A 52 -3.03 -9.87 1.64
N ILE A 53 -2.40 -8.84 2.21
CA ILE A 53 -2.54 -7.44 1.76
C ILE A 53 -2.04 -7.29 0.31
N TYR A 54 -0.85 -7.82 0.03
CA TYR A 54 -0.22 -7.80 -1.30
C TYR A 54 -1.00 -8.60 -2.35
N ASP A 55 -1.59 -9.74 -1.98
CA ASP A 55 -2.35 -10.64 -2.87
C ASP A 55 -3.52 -9.92 -3.57
N PHE A 56 -4.10 -8.92 -2.89
CA PHE A 56 -5.13 -8.03 -3.39
C PHE A 56 -4.58 -6.99 -4.40
N ILE A 57 -3.35 -6.52 -4.20
CA ILE A 57 -2.69 -5.52 -5.06
C ILE A 57 -2.37 -6.12 -6.42
N GLU A 58 -1.65 -7.24 -6.48
CA GLU A 58 -1.35 -7.95 -7.74
C GLU A 58 -2.64 -8.42 -8.46
N LYS A 59 -3.75 -8.63 -7.73
CA LYS A 59 -5.09 -9.00 -8.25
C LYS A 59 -5.72 -7.91 -9.12
N THR A 60 -5.77 -6.67 -8.62
CA THR A 60 -6.35 -5.55 -9.38
C THR A 60 -5.49 -5.15 -10.57
N GLY A 61 -4.18 -5.44 -10.52
CA GLY A 61 -3.25 -4.99 -11.56
C GLY A 61 -1.93 -4.40 -11.05
N GLY A 62 -1.69 -4.46 -9.74
CA GLY A 62 -0.46 -3.99 -9.11
C GLY A 62 -0.57 -2.60 -8.49
N VAL A 63 0.57 -2.03 -8.10
CA VAL A 63 0.63 -0.68 -7.48
C VAL A 63 0.00 0.39 -8.39
N GLU A 64 0.08 0.19 -9.70
CA GLU A 64 -0.49 1.11 -10.70
C GLU A 64 -2.02 1.06 -10.72
N ALA A 65 -2.60 -0.13 -10.61
CA ALA A 65 -4.03 -0.33 -10.65
C ALA A 65 -4.74 0.20 -9.40
N VAL A 66 -4.17 -0.06 -8.22
CA VAL A 66 -4.65 0.54 -6.97
C VAL A 66 -4.52 2.06 -6.98
N LYS A 67 -3.46 2.64 -7.56
CA LYS A 67 -3.25 4.10 -7.71
C LYS A 67 -4.35 4.73 -8.56
N ASN A 68 -4.70 4.06 -9.65
CA ASN A 68 -5.79 4.50 -10.53
C ASN A 68 -7.16 4.55 -9.84
N GLU A 69 -7.43 3.66 -8.88
CA GLU A 69 -8.68 3.67 -8.08
C GLU A 69 -8.59 4.53 -6.82
N LEU A 70 -7.39 4.72 -6.28
CA LEU A 70 -7.08 5.65 -5.19
C LEU A 70 -7.45 7.09 -5.60
N ARG A 71 -7.28 7.46 -6.87
CA ARG A 71 -7.54 8.83 -7.33
C ARG A 71 -9.02 9.25 -7.27
N ARG A 72 -9.94 8.28 -7.05
CA ARG A 72 -11.40 8.48 -6.94
C ARG A 72 -11.85 9.27 -5.70
N GLN A 73 -10.98 9.41 -4.69
CA GLN A 73 -11.20 10.23 -3.48
C GLN A 73 -10.11 11.29 -3.30
N GLY B 1 30.27 -22.79 42.68
CA GLY B 1 29.78 -21.42 42.84
C GLY B 1 28.51 -21.23 42.03
N THR B 2 28.38 -20.07 41.38
CA THR B 2 27.21 -19.69 40.54
C THR B 2 25.88 -19.90 41.29
N VAL B 3 25.79 -19.41 42.54
CA VAL B 3 24.62 -19.59 43.40
C VAL B 3 23.42 -18.73 43.00
N ASN B 4 23.60 -17.78 42.09
CA ASN B 4 22.60 -16.98 41.37
C ASN B 4 23.20 -16.44 40.04
N PHE B 5 22.37 -15.99 39.09
CA PHE B 5 22.80 -15.48 37.78
C PHE B 5 22.58 -13.96 37.62
N LYS B 6 23.38 -13.30 36.78
CA LYS B 6 23.17 -11.89 36.38
C LYS B 6 22.08 -11.76 35.29
N PRO B 7 21.31 -10.66 35.26
CA PRO B 7 20.36 -10.35 34.20
C PRO B 7 21.04 -9.73 32.96
N SER B 8 20.27 -9.57 31.88
CA SER B 8 20.66 -8.80 30.69
C SER B 8 20.73 -7.28 30.93
N ARG B 9 21.32 -6.56 29.99
CA ARG B 9 21.42 -5.09 29.94
C ARG B 9 20.07 -4.43 29.59
N PRO B 10 19.81 -3.19 30.06
CA PRO B 10 18.55 -2.49 29.81
C PRO B 10 18.37 -2.06 28.34
N ALA B 11 17.11 -1.87 27.93
CA ALA B 11 16.72 -1.37 26.62
C ALA B 11 15.45 -0.48 26.68
N PRO B 12 15.30 0.52 25.79
CA PRO B 12 14.13 1.39 25.77
C PRO B 12 12.89 0.70 25.15
N PRO B 13 11.68 0.92 25.71
CA PRO B 13 10.43 0.45 25.12
C PRO B 13 10.11 1.13 23.77
N PRO B 14 9.12 0.62 22.99
CA PRO B 14 8.81 1.10 21.64
C PRO B 14 8.60 2.61 21.45
N PRO B 15 9.00 3.15 20.27
CA PRO B 15 8.85 4.56 19.93
C PRO B 15 7.41 4.98 19.61
N THR B 16 7.15 6.28 19.78
CA THR B 16 5.89 7.00 19.50
C THR B 16 5.61 7.20 18.00
N SER B 17 5.73 6.13 17.21
CA SER B 17 5.59 6.13 15.75
C SER B 17 4.18 6.55 15.30
N GLY B 18 4.07 7.46 14.33
CA GLY B 18 2.79 7.89 13.74
C GLY B 18 2.92 9.09 12.78
N GLN B 19 2.05 9.15 11.77
CA GLN B 19 2.00 10.17 10.71
C GLN B 19 0.60 10.21 10.06
N ALA B 20 0.07 11.41 9.77
CA ALA B 20 -1.30 11.58 9.25
C ALA B 20 -1.48 12.82 8.35
N SER B 21 -2.48 12.77 7.46
CA SER B 21 -2.89 13.88 6.58
C SER B 21 -3.52 15.06 7.36
N GLY B 22 -3.53 16.25 6.75
CA GLY B 22 -4.18 17.46 7.29
C GLY B 22 -5.72 17.45 7.28
N ALA B 23 -6.34 16.44 6.68
CA ALA B 23 -7.80 16.27 6.60
C ALA B 23 -8.26 14.85 7.02
N SER B 24 -9.54 14.71 7.34
CA SER B 24 -10.20 13.45 7.73
C SER B 24 -11.29 13.12 6.70
N ARG B 25 -10.88 12.85 5.44
CA ARG B 25 -11.78 12.54 4.32
C ARG B 25 -12.15 11.04 4.26
N PRO B 26 -13.32 10.65 3.72
CA PRO B 26 -13.69 9.25 3.50
C PRO B 26 -12.79 8.50 2.51
N LEU B 27 -12.65 7.19 2.72
CA LEU B 27 -11.81 6.30 1.90
C LEU B 27 -12.45 5.90 0.54
N PRO B 28 -11.62 5.52 -0.47
CA PRO B 28 -12.05 4.98 -1.76
C PRO B 28 -12.51 3.51 -1.67
N PRO B 29 -13.29 3.02 -2.64
CA PRO B 29 -13.84 1.65 -2.57
C PRO B 29 -12.78 0.56 -2.77
N ILE B 30 -11.66 0.84 -3.46
CA ILE B 30 -10.48 -0.03 -3.53
C ILE B 30 -9.92 -0.31 -2.13
N ALA B 31 -9.91 0.71 -1.25
CA ALA B 31 -9.48 0.55 0.13
C ALA B 31 -10.47 -0.26 0.97
N GLN B 32 -11.76 0.00 0.78
CA GLN B 32 -12.82 -0.78 1.43
C GLN B 32 -12.76 -2.27 1.05
N ALA B 33 -12.45 -2.56 -0.22
CA ALA B 33 -12.25 -3.91 -0.71
C ALA B 33 -10.98 -4.57 -0.16
N LEU B 34 -9.90 -3.80 0.08
CA LEU B 34 -8.71 -4.29 0.80
C LEU B 34 -9.10 -4.73 2.22
N LYS B 35 -9.86 -3.89 2.94
CA LYS B 35 -10.32 -4.18 4.32
C LYS B 35 -11.15 -5.47 4.39
N ASP B 36 -12.05 -5.67 3.43
CA ASP B 36 -12.84 -6.91 3.31
C ASP B 36 -12.00 -8.13 2.88
N HIS B 37 -11.00 -7.94 2.02
CA HIS B 37 -10.07 -8.99 1.61
C HIS B 37 -9.23 -9.51 2.79
N LEU B 38 -8.73 -8.59 3.62
CA LEU B 38 -7.95 -8.87 4.82
C LEU B 38 -8.82 -9.43 5.96
N ALA B 39 -10.10 -9.03 6.04
CA ALA B 39 -11.05 -9.57 7.01
C ALA B 39 -11.27 -11.09 6.86
N ALA B 40 -11.28 -11.60 5.62
CA ALA B 40 -11.37 -13.03 5.33
C ALA B 40 -10.22 -13.86 5.93
N TYR B 41 -9.06 -13.21 6.10
CA TYR B 41 -7.90 -13.76 6.77
C TYR B 41 -8.04 -13.68 8.29
N GLU B 42 -8.40 -12.50 8.82
CA GLU B 42 -8.56 -12.23 10.26
C GLU B 42 -9.58 -13.16 10.92
N LEU B 43 -10.77 -13.35 10.32
CA LEU B 43 -11.79 -14.26 10.83
C LEU B 43 -11.25 -15.70 10.92
N SER B 44 -10.38 -16.08 9.98
CA SER B 44 -9.82 -17.42 9.90
C SER B 44 -8.76 -17.70 10.97
N LYS B 45 -8.15 -16.65 11.57
CA LYS B 45 -7.21 -16.81 12.70
C LYS B 45 -7.88 -17.46 13.91
N ALA B 46 -9.19 -17.24 14.08
CA ALA B 46 -10.03 -17.85 15.11
C ALA B 46 -10.65 -19.23 14.74
N SER B 47 -10.15 -19.87 13.68
CA SER B 47 -10.46 -21.27 13.37
C SER B 47 -9.88 -22.18 14.46
N GLU B 48 -10.67 -23.16 14.90
CA GLU B 48 -10.37 -24.04 16.05
C GLU B 48 -10.61 -25.53 15.76
N GLY A 1 23.40 -9.77 -7.89
CA GLY A 1 22.93 -10.05 -9.26
C GLY A 1 21.45 -10.39 -9.27
N SER A 2 21.11 -11.64 -9.62
CA SER A 2 19.73 -12.12 -9.79
C SER A 2 18.81 -11.89 -8.57
N HIS A 3 17.60 -11.39 -8.84
CA HIS A 3 16.55 -11.08 -7.86
C HIS A 3 15.17 -10.86 -8.49
N MET A 4 15.08 -10.01 -9.52
CA MET A 4 13.81 -9.59 -10.15
C MET A 4 13.26 -10.53 -11.24
N SER A 5 11.96 -10.41 -11.53
CA SER A 5 11.20 -11.20 -12.52
C SER A 5 10.26 -10.34 -13.39
N ASN A 6 9.76 -10.93 -14.48
CA ASN A 6 8.88 -10.29 -15.47
C ASN A 6 7.42 -10.22 -14.96
N PHE A 7 6.66 -9.21 -15.38
CA PHE A 7 5.30 -8.93 -14.88
C PHE A 7 4.36 -8.28 -15.92
N GLN A 8 3.05 -8.33 -15.62
CA GLN A 8 1.98 -7.62 -16.33
C GLN A 8 0.98 -6.93 -15.38
N HIS A 9 0.76 -7.50 -14.18
CA HIS A 9 -0.22 -7.07 -13.16
C HIS A 9 0.46 -6.75 -11.81
N ILE A 10 1.71 -6.28 -11.85
CA ILE A 10 2.49 -5.88 -10.67
C ILE A 10 3.21 -4.55 -10.97
N GLY A 11 3.32 -3.69 -9.96
CA GLY A 11 4.02 -2.39 -10.04
C GLY A 11 5.29 -2.36 -9.22
N HIS A 12 5.82 -1.18 -8.94
CA HIS A 12 6.91 -0.97 -7.98
C HIS A 12 6.38 -1.19 -6.54
N VAL A 13 6.92 -2.18 -5.83
CA VAL A 13 6.53 -2.55 -4.45
C VAL A 13 7.73 -3.15 -3.68
N GLY A 14 8.09 -2.55 -2.54
CA GLY A 14 9.15 -2.95 -1.62
C GLY A 14 8.76 -4.13 -0.71
N TRP A 15 7.88 -5.00 -1.18
CA TRP A 15 7.37 -6.16 -0.47
C TRP A 15 8.19 -7.44 -0.75
N ASP A 16 8.32 -8.28 0.27
CA ASP A 16 8.97 -9.61 0.23
C ASP A 16 8.12 -10.68 0.93
N PRO A 17 8.04 -11.90 0.37
CA PRO A 17 7.35 -13.05 0.99
C PRO A 17 8.02 -13.53 2.29
N ASN A 18 9.24 -13.07 2.53
CA ASN A 18 10.10 -13.46 3.64
C ASN A 18 9.96 -12.56 4.88
N THR A 19 9.72 -11.26 4.68
CA THR A 19 9.72 -10.24 5.75
C THR A 19 8.68 -9.14 5.64
N GLY A 20 7.94 -9.14 4.52
CA GLY A 20 6.82 -8.24 4.25
C GLY A 20 7.20 -6.94 3.56
N PHE A 21 6.39 -5.91 3.73
CA PHE A 21 6.62 -4.57 3.17
C PHE A 21 7.77 -3.87 3.92
N ASP A 22 8.91 -3.67 3.25
CA ASP A 22 10.05 -2.95 3.82
C ASP A 22 9.75 -1.44 3.90
N LEU A 23 9.46 -0.94 5.11
CA LEU A 23 9.04 0.45 5.31
C LEU A 23 10.13 1.48 4.93
N ASN A 24 11.40 1.07 4.92
CA ASN A 24 12.54 1.84 4.41
C ASN A 24 12.50 2.08 2.89
N ASN A 25 11.69 1.30 2.15
CA ASN A 25 11.51 1.37 0.69
C ASN A 25 10.02 1.35 0.28
N LEU A 26 9.09 1.45 1.24
CA LEU A 26 7.66 1.40 0.98
C LEU A 26 7.20 2.70 0.30
N ASP A 27 6.49 2.57 -0.82
CA ASP A 27 5.98 3.70 -1.59
C ASP A 27 4.82 4.43 -0.90
N PRO A 28 4.64 5.74 -1.20
CA PRO A 28 3.69 6.60 -0.51
C PRO A 28 2.23 6.33 -0.88
N GLU A 29 1.95 5.89 -2.10
CA GLU A 29 0.63 5.39 -2.50
C GLU A 29 0.24 4.13 -1.73
N LEU A 30 1.20 3.24 -1.46
CA LEU A 30 0.98 2.01 -0.71
C LEU A 30 0.64 2.33 0.75
N LYS A 31 1.49 3.14 1.40
CA LYS A 31 1.27 3.66 2.76
C LYS A 31 -0.09 4.33 2.91
N ASN A 32 -0.55 5.06 1.89
CA ASN A 32 -1.86 5.70 1.88
C ASN A 32 -2.98 4.67 1.98
N LEU A 33 -3.02 3.72 1.03
CA LEU A 33 -4.06 2.69 0.94
C LEU A 33 -4.11 1.82 2.20
N PHE A 34 -2.94 1.52 2.75
CA PHE A 34 -2.84 0.72 3.96
C PHE A 34 -3.31 1.46 5.23
N ASP A 35 -3.06 2.77 5.33
CA ASP A 35 -3.50 3.55 6.50
C ASP A 35 -5.03 3.72 6.56
N MET A 36 -5.73 3.89 5.44
CA MET A 36 -7.20 3.85 5.39
C MET A 36 -7.76 2.45 5.74
N CYS A 37 -7.03 1.37 5.45
CA CYS A 37 -7.35 0.02 5.95
C CYS A 37 -6.95 -0.22 7.43
N GLY A 38 -6.17 0.68 8.03
CA GLY A 38 -5.77 0.67 9.44
C GLY A 38 -4.59 -0.24 9.74
N ILE A 39 -3.83 -0.61 8.70
CA ILE A 39 -2.72 -1.57 8.77
C ILE A 39 -1.52 -0.92 9.46
N SER A 40 -1.03 -1.55 10.53
CA SER A 40 0.13 -1.11 11.32
C SER A 40 1.46 -1.72 10.84
N GLU A 41 2.58 -1.21 11.35
CA GLU A 41 3.92 -1.79 11.07
C GLU A 41 3.97 -3.29 11.39
N ALA A 42 3.33 -3.72 12.48
CA ALA A 42 3.29 -5.14 12.88
C ALA A 42 2.66 -6.05 11.82
N GLN A 43 1.64 -5.54 11.11
CA GLN A 43 0.93 -6.24 10.04
C GLN A 43 1.70 -6.16 8.71
N LEU A 44 2.31 -5.00 8.44
CA LEU A 44 3.12 -4.75 7.24
C LEU A 44 4.42 -5.56 7.21
N LYS A 45 5.04 -5.75 8.39
CA LYS A 45 6.24 -6.58 8.59
C LYS A 45 5.89 -8.04 8.91
N ASP A 46 4.61 -8.35 9.08
CA ASP A 46 4.21 -9.75 9.20
C ASP A 46 4.34 -10.35 7.79
N ARG A 47 5.33 -11.21 7.55
CA ARG A 47 5.54 -11.86 6.25
C ARG A 47 4.34 -12.72 5.80
N GLU A 48 3.47 -13.08 6.75
CA GLU A 48 2.18 -13.73 6.53
C GLU A 48 1.03 -12.73 6.24
N THR A 49 0.83 -11.72 7.08
CA THR A 49 -0.29 -10.76 6.94
C THR A 49 -0.07 -9.83 5.74
N SER A 50 1.15 -9.33 5.56
CA SER A 50 1.57 -8.59 4.36
C SER A 50 1.36 -9.37 3.06
N LYS A 51 1.51 -10.71 3.05
CA LYS A 51 1.21 -11.54 1.88
C LYS A 51 -0.26 -11.43 1.49
N VAL A 52 -1.16 -11.52 2.48
CA VAL A 52 -2.60 -11.35 2.26
C VAL A 52 -2.89 -9.97 1.69
N ILE A 53 -2.32 -8.91 2.29
CA ILE A 53 -2.46 -7.51 1.84
C ILE A 53 -1.98 -7.35 0.38
N TYR A 54 -0.79 -7.87 0.09
CA TYR A 54 -0.17 -7.84 -1.24
C TYR A 54 -0.96 -8.61 -2.32
N ASP A 55 -1.53 -9.76 -1.98
CA ASP A 55 -2.27 -10.61 -2.94
C ASP A 55 -3.50 -9.91 -3.53
N PHE A 56 -4.05 -8.94 -2.81
CA PHE A 56 -5.10 -8.05 -3.29
C PHE A 56 -4.59 -7.00 -4.30
N ILE A 57 -3.36 -6.49 -4.10
CA ILE A 57 -2.75 -5.47 -4.94
C ILE A 57 -2.42 -6.04 -6.33
N GLU A 58 -1.71 -7.17 -6.37
CA GLU A 58 -1.40 -7.84 -7.65
C GLU A 58 -2.67 -8.34 -8.38
N LYS A 59 -3.78 -8.60 -7.68
CA LYS A 59 -5.08 -8.95 -8.28
C LYS A 59 -5.68 -7.86 -9.16
N THR A 60 -5.75 -6.63 -8.64
CA THR A 60 -6.34 -5.51 -9.39
C THR A 60 -5.47 -5.13 -10.60
N GLY A 61 -4.16 -5.37 -10.51
CA GLY A 61 -3.19 -4.95 -11.52
C GLY A 61 -1.84 -4.43 -10.99
N GLY A 62 -1.65 -4.42 -9.67
CA GLY A 62 -0.43 -3.97 -9.01
C GLY A 62 -0.56 -2.58 -8.39
N VAL A 63 0.58 -1.99 -7.99
CA VAL A 63 0.63 -0.65 -7.36
C VAL A 63 -0.01 0.43 -8.24
N GLU A 64 0.09 0.26 -9.55
CA GLU A 64 -0.49 1.20 -10.52
C GLU A 64 -2.02 1.12 -10.53
N ALA A 65 -2.57 -0.10 -10.50
CA ALA A 65 -4.00 -0.32 -10.58
C ALA A 65 -4.76 0.14 -9.34
N VAL A 66 -4.19 -0.07 -8.15
CA VAL A 66 -4.75 0.50 -6.92
C VAL A 66 -4.75 2.03 -6.96
N LYS A 67 -3.69 2.67 -7.49
CA LYS A 67 -3.58 4.14 -7.63
C LYS A 67 -4.65 4.70 -8.58
N ASN A 68 -4.89 3.98 -9.68
CA ASN A 68 -5.92 4.33 -10.66
C ASN A 68 -7.32 4.47 -10.04
N GLU A 69 -7.65 3.67 -9.02
CA GLU A 69 -8.90 3.76 -8.27
C GLU A 69 -8.82 4.74 -7.09
N LEU A 70 -7.65 4.87 -6.47
CA LEU A 70 -7.39 5.81 -5.37
C LEU A 70 -7.54 7.26 -5.83
N ARG A 71 -7.26 7.57 -7.12
CA ARG A 71 -7.33 8.95 -7.61
C ARG A 71 -8.75 9.47 -7.80
N ARG A 72 -9.76 8.58 -7.80
CA ARG A 72 -11.18 8.95 -7.93
C ARG A 72 -11.73 9.69 -6.71
N GLN A 73 -11.03 9.63 -5.57
CA GLN A 73 -11.29 10.43 -4.36
C GLN A 73 -10.07 11.30 -4.01
N GLY B 1 10.97 -12.53 -23.34
CA GLY B 1 11.52 -11.22 -23.68
C GLY B 1 13.01 -11.20 -23.43
N THR B 2 13.54 -10.13 -22.83
CA THR B 2 14.97 -9.99 -22.47
C THR B 2 15.19 -9.43 -21.06
N VAL B 3 16.25 -9.93 -20.39
CA VAL B 3 16.73 -9.49 -19.07
C VAL B 3 17.71 -8.29 -19.20
N ASN B 4 17.64 -7.34 -18.26
CA ASN B 4 18.53 -6.17 -18.19
C ASN B 4 19.06 -5.91 -16.76
N PHE B 5 20.18 -5.20 -16.62
CA PHE B 5 20.85 -4.92 -15.33
C PHE B 5 20.22 -3.77 -14.52
N LYS B 6 19.06 -3.25 -14.95
CA LYS B 6 18.31 -2.14 -14.36
C LYS B 6 16.80 -2.45 -14.42
N PRO B 7 15.96 -1.93 -13.48
CA PRO B 7 14.50 -2.02 -13.55
C PRO B 7 13.91 -1.45 -14.86
N SER B 8 12.62 -1.70 -15.13
CA SER B 8 11.97 -1.30 -16.40
C SER B 8 12.08 0.20 -16.70
N ARG B 9 11.77 1.05 -15.71
CA ARG B 9 11.87 2.53 -15.72
C ARG B 9 12.12 3.05 -14.30
N PRO B 10 12.73 4.23 -14.11
CA PRO B 10 12.84 4.88 -12.80
C PRO B 10 11.47 5.36 -12.31
N ALA B 11 11.33 5.61 -11.00
CA ALA B 11 10.06 6.07 -10.41
C ALA B 11 9.89 7.60 -10.48
N PRO B 12 8.79 8.13 -11.07
CA PRO B 12 8.55 9.57 -11.14
C PRO B 12 8.08 10.16 -9.79
N PRO B 13 8.37 11.45 -9.50
CA PRO B 13 7.85 12.18 -8.35
C PRO B 13 6.30 12.29 -8.33
N PRO B 14 5.61 11.94 -7.23
CA PRO B 14 4.15 12.09 -7.12
C PRO B 14 3.71 13.57 -7.20
N PRO B 15 2.56 13.87 -7.85
CA PRO B 15 2.12 15.23 -8.12
C PRO B 15 1.88 16.12 -6.89
N THR B 16 1.94 17.44 -7.09
CA THR B 16 1.74 18.47 -6.06
C THR B 16 0.24 18.71 -5.82
N SER B 17 -0.33 18.08 -4.78
CA SER B 17 -1.78 18.12 -4.49
C SER B 17 -2.34 19.44 -3.91
N GLY B 18 -1.54 20.50 -3.79
CA GLY B 18 -2.00 21.84 -3.41
C GLY B 18 -2.16 22.01 -1.90
N GLN B 19 -3.26 21.50 -1.32
CA GLN B 19 -3.53 21.48 0.13
C GLN B 19 -4.61 20.43 0.48
N ALA B 20 -4.61 19.93 1.72
CA ALA B 20 -5.55 18.93 2.22
C ALA B 20 -6.98 19.48 2.48
N SER B 21 -7.99 18.67 2.14
CA SER B 21 -9.39 18.93 2.48
C SER B 21 -9.64 18.91 3.99
N GLY B 22 -10.53 19.80 4.46
CA GLY B 22 -10.99 19.83 5.86
C GLY B 22 -12.13 18.84 6.16
N ALA B 23 -12.77 18.29 5.13
CA ALA B 23 -13.93 17.40 5.27
C ALA B 23 -13.52 15.97 5.67
N SER B 24 -14.28 15.37 6.59
CA SER B 24 -14.06 14.00 7.13
C SER B 24 -14.55 12.90 6.17
N ARG B 25 -14.15 13.02 4.91
CA ARG B 25 -14.53 12.19 3.76
C ARG B 25 -14.18 10.70 3.95
N PRO B 26 -14.99 9.77 3.42
CA PRO B 26 -14.74 8.33 3.54
C PRO B 26 -13.53 7.87 2.69
N LEU B 27 -13.07 6.65 2.94
CA LEU B 27 -12.07 5.96 2.12
C LEU B 27 -12.63 5.53 0.74
N PRO B 28 -11.76 5.27 -0.25
CA PRO B 28 -12.15 4.75 -1.57
C PRO B 28 -12.56 3.27 -1.53
N PRO B 29 -13.37 2.79 -2.47
CA PRO B 29 -13.87 1.42 -2.45
C PRO B 29 -12.78 0.36 -2.69
N ILE B 30 -11.68 0.70 -3.37
CA ILE B 30 -10.48 -0.16 -3.48
C ILE B 30 -9.88 -0.43 -2.08
N ALA B 31 -9.90 0.57 -1.20
CA ALA B 31 -9.46 0.39 0.19
C ALA B 31 -10.44 -0.42 1.02
N GLN B 32 -11.74 -0.18 0.83
CA GLN B 32 -12.79 -0.95 1.50
C GLN B 32 -12.70 -2.45 1.16
N ALA B 33 -12.41 -2.77 -0.10
CA ALA B 33 -12.23 -4.14 -0.55
C ALA B 33 -10.96 -4.79 0.04
N LEU B 34 -9.89 -4.00 0.26
CA LEU B 34 -8.69 -4.43 0.98
C LEU B 34 -9.04 -4.82 2.43
N LYS B 35 -9.79 -3.97 3.14
CA LYS B 35 -10.19 -4.23 4.53
C LYS B 35 -10.94 -5.54 4.68
N ASP B 36 -11.89 -5.83 3.79
CA ASP B 36 -12.61 -7.10 3.77
C ASP B 36 -11.69 -8.28 3.41
N HIS B 37 -10.84 -8.12 2.38
CA HIS B 37 -9.90 -9.15 1.94
C HIS B 37 -8.95 -9.60 3.06
N LEU B 38 -8.50 -8.65 3.89
CA LEU B 38 -7.64 -8.89 5.04
C LEU B 38 -8.43 -9.33 6.28
N ALA B 39 -9.65 -8.82 6.49
CA ALA B 39 -10.51 -9.26 7.58
C ALA B 39 -10.91 -10.75 7.43
N ALA B 40 -11.12 -11.21 6.20
CA ALA B 40 -11.35 -12.63 5.89
C ALA B 40 -10.23 -13.54 6.42
N TYR B 41 -9.01 -13.02 6.49
CA TYR B 41 -7.84 -13.70 7.04
C TYR B 41 -7.79 -13.58 8.57
N GLU B 42 -7.97 -12.37 9.10
CA GLU B 42 -7.92 -12.10 10.55
C GLU B 42 -9.02 -12.83 11.34
N LEU B 43 -10.24 -12.86 10.81
CA LEU B 43 -11.37 -13.61 11.40
C LEU B 43 -11.09 -15.12 11.39
N SER B 44 -10.34 -15.59 10.38
CA SER B 44 -9.95 -17.00 10.26
C SER B 44 -8.96 -17.43 11.35
N LYS B 45 -8.14 -16.49 11.87
CA LYS B 45 -7.29 -16.70 13.06
C LYS B 45 -8.09 -16.96 14.34
N ALA B 46 -9.34 -16.51 14.37
CA ALA B 46 -10.33 -16.68 15.44
C ALA B 46 -11.54 -17.55 15.02
N SER B 47 -11.36 -18.41 14.02
CA SER B 47 -12.43 -19.24 13.42
C SER B 47 -13.11 -20.18 14.42
N GLU B 48 -14.44 -20.29 14.28
CA GLU B 48 -15.38 -21.03 15.13
C GLU B 48 -15.05 -22.51 15.33
N GLY A 1 5.48 4.73 -25.58
CA GLY A 1 6.90 4.39 -25.71
C GLY A 1 7.14 2.95 -25.31
N SER A 2 8.33 2.43 -25.63
CA SER A 2 8.74 1.10 -25.16
C SER A 2 9.17 1.13 -23.70
N HIS A 3 8.59 0.22 -22.91
CA HIS A 3 8.93 0.02 -21.49
C HIS A 3 10.05 -1.01 -21.33
N MET A 4 10.38 -1.39 -20.10
CA MET A 4 11.43 -2.37 -19.78
C MET A 4 11.00 -3.42 -18.73
N SER A 5 10.02 -3.11 -17.89
CA SER A 5 9.50 -4.02 -16.85
C SER A 5 8.94 -5.32 -17.44
N ASN A 6 9.30 -6.47 -16.86
CA ASN A 6 8.75 -7.78 -17.24
C ASN A 6 7.28 -7.92 -16.79
N PHE A 7 6.93 -7.34 -15.63
CA PHE A 7 5.57 -7.32 -15.09
C PHE A 7 4.64 -6.31 -15.80
N GLN A 8 3.34 -6.61 -15.77
CA GLN A 8 2.26 -5.76 -16.28
C GLN A 8 1.08 -5.64 -15.31
N HIS A 9 0.85 -6.66 -14.47
CA HIS A 9 -0.19 -6.67 -13.43
C HIS A 9 0.41 -6.61 -12.01
N ILE A 10 1.63 -6.08 -11.91
CA ILE A 10 2.36 -5.71 -10.69
C ILE A 10 2.89 -4.28 -10.91
N GLY A 11 3.39 -3.60 -9.87
CA GLY A 11 4.08 -2.32 -10.01
C GLY A 11 5.30 -2.22 -9.08
N HIS A 12 5.89 -1.04 -9.00
CA HIS A 12 7.03 -0.73 -8.10
C HIS A 12 6.64 -0.87 -6.62
N VAL A 13 7.10 -1.95 -5.95
CA VAL A 13 6.73 -2.31 -4.56
C VAL A 13 7.87 -2.97 -3.76
N GLY A 14 8.11 -2.47 -2.55
CA GLY A 14 9.17 -2.90 -1.62
C GLY A 14 8.88 -4.19 -0.85
N TRP A 15 7.98 -5.05 -1.35
CA TRP A 15 7.52 -6.26 -0.67
C TRP A 15 8.40 -7.51 -0.88
N ASP A 16 8.45 -8.41 0.11
CA ASP A 16 9.10 -9.74 0.06
C ASP A 16 8.37 -10.78 0.93
N PRO A 17 8.27 -12.05 0.48
CA PRO A 17 7.51 -13.13 1.14
C PRO A 17 8.12 -13.62 2.47
N ASN A 18 9.30 -13.10 2.84
CA ASN A 18 10.04 -13.46 4.06
C ASN A 18 9.76 -12.53 5.26
N THR A 19 9.51 -11.24 4.99
CA THR A 19 9.39 -10.17 5.99
C THR A 19 8.31 -9.13 5.71
N GLY A 20 7.69 -9.20 4.53
CA GLY A 20 6.56 -8.34 4.15
C GLY A 20 7.00 -7.08 3.40
N PHE A 21 6.28 -5.98 3.61
CA PHE A 21 6.61 -4.67 3.05
C PHE A 21 7.78 -4.02 3.80
N ASP A 22 8.87 -3.73 3.09
CA ASP A 22 10.01 -2.97 3.65
C ASP A 22 9.72 -1.46 3.69
N LEU A 23 9.42 -0.95 4.88
CA LEU A 23 9.00 0.43 5.16
C LEU A 23 10.04 1.50 4.74
N ASN A 24 11.31 1.12 4.61
CA ASN A 24 12.39 2.02 4.14
C ASN A 24 12.34 2.27 2.62
N ASN A 25 11.78 1.33 1.85
CA ASN A 25 11.60 1.41 0.39
C ASN A 25 10.11 1.49 -0.02
N LEU A 26 9.21 1.55 0.95
CA LEU A 26 7.76 1.54 0.75
C LEU A 26 7.27 2.85 0.08
N ASP A 27 6.60 2.74 -1.06
CA ASP A 27 6.05 3.86 -1.84
C ASP A 27 4.93 4.59 -1.08
N PRO A 28 4.77 5.90 -1.31
CA PRO A 28 3.85 6.74 -0.55
C PRO A 28 2.38 6.38 -0.75
N GLU A 29 2.00 5.95 -1.96
CA GLU A 29 0.68 5.45 -2.29
C GLU A 29 0.33 4.22 -1.43
N LEU A 30 1.28 3.28 -1.28
CA LEU A 30 1.06 2.02 -0.58
C LEU A 30 0.78 2.29 0.90
N LYS A 31 1.63 3.09 1.57
CA LYS A 31 1.33 3.57 2.93
C LYS A 31 -0.04 4.24 3.01
N ASN A 32 -0.44 5.00 2.00
CA ASN A 32 -1.73 5.69 2.00
C ASN A 32 -2.90 4.71 1.98
N LEU A 33 -2.90 3.76 1.03
CA LEU A 33 -3.93 2.73 0.91
C LEU A 33 -4.02 1.88 2.17
N PHE A 34 -2.87 1.51 2.72
CA PHE A 34 -2.81 0.68 3.91
C PHE A 34 -3.32 1.41 5.17
N ASP A 35 -3.07 2.71 5.30
CA ASP A 35 -3.52 3.50 6.45
C ASP A 35 -5.05 3.69 6.47
N MET A 36 -5.70 3.90 5.32
CA MET A 36 -7.18 3.89 5.22
C MET A 36 -7.76 2.50 5.52
N CYS A 37 -7.02 1.42 5.22
CA CYS A 37 -7.38 0.07 5.65
C CYS A 37 -7.09 -0.24 7.14
N GLY A 38 -6.29 0.61 7.80
CA GLY A 38 -5.99 0.57 9.24
C GLY A 38 -4.82 -0.33 9.60
N ILE A 39 -3.97 -0.64 8.62
CA ILE A 39 -2.85 -1.59 8.72
C ILE A 39 -1.66 -0.92 9.43
N SER A 40 -1.20 -1.53 10.52
CA SER A 40 -0.04 -1.07 11.31
C SER A 40 1.29 -1.69 10.84
N GLU A 41 2.40 -1.19 11.39
CA GLU A 41 3.74 -1.76 11.17
C GLU A 41 3.79 -3.25 11.53
N ALA A 42 3.08 -3.66 12.59
CA ALA A 42 3.01 -5.06 13.00
C ALA A 42 2.49 -5.99 11.89
N GLN A 43 1.54 -5.49 11.10
CA GLN A 43 0.92 -6.19 9.98
C GLN A 43 1.81 -6.12 8.72
N LEU A 44 2.41 -4.94 8.46
CA LEU A 44 3.30 -4.69 7.32
C LEU A 44 4.68 -5.38 7.43
N LYS A 45 5.10 -5.68 8.66
CA LYS A 45 6.26 -6.52 8.98
C LYS A 45 5.87 -7.97 9.25
N ASP A 46 4.57 -8.31 9.24
CA ASP A 46 4.13 -9.70 9.28
C ASP A 46 4.27 -10.22 7.85
N ARG A 47 5.18 -11.17 7.60
CA ARG A 47 5.35 -11.76 6.26
C ARG A 47 4.06 -12.41 5.74
N GLU A 48 3.28 -12.96 6.67
CA GLU A 48 1.99 -13.61 6.41
C GLU A 48 0.88 -12.59 6.13
N THR A 49 0.70 -11.60 7.00
CA THR A 49 -0.36 -10.60 6.83
C THR A 49 -0.07 -9.72 5.62
N SER A 50 1.20 -9.31 5.44
CA SER A 50 1.65 -8.63 4.22
C SER A 50 1.46 -9.43 2.94
N LYS A 51 1.53 -10.78 2.96
CA LYS A 51 1.19 -11.60 1.80
C LYS A 51 -0.28 -11.40 1.45
N VAL A 52 -1.20 -11.49 2.43
CA VAL A 52 -2.63 -11.27 2.20
C VAL A 52 -2.88 -9.88 1.61
N ILE A 53 -2.27 -8.85 2.19
CA ILE A 53 -2.39 -7.46 1.73
C ILE A 53 -1.90 -7.31 0.28
N TYR A 54 -0.68 -7.81 0.01
CA TYR A 54 -0.07 -7.78 -1.32
C TYR A 54 -0.84 -8.59 -2.38
N ASP A 55 -1.43 -9.73 -1.99
CA ASP A 55 -2.19 -10.61 -2.88
C ASP A 55 -3.38 -9.89 -3.54
N PHE A 56 -3.96 -8.92 -2.83
CA PHE A 56 -5.01 -8.04 -3.32
C PHE A 56 -4.51 -7.02 -4.35
N ILE A 57 -3.28 -6.54 -4.18
CA ILE A 57 -2.65 -5.53 -5.05
C ILE A 57 -2.30 -6.14 -6.39
N GLU A 58 -1.54 -7.24 -6.40
CA GLU A 58 -1.16 -7.93 -7.65
C GLU A 58 -2.37 -8.57 -8.37
N LYS A 59 -3.51 -8.74 -7.68
CA LYS A 59 -4.81 -9.14 -8.26
C LYS A 59 -5.41 -8.06 -9.17
N THR A 60 -5.51 -6.82 -8.69
CA THR A 60 -6.17 -5.75 -9.46
C THR A 60 -5.32 -5.33 -10.66
N GLY A 61 -4.00 -5.49 -10.55
CA GLY A 61 -3.06 -5.00 -11.56
C GLY A 61 -1.77 -4.39 -11.01
N GLY A 62 -1.55 -4.45 -9.69
CA GLY A 62 -0.35 -3.96 -9.03
C GLY A 62 -0.54 -2.58 -8.42
N VAL A 63 0.58 -1.95 -8.02
CA VAL A 63 0.60 -0.60 -7.44
C VAL A 63 -0.07 0.41 -8.38
N GLU A 64 0.05 0.21 -9.70
CA GLU A 64 -0.56 1.13 -10.67
C GLU A 64 -2.10 1.11 -10.65
N ALA A 65 -2.65 -0.10 -10.52
CA ALA A 65 -4.07 -0.37 -10.59
C ALA A 65 -4.81 0.09 -9.34
N VAL A 66 -4.21 -0.15 -8.17
CA VAL A 66 -4.72 0.45 -6.93
C VAL A 66 -4.60 1.98 -6.95
N LYS A 67 -3.51 2.54 -7.50
CA LYS A 67 -3.29 4.00 -7.58
C LYS A 67 -4.40 4.66 -8.38
N ASN A 68 -4.74 4.08 -9.53
CA ASN A 68 -5.81 4.60 -10.39
C ASN A 68 -7.16 4.68 -9.67
N GLU A 69 -7.50 3.64 -8.91
CA GLU A 69 -8.77 3.55 -8.17
C GLU A 69 -8.80 4.43 -6.92
N LEU A 70 -7.65 4.59 -6.26
CA LEU A 70 -7.48 5.52 -5.15
C LEU A 70 -7.70 6.95 -5.65
N ARG A 71 -7.13 7.31 -6.81
CA ARG A 71 -7.22 8.67 -7.36
C ARG A 71 -8.62 9.08 -7.81
N ARG A 72 -9.49 8.14 -8.20
CA ARG A 72 -10.91 8.40 -8.52
C ARG A 72 -11.82 8.57 -7.29
N GLN A 73 -11.28 8.39 -6.06
CA GLN A 73 -11.88 8.70 -4.74
C GLN A 73 -13.40 8.42 -4.61
N GLY B 1 1.92 -35.81 -33.53
CA GLY B 1 1.88 -35.56 -32.09
C GLY B 1 1.56 -34.11 -31.80
N THR B 2 2.57 -33.30 -31.45
CA THR B 2 2.45 -31.86 -31.18
C THR B 2 2.58 -31.01 -32.45
N VAL B 3 2.12 -29.75 -32.38
CA VAL B 3 2.26 -28.74 -33.45
C VAL B 3 3.27 -27.64 -33.15
N ASN B 4 3.67 -27.47 -31.87
CA ASN B 4 4.73 -26.56 -31.42
C ASN B 4 4.46 -25.08 -31.80
N PHE B 5 3.24 -24.61 -31.53
CA PHE B 5 2.73 -23.29 -31.94
C PHE B 5 2.61 -22.30 -30.76
N LYS B 6 3.04 -21.03 -30.95
CA LYS B 6 2.97 -19.95 -29.94
C LYS B 6 2.11 -18.74 -30.38
N PRO B 7 0.78 -18.90 -30.57
CA PRO B 7 -0.10 -17.83 -31.08
C PRO B 7 -0.30 -16.61 -30.16
N SER B 8 0.28 -16.58 -28.96
CA SER B 8 0.21 -15.47 -28.00
C SER B 8 0.78 -14.14 -28.55
N ARG B 9 0.09 -13.01 -28.28
CA ARG B 9 0.53 -11.63 -28.60
C ARG B 9 0.36 -10.72 -27.37
N PRO B 10 1.29 -9.79 -27.08
CA PRO B 10 1.14 -8.84 -25.97
C PRO B 10 0.00 -7.86 -26.25
N ALA B 11 -0.71 -7.42 -25.21
CA ALA B 11 -1.90 -6.58 -25.38
C ALA B 11 -1.61 -5.07 -25.60
N PRO B 12 -2.46 -4.35 -26.36
CA PRO B 12 -2.39 -2.88 -26.49
C PRO B 12 -2.63 -2.17 -25.14
N PRO B 13 -2.04 -0.97 -24.93
CA PRO B 13 -2.13 -0.25 -23.66
C PRO B 13 -3.54 0.32 -23.36
N PRO B 14 -3.86 0.57 -22.07
CA PRO B 14 -5.10 1.24 -21.67
C PRO B 14 -5.07 2.77 -21.91
N PRO B 15 -6.23 3.46 -21.91
CA PRO B 15 -6.34 4.91 -22.14
C PRO B 15 -5.57 5.81 -21.16
N THR B 16 -5.21 7.01 -21.63
CA THR B 16 -4.36 7.99 -20.92
C THR B 16 -4.98 8.41 -19.58
N SER B 17 -4.38 7.92 -18.49
CA SER B 17 -4.85 8.09 -17.10
C SER B 17 -3.77 8.62 -16.15
N GLY B 18 -4.18 9.38 -15.12
CA GLY B 18 -3.29 10.00 -14.13
C GLY B 18 -3.89 11.22 -13.40
N GLN B 19 -5.19 11.20 -13.09
CA GLN B 19 -5.90 12.34 -12.50
C GLN B 19 -5.42 12.74 -11.10
N ALA B 20 -5.67 14.01 -10.73
CA ALA B 20 -5.41 14.55 -9.40
C ALA B 20 -6.37 13.99 -8.32
N SER B 21 -5.90 14.00 -7.07
CA SER B 21 -6.62 13.57 -5.86
C SER B 21 -6.13 14.34 -4.63
N GLY B 22 -6.86 14.27 -3.51
CA GLY B 22 -6.52 15.01 -2.28
C GLY B 22 -7.71 15.35 -1.35
N ALA B 23 -8.95 15.21 -1.79
CA ALA B 23 -10.14 15.52 -1.00
C ALA B 23 -10.23 14.69 0.30
N SER B 24 -10.69 15.30 1.40
CA SER B 24 -10.78 14.70 2.75
C SER B 24 -12.00 13.79 2.96
N ARG B 25 -12.60 13.32 1.86
CA ARG B 25 -13.75 12.41 1.81
C ARG B 25 -13.44 11.02 2.42
N PRO B 26 -14.47 10.23 2.80
CA PRO B 26 -14.31 8.82 3.20
C PRO B 26 -13.49 7.99 2.19
N LEU B 27 -12.92 6.87 2.63
CA LEU B 27 -12.00 6.05 1.84
C LEU B 27 -12.56 5.59 0.46
N PRO B 28 -11.70 5.31 -0.54
CA PRO B 28 -12.08 4.73 -1.83
C PRO B 28 -12.49 3.25 -1.72
N PRO B 29 -13.29 2.73 -2.67
CA PRO B 29 -13.77 1.36 -2.61
C PRO B 29 -12.67 0.31 -2.84
N ILE B 30 -11.57 0.65 -3.54
CA ILE B 30 -10.39 -0.23 -3.62
C ILE B 30 -9.81 -0.50 -2.22
N ALA B 31 -9.81 0.51 -1.35
CA ALA B 31 -9.39 0.34 0.03
C ALA B 31 -10.41 -0.48 0.84
N GLN B 32 -11.69 -0.22 0.62
CA GLN B 32 -12.77 -1.00 1.24
C GLN B 32 -12.68 -2.49 0.88
N ALA B 33 -12.36 -2.80 -0.37
CA ALA B 33 -12.17 -4.17 -0.85
C ALA B 33 -10.91 -4.82 -0.24
N LEU B 34 -9.82 -4.06 -0.04
CA LEU B 34 -8.63 -4.52 0.69
C LEU B 34 -8.96 -4.80 2.17
N LYS B 35 -9.74 -3.94 2.85
CA LYS B 35 -10.23 -4.20 4.20
C LYS B 35 -11.04 -5.50 4.28
N ASP B 36 -11.93 -5.74 3.31
CA ASP B 36 -12.73 -6.98 3.25
C ASP B 36 -11.84 -8.21 3.03
N HIS B 37 -10.86 -8.11 2.12
CA HIS B 37 -9.93 -9.19 1.76
C HIS B 37 -8.98 -9.56 2.89
N LEU B 38 -8.54 -8.57 3.68
CA LEU B 38 -7.72 -8.77 4.87
C LEU B 38 -8.57 -9.24 6.06
N ALA B 39 -9.81 -8.75 6.19
CA ALA B 39 -10.73 -9.23 7.21
C ALA B 39 -11.11 -10.71 7.00
N ALA B 40 -11.24 -11.16 5.75
CA ALA B 40 -11.43 -12.57 5.41
C ALA B 40 -10.33 -13.49 5.96
N TYR B 41 -9.13 -12.94 6.15
CA TYR B 41 -7.99 -13.62 6.76
C TYR B 41 -8.06 -13.57 8.30
N GLU B 42 -8.26 -12.39 8.86
CA GLU B 42 -8.27 -12.18 10.32
C GLU B 42 -9.46 -12.85 11.01
N LEU B 43 -10.65 -12.80 10.41
CA LEU B 43 -11.83 -13.51 10.89
C LEU B 43 -11.57 -15.01 10.90
N SER B 44 -10.88 -15.52 9.88
CA SER B 44 -10.66 -16.96 9.72
C SER B 44 -9.72 -17.53 10.78
N LYS B 45 -8.79 -16.70 11.27
CA LYS B 45 -7.93 -17.03 12.42
C LYS B 45 -8.77 -17.04 13.70
N ALA B 46 -9.62 -16.01 13.88
CA ALA B 46 -10.57 -15.88 14.98
C ALA B 46 -11.90 -16.65 14.78
N SER B 47 -11.87 -17.79 14.10
CA SER B 47 -13.04 -18.65 13.82
C SER B 47 -12.86 -20.08 14.34
N GLU B 48 -13.98 -20.80 14.43
CA GLU B 48 -14.14 -22.19 14.87
C GLU B 48 -14.92 -23.03 13.84
N GLY A 1 12.57 9.55 -13.41
CA GLY A 1 11.86 8.55 -14.21
C GLY A 1 12.15 7.12 -13.76
N SER A 2 12.06 6.19 -14.71
CA SER A 2 12.27 4.74 -14.51
C SER A 2 13.76 4.34 -14.43
N HIS A 3 14.06 3.30 -13.64
CA HIS A 3 15.38 2.63 -13.60
C HIS A 3 15.30 1.11 -13.38
N MET A 4 14.14 0.58 -12.97
CA MET A 4 13.90 -0.85 -12.68
C MET A 4 12.52 -1.28 -13.21
N SER A 5 12.47 -2.40 -13.93
CA SER A 5 11.23 -2.91 -14.57
C SER A 5 10.36 -3.74 -13.62
N ASN A 6 9.06 -3.80 -13.91
CA ASN A 6 8.05 -4.56 -13.14
C ASN A 6 7.15 -5.41 -14.07
N PHE A 7 6.55 -6.46 -13.53
CA PHE A 7 5.60 -7.31 -14.26
C PHE A 7 4.30 -6.60 -14.63
N GLN A 8 3.62 -7.05 -15.71
CA GLN A 8 2.43 -6.37 -16.25
C GLN A 8 1.25 -6.17 -15.27
N HIS A 9 1.12 -7.02 -14.25
CA HIS A 9 0.15 -6.86 -13.15
C HIS A 9 0.80 -6.48 -11.80
N ILE A 10 1.98 -5.85 -11.84
CA ILE A 10 2.79 -5.46 -10.67
C ILE A 10 3.46 -4.09 -10.89
N GLY A 11 3.62 -3.34 -9.81
CA GLY A 11 4.31 -2.06 -9.80
C GLY A 11 5.62 -2.07 -9.03
N HIS A 12 6.13 -0.88 -8.77
CA HIS A 12 7.24 -0.63 -7.85
C HIS A 12 6.72 -0.85 -6.41
N VAL A 13 7.30 -1.83 -5.71
CA VAL A 13 6.87 -2.26 -4.37
C VAL A 13 7.98 -2.96 -3.59
N GLY A 14 8.25 -2.47 -2.39
CA GLY A 14 9.32 -2.97 -1.49
C GLY A 14 9.01 -4.26 -0.74
N TRP A 15 7.99 -5.01 -1.17
CA TRP A 15 7.50 -6.21 -0.49
C TRP A 15 8.34 -7.47 -0.76
N ASP A 16 8.48 -8.33 0.26
CA ASP A 16 9.12 -9.65 0.23
C ASP A 16 8.23 -10.69 0.94
N PRO A 17 8.15 -11.93 0.43
CA PRO A 17 7.33 -13.02 1.01
C PRO A 17 7.85 -13.51 2.38
N ASN A 18 9.07 -13.11 2.73
CA ASN A 18 9.83 -13.51 3.91
C ASN A 18 9.59 -12.61 5.14
N THR A 19 9.42 -11.30 4.91
CA THR A 19 9.33 -10.29 5.97
C THR A 19 8.20 -9.28 5.81
N GLY A 20 7.58 -9.25 4.64
CA GLY A 20 6.50 -8.34 4.30
C GLY A 20 7.00 -7.08 3.59
N PHE A 21 6.27 -5.98 3.76
CA PHE A 21 6.62 -4.67 3.18
C PHE A 21 7.86 -4.06 3.88
N ASP A 22 8.99 -3.98 3.18
CA ASP A 22 10.20 -3.33 3.70
C ASP A 22 10.00 -1.82 3.75
N LEU A 23 9.65 -1.30 4.94
CA LEU A 23 9.29 0.11 5.15
C LEU A 23 10.38 1.10 4.73
N ASN A 24 11.66 0.68 4.79
CA ASN A 24 12.80 1.44 4.27
C ASN A 24 12.74 1.71 2.75
N ASN A 25 12.06 0.84 2.01
CA ASN A 25 11.88 0.88 0.56
C ASN A 25 10.40 1.01 0.12
N LEU A 26 9.48 1.06 1.09
CA LEU A 26 8.04 1.16 0.87
C LEU A 26 7.63 2.54 0.32
N ASP A 27 6.85 2.50 -0.76
CA ASP A 27 6.26 3.64 -1.47
C ASP A 27 5.07 4.31 -0.76
N PRO A 28 4.81 5.60 -1.05
CA PRO A 28 3.82 6.39 -0.35
C PRO A 28 2.38 6.07 -0.75
N GLU A 29 2.09 5.84 -2.04
CA GLU A 29 0.77 5.38 -2.49
C GLU A 29 0.36 4.05 -1.81
N LEU A 30 1.34 3.20 -1.50
CA LEU A 30 1.11 1.97 -0.73
C LEU A 30 0.74 2.29 0.72
N LYS A 31 1.57 3.08 1.41
CA LYS A 31 1.28 3.54 2.79
C LYS A 31 -0.09 4.21 2.89
N ASN A 32 -0.49 4.97 1.88
CA ASN A 32 -1.77 5.67 1.83
C ASN A 32 -2.95 4.69 1.89
N LEU A 33 -2.95 3.70 0.98
CA LEU A 33 -4.00 2.69 0.83
C LEU A 33 -4.08 1.77 2.07
N PHE A 34 -2.92 1.46 2.65
CA PHE A 34 -2.84 0.69 3.89
C PHE A 34 -3.32 1.48 5.12
N ASP A 35 -3.02 2.78 5.21
CA ASP A 35 -3.43 3.62 6.34
C ASP A 35 -4.95 3.84 6.39
N MET A 36 -5.62 4.01 5.25
CA MET A 36 -7.09 4.06 5.19
C MET A 36 -7.73 2.71 5.55
N CYS A 37 -7.06 1.58 5.29
CA CYS A 37 -7.48 0.29 5.83
C CYS A 37 -7.25 0.20 7.36
N GLY A 38 -6.23 0.89 7.87
CA GLY A 38 -5.83 0.93 9.29
C GLY A 38 -4.63 0.05 9.63
N ILE A 39 -3.86 -0.38 8.64
CA ILE A 39 -2.74 -1.32 8.81
C ILE A 39 -1.54 -0.60 9.47
N SER A 40 -0.95 -1.24 10.49
CA SER A 40 0.21 -0.73 11.25
C SER A 40 1.50 -1.50 10.94
N GLU A 41 2.67 -1.02 11.41
CA GLU A 41 3.99 -1.64 11.16
C GLU A 41 4.01 -3.13 11.53
N ALA A 42 3.37 -3.50 12.63
CA ALA A 42 3.30 -4.87 13.11
C ALA A 42 2.72 -5.85 12.07
N GLN A 43 1.75 -5.37 11.29
CA GLN A 43 1.07 -6.11 10.24
C GLN A 43 1.88 -6.06 8.93
N LEU A 44 2.45 -4.89 8.60
CA LEU A 44 3.30 -4.65 7.42
C LEU A 44 4.66 -5.38 7.50
N LYS A 45 5.09 -5.76 8.71
CA LYS A 45 6.23 -6.64 8.98
C LYS A 45 5.82 -8.08 9.27
N ASP A 46 4.52 -8.38 9.26
CA ASP A 46 4.05 -9.76 9.30
C ASP A 46 4.07 -10.27 7.87
N ARG A 47 4.97 -11.20 7.55
CA ARG A 47 5.11 -11.75 6.21
C ARG A 47 3.81 -12.40 5.71
N GLU A 48 3.03 -12.95 6.64
CA GLU A 48 1.74 -13.62 6.39
C GLU A 48 0.61 -12.62 6.12
N THR A 49 0.47 -11.56 6.93
CA THR A 49 -0.59 -10.56 6.78
C THR A 49 -0.25 -9.65 5.61
N SER A 50 1.02 -9.23 5.51
CA SER A 50 1.53 -8.52 4.34
C SER A 50 1.33 -9.29 3.04
N LYS A 51 1.39 -10.63 3.03
CA LYS A 51 1.06 -11.43 1.85
C LYS A 51 -0.41 -11.23 1.46
N VAL A 52 -1.34 -11.33 2.42
CA VAL A 52 -2.77 -11.12 2.15
C VAL A 52 -3.02 -9.74 1.56
N ILE A 53 -2.40 -8.72 2.15
CA ILE A 53 -2.51 -7.33 1.72
C ILE A 53 -1.97 -7.17 0.28
N TYR A 54 -0.76 -7.68 0.02
CA TYR A 54 -0.09 -7.63 -1.29
C TYR A 54 -0.83 -8.41 -2.39
N ASP A 55 -1.41 -9.58 -2.07
CA ASP A 55 -2.12 -10.42 -3.04
C ASP A 55 -3.32 -9.70 -3.66
N PHE A 56 -3.98 -8.82 -2.89
CA PHE A 56 -5.06 -7.97 -3.39
C PHE A 56 -4.55 -6.92 -4.41
N ILE A 57 -3.33 -6.41 -4.20
CA ILE A 57 -2.70 -5.39 -5.04
C ILE A 57 -2.31 -6.00 -6.39
N GLU A 58 -1.51 -7.07 -6.39
CA GLU A 58 -1.12 -7.75 -7.64
C GLU A 58 -2.33 -8.35 -8.39
N LYS A 59 -3.46 -8.61 -7.70
CA LYS A 59 -4.74 -9.01 -8.33
C LYS A 59 -5.30 -7.93 -9.24
N THR A 60 -5.55 -6.72 -8.71
CA THR A 60 -6.14 -5.62 -9.51
C THR A 60 -5.26 -5.22 -10.70
N GLY A 61 -3.95 -5.40 -10.55
CA GLY A 61 -2.97 -4.96 -11.53
C GLY A 61 -1.67 -4.42 -10.95
N GLY A 62 -1.52 -4.39 -9.63
CA GLY A 62 -0.33 -3.91 -8.93
C GLY A 62 -0.48 -2.50 -8.35
N VAL A 63 0.64 -1.85 -8.02
CA VAL A 63 0.66 -0.51 -7.38
C VAL A 63 0.01 0.56 -8.27
N GLU A 64 0.11 0.43 -9.59
CA GLU A 64 -0.46 1.39 -10.54
C GLU A 64 -1.99 1.25 -10.62
N ALA A 65 -2.47 0.02 -10.52
CA ALA A 65 -3.88 -0.32 -10.57
C ALA A 65 -4.63 0.23 -9.36
N VAL A 66 -4.13 -0.05 -8.16
CA VAL A 66 -4.69 0.51 -6.92
C VAL A 66 -4.66 2.04 -6.93
N LYS A 67 -3.60 2.68 -7.46
CA LYS A 67 -3.47 4.15 -7.57
C LYS A 67 -4.56 4.75 -8.45
N ASN A 68 -4.82 4.14 -9.61
CA ASN A 68 -5.86 4.59 -10.53
C ASN A 68 -7.24 4.64 -9.86
N GLU A 69 -7.52 3.62 -9.05
CA GLU A 69 -8.80 3.48 -8.35
C GLU A 69 -8.86 4.37 -7.09
N LEU A 70 -7.71 4.60 -6.42
CA LEU A 70 -7.56 5.51 -5.27
C LEU A 70 -8.02 6.92 -5.65
N ARG A 71 -7.74 7.34 -6.89
CA ARG A 71 -8.02 8.68 -7.39
C ARG A 71 -9.51 8.98 -7.60
N ARG A 72 -10.38 7.96 -7.55
CA ARG A 72 -11.84 8.11 -7.67
C ARG A 72 -12.53 8.55 -6.37
N GLN A 73 -11.82 8.49 -5.23
CA GLN A 73 -12.19 9.03 -3.92
C GLN A 73 -13.65 8.74 -3.49
N GLY B 1 35.28 -26.26 -13.66
CA GLY B 1 36.46 -26.10 -14.53
C GLY B 1 37.43 -25.11 -13.94
N THR B 2 37.41 -23.86 -14.40
CA THR B 2 38.12 -22.71 -13.81
C THR B 2 37.49 -21.40 -14.30
N VAL B 3 37.18 -20.49 -13.38
CA VAL B 3 36.65 -19.13 -13.66
C VAL B 3 36.83 -18.19 -12.45
N ASN B 4 36.95 -16.89 -12.70
CA ASN B 4 37.01 -15.85 -11.68
C ASN B 4 35.76 -15.84 -10.76
N PHE B 5 35.93 -15.49 -9.47
CA PHE B 5 34.82 -15.36 -8.51
C PHE B 5 34.20 -13.95 -8.56
N LYS B 6 32.93 -13.82 -8.15
CA LYS B 6 32.16 -12.57 -8.24
C LYS B 6 31.19 -12.38 -7.05
N PRO B 7 31.69 -11.89 -5.89
CA PRO B 7 30.86 -11.61 -4.71
C PRO B 7 29.74 -10.59 -4.98
N SER B 8 28.67 -10.65 -4.19
CA SER B 8 27.46 -9.83 -4.38
C SER B 8 26.82 -9.35 -3.08
N ARG B 9 25.86 -8.43 -3.20
CA ARG B 9 25.05 -7.80 -2.13
C ARG B 9 23.60 -7.60 -2.62
N PRO B 10 22.61 -7.38 -1.73
CA PRO B 10 21.26 -7.01 -2.15
C PRO B 10 21.22 -5.65 -2.89
N ALA B 11 20.16 -5.43 -3.66
CA ALA B 11 19.88 -4.14 -4.32
C ALA B 11 18.36 -3.82 -4.32
N PRO B 12 17.78 -3.34 -3.21
CA PRO B 12 16.39 -2.92 -3.15
C PRO B 12 16.20 -1.52 -3.78
N PRO B 13 15.31 -1.34 -4.77
CA PRO B 13 14.94 -0.02 -5.27
C PRO B 13 14.34 0.88 -4.18
N PRO B 14 14.76 2.15 -4.07
CA PRO B 14 14.18 3.11 -3.13
C PRO B 14 12.73 3.48 -3.51
N PRO B 15 11.96 4.09 -2.59
CA PRO B 15 10.61 4.56 -2.91
C PRO B 15 10.64 5.79 -3.85
N THR B 16 9.50 6.10 -4.45
CA THR B 16 9.28 7.26 -5.33
C THR B 16 8.87 8.54 -4.58
N SER B 17 8.78 8.52 -3.23
CA SER B 17 8.28 9.61 -2.39
C SER B 17 8.77 11.02 -2.75
N GLY B 18 7.82 11.94 -2.86
CA GLY B 18 7.99 13.36 -3.19
C GLY B 18 6.71 14.19 -3.20
N GLN B 19 5.53 13.60 -3.48
CA GLN B 19 4.22 14.24 -3.40
C GLN B 19 3.73 14.45 -1.94
N ALA B 20 2.68 15.26 -1.77
CA ALA B 20 1.92 15.38 -0.53
C ALA B 20 1.02 14.13 -0.31
N SER B 21 0.27 14.09 0.80
CA SER B 21 -0.74 13.06 1.11
C SER B 21 -1.85 13.59 2.03
N GLY B 22 -3.01 12.93 2.01
CA GLY B 22 -4.18 13.30 2.80
C GLY B 22 -4.16 12.84 4.26
N ALA B 23 -5.05 13.44 5.06
CA ALA B 23 -5.34 13.10 6.46
C ALA B 23 -6.68 12.32 6.57
N SER B 24 -7.52 12.59 7.57
CA SER B 24 -8.83 11.94 7.71
C SER B 24 -9.84 12.41 6.66
N ARG B 25 -10.28 11.49 5.78
CA ARG B 25 -11.30 11.71 4.73
C ARG B 25 -11.96 10.38 4.32
N PRO B 26 -13.19 10.38 3.78
CA PRO B 26 -13.88 9.16 3.32
C PRO B 26 -13.06 8.39 2.29
N LEU B 27 -12.74 7.14 2.59
CA LEU B 27 -11.86 6.31 1.77
C LEU B 27 -12.49 5.89 0.41
N PRO B 28 -11.65 5.59 -0.60
CA PRO B 28 -12.08 5.00 -1.88
C PRO B 28 -12.50 3.53 -1.74
N PRO B 29 -13.39 3.02 -2.60
CA PRO B 29 -13.86 1.65 -2.52
C PRO B 29 -12.79 0.60 -2.86
N ILE B 30 -11.71 0.92 -3.58
CA ILE B 30 -10.54 0.01 -3.72
C ILE B 30 -9.98 -0.30 -2.32
N ALA B 31 -9.90 0.71 -1.45
CA ALA B 31 -9.44 0.53 -0.07
C ALA B 31 -10.44 -0.23 0.80
N GLN B 32 -11.73 0.01 0.58
CA GLN B 32 -12.78 -0.74 1.26
C GLN B 32 -12.76 -2.22 0.90
N ALA B 33 -12.51 -2.53 -0.37
CA ALA B 33 -12.34 -3.90 -0.84
C ALA B 33 -11.07 -4.56 -0.29
N LEU B 34 -10.00 -3.81 -0.05
CA LEU B 34 -8.79 -4.28 0.63
C LEU B 34 -9.10 -4.66 2.09
N LYS B 35 -9.84 -3.82 2.84
CA LYS B 35 -10.31 -4.16 4.19
C LYS B 35 -11.22 -5.40 4.20
N ASP B 36 -12.12 -5.56 3.23
CA ASP B 36 -12.98 -6.75 3.06
C ASP B 36 -12.17 -8.01 2.72
N HIS B 37 -11.12 -7.88 1.90
CA HIS B 37 -10.19 -8.96 1.55
C HIS B 37 -9.34 -9.40 2.74
N LEU B 38 -8.81 -8.45 3.52
CA LEU B 38 -8.03 -8.73 4.72
C LEU B 38 -8.94 -9.35 5.82
N ALA B 39 -10.22 -8.96 5.85
CA ALA B 39 -11.19 -9.57 6.75
C ALA B 39 -11.51 -11.04 6.40
N ALA B 40 -11.43 -11.43 5.12
CA ALA B 40 -11.54 -12.85 4.72
C ALA B 40 -10.42 -13.71 5.33
N TYR B 41 -9.27 -13.11 5.59
CA TYR B 41 -8.15 -13.74 6.29
C TYR B 41 -8.38 -13.78 7.81
N GLU B 42 -8.75 -12.64 8.40
CA GLU B 42 -9.02 -12.54 9.84
C GLU B 42 -10.16 -13.45 10.32
N LEU B 43 -11.25 -13.60 9.55
CA LEU B 43 -12.30 -14.57 9.85
C LEU B 43 -11.77 -16.01 9.74
N SER B 44 -10.90 -16.27 8.76
CA SER B 44 -10.34 -17.60 8.51
C SER B 44 -9.46 -18.06 9.67
N LYS B 45 -8.76 -17.12 10.32
CA LYS B 45 -7.97 -17.37 11.54
C LYS B 45 -8.81 -17.78 12.73
N ALA B 46 -10.11 -17.45 12.73
CA ALA B 46 -11.06 -17.76 13.80
C ALA B 46 -12.12 -18.81 13.45
N SER B 47 -12.03 -19.44 12.28
CA SER B 47 -13.07 -20.38 11.79
C SER B 47 -13.13 -21.73 12.52
N GLU B 48 -12.08 -22.13 13.25
CA GLU B 48 -12.02 -23.39 14.03
C GLU B 48 -12.25 -23.20 15.52
N GLY A 1 7.38 -18.78 -14.53
CA GLY A 1 8.60 -19.44 -15.01
C GLY A 1 9.82 -18.98 -14.21
N SER A 2 10.82 -19.85 -14.07
CA SER A 2 12.11 -19.62 -13.40
C SER A 2 11.95 -19.03 -11.99
N HIS A 3 11.44 -19.82 -11.05
CA HIS A 3 11.15 -19.42 -9.65
C HIS A 3 10.22 -18.21 -9.56
N MET A 4 9.17 -18.19 -10.38
CA MET A 4 8.18 -17.11 -10.48
C MET A 4 8.78 -15.73 -10.83
N SER A 5 9.81 -15.69 -11.69
CA SER A 5 10.47 -14.46 -12.18
C SER A 5 9.60 -13.69 -13.19
N ASN A 6 8.37 -13.34 -12.78
CA ASN A 6 7.32 -12.71 -13.57
C ASN A 6 6.73 -11.47 -12.86
N PHE A 7 6.19 -10.52 -13.63
CA PHE A 7 5.72 -9.22 -13.11
C PHE A 7 4.79 -8.44 -14.05
N GLN A 8 4.05 -9.15 -14.91
CA GLN A 8 3.14 -8.54 -15.90
C GLN A 8 2.02 -7.66 -15.31
N HIS A 9 1.56 -7.95 -14.09
CA HIS A 9 0.47 -7.26 -13.38
C HIS A 9 0.93 -6.74 -12.00
N ILE A 10 2.19 -6.33 -11.88
CA ILE A 10 2.84 -5.84 -10.65
C ILE A 10 3.51 -4.49 -10.89
N GLY A 11 3.37 -3.57 -9.95
CA GLY A 11 4.00 -2.24 -9.98
C GLY A 11 5.28 -2.17 -9.15
N HIS A 12 5.82 -0.96 -8.95
CA HIS A 12 6.91 -0.69 -8.03
C HIS A 12 6.44 -0.84 -6.57
N VAL A 13 7.02 -1.79 -5.84
CA VAL A 13 6.61 -2.15 -4.48
C VAL A 13 7.74 -2.77 -3.66
N GLY A 14 8.08 -2.16 -2.53
CA GLY A 14 9.13 -2.61 -1.61
C GLY A 14 8.79 -3.84 -0.76
N TRP A 15 7.84 -4.66 -1.18
CA TRP A 15 7.44 -5.90 -0.52
C TRP A 15 8.37 -7.08 -0.83
N ASP A 16 8.52 -8.01 0.13
CA ASP A 16 9.22 -9.29 0.00
C ASP A 16 8.50 -10.41 0.79
N PRO A 17 8.40 -11.63 0.24
CA PRO A 17 7.65 -12.76 0.82
C PRO A 17 8.22 -13.31 2.13
N ASN A 18 9.41 -12.85 2.52
CA ASN A 18 10.16 -13.27 3.70
C ASN A 18 9.91 -12.43 4.96
N THR A 19 9.59 -11.14 4.78
CA THR A 19 9.48 -10.15 5.86
C THR A 19 8.37 -9.12 5.68
N GLY A 20 7.81 -9.03 4.48
CA GLY A 20 6.69 -8.16 4.15
C GLY A 20 7.12 -6.84 3.49
N PHE A 21 6.34 -5.79 3.71
CA PHE A 21 6.58 -4.45 3.16
C PHE A 21 7.78 -3.79 3.86
N ASP A 22 8.89 -3.60 3.15
CA ASP A 22 10.06 -2.87 3.66
C ASP A 22 9.74 -1.38 3.76
N LEU A 23 9.46 -0.87 4.96
CA LEU A 23 9.02 0.52 5.20
C LEU A 23 10.07 1.58 4.83
N ASN A 24 11.33 1.17 4.62
CA ASN A 24 12.39 2.02 4.06
C ASN A 24 12.29 2.21 2.54
N ASN A 25 11.71 1.25 1.82
CA ASN A 25 11.56 1.24 0.36
C ASN A 25 10.09 1.22 -0.11
N LEU A 26 9.16 1.21 0.83
CA LEU A 26 7.72 1.21 0.62
C LEU A 26 7.26 2.52 -0.01
N ASP A 27 6.48 2.45 -1.08
CA ASP A 27 5.95 3.64 -1.74
C ASP A 27 4.90 4.38 -0.90
N PRO A 28 4.79 5.71 -1.07
CA PRO A 28 3.93 6.55 -0.26
C PRO A 28 2.45 6.29 -0.54
N GLU A 29 2.10 5.92 -1.77
CA GLU A 29 0.77 5.47 -2.17
C GLU A 29 0.32 4.26 -1.33
N LEU A 30 1.23 3.28 -1.16
CA LEU A 30 0.94 2.01 -0.50
C LEU A 30 0.66 2.26 0.98
N LYS A 31 1.54 3.03 1.64
CA LYS A 31 1.31 3.50 3.01
C LYS A 31 -0.04 4.20 3.15
N ASN A 32 -0.46 4.99 2.15
CA ASN A 32 -1.75 5.67 2.14
C ASN A 32 -2.93 4.69 2.04
N LEU A 33 -2.91 3.76 1.08
CA LEU A 33 -3.94 2.75 0.88
C LEU A 33 -4.07 1.86 2.13
N PHE A 34 -2.94 1.50 2.74
CA PHE A 34 -2.94 0.71 3.98
C PHE A 34 -3.42 1.48 5.22
N ASP A 35 -3.15 2.80 5.29
CA ASP A 35 -3.57 3.67 6.40
C ASP A 35 -5.10 3.80 6.46
N MET A 36 -5.73 4.02 5.30
CA MET A 36 -7.20 4.00 5.15
C MET A 36 -7.81 2.62 5.41
N CYS A 37 -7.08 1.53 5.14
CA CYS A 37 -7.50 0.18 5.52
C CYS A 37 -7.33 -0.14 7.02
N GLY A 38 -6.47 0.59 7.74
CA GLY A 38 -6.28 0.51 9.19
C GLY A 38 -5.12 -0.39 9.62
N ILE A 39 -4.15 -0.63 8.74
CA ILE A 39 -3.03 -1.55 8.92
C ILE A 39 -1.88 -0.87 9.70
N SER A 40 -1.19 -1.59 10.59
CA SER A 40 -0.01 -1.14 11.36
C SER A 40 1.32 -1.68 10.82
N GLU A 41 2.45 -1.11 11.28
CA GLU A 41 3.80 -1.63 10.97
C GLU A 41 3.93 -3.11 11.32
N ALA A 42 3.36 -3.56 12.44
CA ALA A 42 3.38 -4.96 12.85
C ALA A 42 2.76 -5.89 11.80
N GLN A 43 1.70 -5.45 11.12
CA GLN A 43 1.00 -6.20 10.09
C GLN A 43 1.68 -6.09 8.73
N LEU A 44 2.28 -4.93 8.44
CA LEU A 44 3.08 -4.68 7.24
C LEU A 44 4.40 -5.46 7.24
N LYS A 45 5.00 -5.66 8.44
CA LYS A 45 6.18 -6.50 8.70
C LYS A 45 5.81 -7.93 9.08
N ASP A 46 4.54 -8.31 8.98
CA ASP A 46 4.12 -9.71 9.10
C ASP A 46 4.23 -10.28 7.68
N ARG A 47 5.19 -11.17 7.39
CA ARG A 47 5.31 -11.81 6.07
C ARG A 47 4.02 -12.55 5.67
N GLU A 48 3.25 -13.03 6.64
CA GLU A 48 1.97 -13.73 6.43
C GLU A 48 0.79 -12.79 6.13
N THR A 49 0.69 -11.67 6.85
CA THR A 49 -0.42 -10.72 6.74
C THR A 49 -0.17 -9.76 5.58
N SER A 50 1.06 -9.25 5.45
CA SER A 50 1.51 -8.50 4.27
C SER A 50 1.30 -9.27 2.96
N LYS A 51 1.43 -10.61 2.95
CA LYS A 51 1.12 -11.41 1.76
C LYS A 51 -0.36 -11.32 1.40
N VAL A 52 -1.28 -11.43 2.36
CA VAL A 52 -2.73 -11.25 2.10
C VAL A 52 -2.98 -9.85 1.53
N ILE A 53 -2.37 -8.83 2.13
CA ILE A 53 -2.51 -7.44 1.70
C ILE A 53 -2.00 -7.27 0.26
N TYR A 54 -0.82 -7.78 -0.02
CA TYR A 54 -0.16 -7.74 -1.34
C TYR A 54 -0.90 -8.57 -2.41
N ASP A 55 -1.44 -9.72 -2.05
CA ASP A 55 -2.23 -10.62 -2.91
C ASP A 55 -3.54 -10.00 -3.41
N PHE A 56 -3.96 -8.87 -2.85
CA PHE A 56 -5.04 -8.03 -3.37
C PHE A 56 -4.53 -7.00 -4.39
N ILE A 57 -3.30 -6.52 -4.22
CA ILE A 57 -2.67 -5.49 -5.05
C ILE A 57 -2.27 -6.07 -6.41
N GLU A 58 -1.48 -7.16 -6.44
CA GLU A 58 -1.11 -7.85 -7.70
C GLU A 58 -2.35 -8.38 -8.47
N LYS A 59 -3.49 -8.55 -7.79
CA LYS A 59 -4.78 -8.97 -8.38
C LYS A 59 -5.41 -7.92 -9.29
N THR A 60 -5.50 -6.68 -8.83
CA THR A 60 -6.06 -5.58 -9.64
C THR A 60 -5.13 -5.17 -10.79
N GLY A 61 -3.82 -5.37 -10.61
CA GLY A 61 -2.80 -4.92 -11.55
C GLY A 61 -1.56 -4.31 -10.92
N GLY A 62 -1.39 -4.43 -9.60
CA GLY A 62 -0.21 -3.96 -8.89
C GLY A 62 -0.39 -2.54 -8.36
N VAL A 63 0.72 -1.91 -7.95
CA VAL A 63 0.71 -0.56 -7.36
C VAL A 63 0.05 0.46 -8.29
N GLU A 64 0.24 0.30 -9.60
CA GLU A 64 -0.29 1.25 -10.57
C GLU A 64 -1.83 1.18 -10.65
N ALA A 65 -2.37 -0.03 -10.52
CA ALA A 65 -3.80 -0.31 -10.60
C ALA A 65 -4.56 0.10 -9.35
N VAL A 66 -4.01 -0.15 -8.17
CA VAL A 66 -4.56 0.39 -6.92
C VAL A 66 -4.49 1.91 -6.88
N LYS A 67 -3.40 2.54 -7.40
CA LYS A 67 -3.24 3.99 -7.46
C LYS A 67 -4.36 4.62 -8.25
N ASN A 68 -4.65 4.06 -9.43
CA ASN A 68 -5.74 4.56 -10.28
C ASN A 68 -7.11 4.59 -9.57
N GLU A 69 -7.43 3.56 -8.79
CA GLU A 69 -8.70 3.51 -8.04
C GLU A 69 -8.65 4.28 -6.71
N LEU A 70 -7.47 4.43 -6.10
CA LEU A 70 -7.32 5.30 -4.93
C LEU A 70 -7.66 6.74 -5.33
N ARG A 71 -7.24 7.18 -6.53
CA ARG A 71 -7.41 8.57 -6.98
C ARG A 71 -8.87 8.99 -7.22
N ARG A 72 -9.84 8.06 -7.16
CA ARG A 72 -11.28 8.41 -7.14
C ARG A 72 -11.82 8.71 -5.73
N GLN A 73 -10.97 8.71 -4.70
CA GLN A 73 -11.31 9.18 -3.34
C GLN A 73 -11.86 10.60 -3.35
N GLY B 1 8.23 36.33 -50.62
CA GLY B 1 7.55 36.73 -49.39
C GLY B 1 8.50 36.83 -48.21
N THR B 2 7.98 37.00 -47.00
CA THR B 2 8.73 36.94 -45.74
C THR B 2 7.81 36.65 -44.54
N VAL B 3 8.32 35.91 -43.54
CA VAL B 3 7.56 35.44 -42.36
C VAL B 3 8.26 35.85 -41.07
N ASN B 4 7.47 36.23 -40.06
CA ASN B 4 7.92 36.72 -38.75
C ASN B 4 6.92 36.31 -37.65
N PHE B 5 7.28 36.41 -36.37
CA PHE B 5 6.35 36.28 -35.24
C PHE B 5 6.78 37.14 -34.05
N LYS B 6 5.82 37.49 -33.18
CA LYS B 6 5.97 38.42 -32.04
C LYS B 6 7.04 38.04 -31.00
N PRO B 7 7.48 38.98 -30.13
CA PRO B 7 8.32 38.67 -28.98
C PRO B 7 7.60 37.68 -28.05
N SER B 8 8.24 36.55 -27.77
CA SER B 8 7.67 35.42 -27.00
C SER B 8 7.30 35.83 -25.57
N ARG B 9 6.20 35.26 -25.06
CA ARG B 9 5.59 35.58 -23.76
C ARG B 9 4.95 34.35 -23.08
N PRO B 10 5.15 34.16 -21.76
CA PRO B 10 4.60 33.04 -21.00
C PRO B 10 3.13 33.24 -20.56
N ALA B 11 2.51 32.15 -20.14
CA ALA B 11 1.21 32.09 -19.46
C ALA B 11 1.32 31.31 -18.13
N PRO B 12 0.42 31.50 -17.15
CA PRO B 12 0.49 30.81 -15.86
C PRO B 12 0.33 29.27 -15.97
N PRO B 13 1.04 28.49 -15.15
CA PRO B 13 0.79 27.06 -15.01
C PRO B 13 -0.54 26.79 -14.28
N PRO B 14 -1.16 25.61 -14.47
CA PRO B 14 -2.33 25.22 -13.69
C PRO B 14 -1.98 25.06 -12.18
N PRO B 15 -2.95 25.17 -11.26
CA PRO B 15 -2.72 24.99 -9.82
C PRO B 15 -2.21 23.59 -9.43
N THR B 16 -1.69 23.47 -8.21
CA THR B 16 -1.16 22.23 -7.64
C THR B 16 -2.18 21.08 -7.59
N SER B 17 -3.47 21.37 -7.34
CA SER B 17 -4.62 20.46 -7.40
C SER B 17 -5.95 21.26 -7.38
N GLY B 18 -7.05 20.67 -7.86
CA GLY B 18 -8.36 21.34 -8.03
C GLY B 18 -9.08 21.76 -6.74
N GLN B 19 -9.91 22.80 -6.82
CA GLN B 19 -10.67 23.37 -5.70
C GLN B 19 -11.76 22.42 -5.17
N ALA B 20 -11.80 22.26 -3.85
CA ALA B 20 -12.75 21.41 -3.12
C ALA B 20 -12.92 21.87 -1.66
N SER B 21 -14.03 21.49 -1.00
CA SER B 21 -14.40 21.91 0.36
C SER B 21 -14.68 20.72 1.30
N GLY B 22 -14.75 20.96 2.62
CA GLY B 22 -14.90 19.93 3.64
C GLY B 22 -13.57 19.25 4.04
N ALA B 23 -13.63 18.35 5.01
CA ALA B 23 -12.47 17.67 5.61
C ALA B 23 -12.74 16.18 5.88
N SER B 24 -11.68 15.42 6.19
CA SER B 24 -11.73 14.02 6.66
C SER B 24 -12.65 13.08 5.84
N ARG B 25 -12.64 13.24 4.50
CA ARG B 25 -13.51 12.54 3.54
C ARG B 25 -13.47 11.00 3.63
N PRO B 26 -14.52 10.27 3.21
CA PRO B 26 -14.55 8.80 3.16
C PRO B 26 -13.49 8.15 2.25
N LEU B 27 -13.08 6.93 2.58
CA LEU B 27 -12.09 6.13 1.84
C LEU B 27 -12.62 5.66 0.45
N PRO B 28 -11.72 5.38 -0.52
CA PRO B 28 -12.07 4.82 -1.83
C PRO B 28 -12.48 3.34 -1.75
N PRO B 29 -13.30 2.84 -2.69
CA PRO B 29 -13.79 1.46 -2.63
C PRO B 29 -12.71 0.39 -2.88
N ILE B 30 -11.59 0.73 -3.54
CA ILE B 30 -10.41 -0.16 -3.62
C ILE B 30 -9.83 -0.42 -2.22
N ALA B 31 -9.79 0.59 -1.36
CA ALA B 31 -9.39 0.40 0.03
C ALA B 31 -10.42 -0.42 0.80
N GLN B 32 -11.70 -0.14 0.58
CA GLN B 32 -12.79 -0.91 1.19
C GLN B 32 -12.69 -2.41 0.82
N ALA B 33 -12.37 -2.69 -0.44
CA ALA B 33 -12.16 -4.05 -0.94
C ALA B 33 -10.92 -4.73 -0.34
N LEU B 34 -9.84 -3.98 -0.06
CA LEU B 34 -8.71 -4.51 0.71
C LEU B 34 -9.10 -4.80 2.17
N LYS B 35 -9.85 -3.91 2.85
CA LYS B 35 -10.35 -4.15 4.21
C LYS B 35 -11.18 -5.44 4.30
N ASP B 36 -12.05 -5.65 3.33
CA ASP B 36 -12.89 -6.85 3.22
C ASP B 36 -12.08 -8.13 2.87
N HIS B 37 -11.07 -8.01 2.01
CA HIS B 37 -10.16 -9.10 1.63
C HIS B 37 -9.23 -9.54 2.78
N LEU B 38 -8.76 -8.58 3.57
CA LEU B 38 -7.97 -8.83 4.78
C LEU B 38 -8.87 -9.39 5.89
N ALA B 39 -10.10 -8.91 6.00
CA ALA B 39 -11.08 -9.49 6.92
C ALA B 39 -11.45 -10.93 6.58
N ALA B 40 -11.46 -11.31 5.29
CA ALA B 40 -11.62 -12.69 4.86
C ALA B 40 -10.54 -13.62 5.45
N TYR B 41 -9.33 -13.08 5.65
CA TYR B 41 -8.22 -13.75 6.32
C TYR B 41 -8.42 -13.77 7.84
N GLU B 42 -8.72 -12.62 8.43
CA GLU B 42 -8.92 -12.50 9.88
C GLU B 42 -10.04 -13.43 10.41
N LEU B 43 -11.17 -13.53 9.70
CA LEU B 43 -12.28 -14.44 10.04
C LEU B 43 -11.90 -15.92 9.83
N SER B 44 -11.05 -16.19 8.83
CA SER B 44 -10.59 -17.55 8.53
C SER B 44 -9.67 -18.10 9.64
N LYS B 45 -9.02 -17.18 10.39
CA LYS B 45 -8.27 -17.45 11.63
C LYS B 45 -9.12 -17.37 12.91
N ALA B 46 -10.20 -16.58 12.91
CA ALA B 46 -11.04 -16.29 14.08
C ALA B 46 -10.24 -15.77 15.30
N SER B 47 -9.22 -14.96 15.03
CA SER B 47 -8.26 -14.45 16.03
C SER B 47 -7.87 -12.98 15.81
N GLU B 48 -7.29 -12.35 16.84
CA GLU B 48 -6.86 -10.93 16.87
C GLU B 48 -5.61 -10.69 17.72
N GLY A 1 10.84 2.24 -21.00
CA GLY A 1 12.28 2.17 -21.28
C GLY A 1 12.68 0.85 -21.93
N SER A 2 12.59 -0.25 -21.19
CA SER A 2 12.91 -1.62 -21.64
C SER A 2 11.93 -2.17 -22.70
N HIS A 3 10.67 -1.71 -22.71
CA HIS A 3 9.54 -2.14 -23.56
C HIS A 3 9.08 -3.61 -23.40
N MET A 4 9.96 -4.52 -22.99
CA MET A 4 9.69 -5.93 -22.70
C MET A 4 8.85 -6.12 -21.41
N SER A 5 8.03 -7.17 -21.37
CA SER A 5 7.31 -7.61 -20.16
C SER A 5 8.23 -8.36 -19.19
N ASN A 6 8.15 -8.08 -17.88
CA ASN A 6 8.91 -8.78 -16.83
C ASN A 6 8.11 -9.05 -15.55
N PHE A 7 7.13 -8.21 -15.22
CA PHE A 7 6.34 -8.28 -13.99
C PHE A 7 4.88 -7.91 -14.24
N GLN A 8 4.22 -8.67 -15.13
CA GLN A 8 2.84 -8.40 -15.51
C GLN A 8 1.87 -8.47 -14.33
N HIS A 9 0.99 -7.47 -14.27
CA HIS A 9 0.01 -7.22 -13.20
C HIS A 9 0.64 -6.95 -11.82
N ILE A 10 1.87 -6.44 -11.79
CA ILE A 10 2.58 -5.97 -10.59
C ILE A 10 3.18 -4.56 -10.89
N GLY A 11 3.58 -3.83 -9.85
CA GLY A 11 4.31 -2.57 -9.97
C GLY A 11 5.50 -2.46 -9.02
N HIS A 12 6.05 -1.26 -8.89
CA HIS A 12 7.08 -0.92 -7.89
C HIS A 12 6.51 -1.03 -6.46
N VAL A 13 6.96 -2.04 -5.71
CA VAL A 13 6.49 -2.36 -4.35
C VAL A 13 7.63 -2.98 -3.56
N GLY A 14 7.99 -2.37 -2.41
CA GLY A 14 9.07 -2.79 -1.50
C GLY A 14 8.77 -4.06 -0.69
N TRP A 15 7.82 -4.88 -1.14
CA TRP A 15 7.34 -6.09 -0.47
C TRP A 15 8.18 -7.33 -0.84
N ASP A 16 8.63 -8.08 0.18
CA ASP A 16 9.35 -9.34 0.05
C ASP A 16 8.67 -10.45 0.88
N PRO A 17 8.45 -11.65 0.33
CA PRO A 17 7.70 -12.76 0.94
C PRO A 17 8.30 -13.30 2.25
N ASN A 18 9.54 -12.93 2.56
CA ASN A 18 10.26 -13.37 3.75
C ASN A 18 9.95 -12.55 5.01
N THR A 19 9.71 -11.24 4.84
CA THR A 19 9.55 -10.27 5.95
C THR A 19 8.46 -9.21 5.75
N GLY A 20 7.92 -9.11 4.54
CA GLY A 20 6.78 -8.26 4.20
C GLY A 20 7.17 -6.94 3.53
N PHE A 21 6.34 -5.91 3.71
CA PHE A 21 6.57 -4.57 3.17
C PHE A 21 7.78 -3.93 3.88
N ASP A 22 8.88 -3.71 3.16
CA ASP A 22 10.02 -2.97 3.68
C ASP A 22 9.68 -1.49 3.78
N LEU A 23 9.45 -0.99 4.99
CA LEU A 23 9.01 0.39 5.25
C LEU A 23 10.09 1.44 4.91
N ASN A 24 11.33 1.00 4.69
CA ASN A 24 12.44 1.81 4.14
C ASN A 24 12.38 1.99 2.61
N ASN A 25 11.61 1.15 1.91
CA ASN A 25 11.44 1.15 0.45
C ASN A 25 9.96 1.12 0.00
N LEU A 26 9.03 1.21 0.95
CA LEU A 26 7.60 1.24 0.73
C LEU A 26 7.19 2.57 0.06
N ASP A 27 6.42 2.49 -1.04
CA ASP A 27 5.95 3.68 -1.75
C ASP A 27 4.87 4.43 -0.97
N PRO A 28 4.75 5.74 -1.19
CA PRO A 28 3.87 6.60 -0.42
C PRO A 28 2.39 6.34 -0.71
N GLU A 29 2.04 5.92 -1.93
CA GLU A 29 0.69 5.48 -2.29
C GLU A 29 0.29 4.25 -1.45
N LEU A 30 1.20 3.28 -1.29
CA LEU A 30 0.90 2.02 -0.61
C LEU A 30 0.62 2.28 0.86
N LYS A 31 1.49 3.09 1.50
CA LYS A 31 1.26 3.60 2.85
C LYS A 31 -0.10 4.30 2.96
N ASN A 32 -0.49 5.08 1.95
CA ASN A 32 -1.76 5.80 1.92
C ASN A 32 -2.96 4.85 1.95
N LEU A 33 -2.98 3.87 1.03
CA LEU A 33 -4.01 2.85 0.94
C LEU A 33 -4.08 2.01 2.23
N PHE A 34 -2.93 1.61 2.77
CA PHE A 34 -2.91 0.78 3.98
C PHE A 34 -3.39 1.53 5.24
N ASP A 35 -3.14 2.85 5.33
CA ASP A 35 -3.52 3.71 6.46
C ASP A 35 -5.05 3.87 6.60
N MET A 36 -5.74 4.12 5.48
CA MET A 36 -7.21 4.13 5.40
C MET A 36 -7.83 2.74 5.66
N CYS A 37 -7.08 1.67 5.40
CA CYS A 37 -7.46 0.31 5.80
C CYS A 37 -7.25 0.04 7.30
N GLY A 38 -6.33 0.76 7.95
CA GLY A 38 -6.03 0.71 9.38
C GLY A 38 -4.83 -0.18 9.74
N ILE A 39 -4.00 -0.53 8.76
CA ILE A 39 -2.89 -1.48 8.90
C ILE A 39 -1.68 -0.84 9.60
N SER A 40 -1.17 -1.49 10.63
CA SER A 40 -0.01 -1.04 11.44
C SER A 40 1.32 -1.67 10.96
N GLU A 41 2.46 -1.11 11.36
CA GLU A 41 3.79 -1.67 11.04
C GLU A 41 3.95 -3.13 11.45
N ALA A 42 3.32 -3.56 12.55
CA ALA A 42 3.30 -4.96 13.00
C ALA A 42 2.69 -5.93 11.98
N GLN A 43 1.69 -5.46 11.23
CA GLN A 43 0.97 -6.21 10.20
C GLN A 43 1.67 -6.10 8.83
N LEU A 44 2.24 -4.93 8.53
CA LEU A 44 3.04 -4.70 7.31
C LEU A 44 4.36 -5.48 7.31
N LYS A 45 4.97 -5.67 8.49
CA LYS A 45 6.13 -6.54 8.74
C LYS A 45 5.74 -7.98 9.09
N ASP A 46 4.48 -8.35 8.96
CA ASP A 46 4.02 -9.74 9.09
C ASP A 46 4.14 -10.38 7.70
N ARG A 47 5.10 -11.27 7.46
CA ARG A 47 5.26 -11.94 6.16
C ARG A 47 4.04 -12.78 5.72
N GLU A 48 3.15 -13.07 6.67
CA GLU A 48 1.83 -13.68 6.43
C GLU A 48 0.73 -12.63 6.13
N THR A 49 0.52 -11.62 6.99
CA THR A 49 -0.58 -10.65 6.80
C THR A 49 -0.27 -9.72 5.63
N SER A 50 0.98 -9.24 5.50
CA SER A 50 1.45 -8.50 4.32
C SER A 50 1.27 -9.26 3.01
N LYS A 51 1.37 -10.60 2.99
CA LYS A 51 1.11 -11.42 1.79
C LYS A 51 -0.34 -11.31 1.36
N VAL A 52 -1.26 -11.38 2.32
CA VAL A 52 -2.70 -11.24 2.04
C VAL A 52 -3.01 -9.84 1.52
N ILE A 53 -2.42 -8.81 2.13
CA ILE A 53 -2.53 -7.41 1.68
C ILE A 53 -2.01 -7.27 0.24
N TYR A 54 -0.81 -7.79 -0.02
CA TYR A 54 -0.14 -7.74 -1.32
C TYR A 54 -0.87 -8.50 -2.44
N ASP A 55 -1.44 -9.67 -2.15
CA ASP A 55 -2.23 -10.48 -3.11
C ASP A 55 -3.39 -9.68 -3.72
N PHE A 56 -3.99 -8.79 -2.94
CA PHE A 56 -5.05 -7.92 -3.42
C PHE A 56 -4.55 -6.86 -4.43
N ILE A 57 -3.32 -6.39 -4.22
CA ILE A 57 -2.66 -5.38 -5.06
C ILE A 57 -2.27 -6.00 -6.40
N GLU A 58 -1.51 -7.10 -6.39
CA GLU A 58 -1.13 -7.83 -7.61
C GLU A 58 -2.34 -8.44 -8.35
N LYS A 59 -3.50 -8.61 -7.68
CA LYS A 59 -4.78 -8.96 -8.31
C LYS A 59 -5.32 -7.87 -9.22
N THR A 60 -5.48 -6.64 -8.71
CA THR A 60 -6.10 -5.55 -9.50
C THR A 60 -5.22 -5.15 -10.69
N GLY A 61 -3.90 -5.38 -10.58
CA GLY A 61 -2.92 -4.95 -11.58
C GLY A 61 -1.58 -4.45 -11.03
N GLY A 62 -1.42 -4.46 -9.70
CA GLY A 62 -0.23 -3.98 -9.02
C GLY A 62 -0.40 -2.58 -8.45
N VAL A 63 0.71 -1.96 -8.03
CA VAL A 63 0.73 -0.60 -7.45
C VAL A 63 0.07 0.41 -8.40
N GLU A 64 0.23 0.21 -9.70
CA GLU A 64 -0.31 1.11 -10.72
C GLU A 64 -1.84 1.11 -10.77
N ALA A 65 -2.43 -0.06 -10.55
CA ALA A 65 -3.87 -0.30 -10.64
C ALA A 65 -4.62 0.14 -9.40
N VAL A 66 -4.04 -0.08 -8.22
CA VAL A 66 -4.56 0.52 -6.99
C VAL A 66 -4.45 2.05 -7.06
N LYS A 67 -3.36 2.62 -7.60
CA LYS A 67 -3.16 4.08 -7.72
C LYS A 67 -4.27 4.71 -8.54
N ASN A 68 -4.59 4.08 -9.66
CA ASN A 68 -5.67 4.52 -10.54
C ASN A 68 -7.05 4.61 -9.88
N GLU A 69 -7.34 3.67 -8.98
CA GLU A 69 -8.61 3.60 -8.24
C GLU A 69 -8.59 4.44 -6.96
N LEU A 70 -7.42 4.61 -6.34
CA LEU A 70 -7.25 5.47 -5.17
C LEU A 70 -7.57 6.93 -5.51
N ARG A 71 -7.35 7.33 -6.79
CA ARG A 71 -7.68 8.66 -7.31
C ARG A 71 -9.18 9.00 -7.29
N ARG A 72 -10.07 8.02 -7.08
CA ARG A 72 -11.54 8.18 -6.93
C ARG A 72 -11.95 8.94 -5.66
N GLN A 73 -11.04 9.06 -4.67
CA GLN A 73 -11.22 9.79 -3.40
C GLN A 73 -9.99 10.59 -2.96
N GLY B 1 39.37 36.05 16.79
CA GLY B 1 38.98 35.25 15.61
C GLY B 1 40.08 35.19 14.57
N THR B 2 40.09 34.12 13.78
CA THR B 2 41.04 33.85 12.67
C THR B 2 40.35 33.21 11.43
N VAL B 3 39.12 32.73 11.60
CA VAL B 3 38.22 32.22 10.54
C VAL B 3 36.75 32.57 10.84
N ASN B 4 35.89 32.57 9.81
CA ASN B 4 34.45 32.91 9.92
C ASN B 4 33.53 31.81 9.37
N PHE B 5 32.29 31.75 9.87
CA PHE B 5 31.27 30.76 9.54
C PHE B 5 29.87 31.40 9.40
N LYS B 6 28.95 30.68 8.77
CA LYS B 6 27.53 31.02 8.60
C LYS B 6 26.67 29.77 8.95
N PRO B 7 26.54 29.40 10.24
CA PRO B 7 25.87 28.17 10.70
C PRO B 7 24.33 28.15 10.58
N SER B 8 23.70 29.08 9.88
CA SER B 8 22.24 29.16 9.76
C SER B 8 21.64 27.99 8.96
N ARG B 9 20.37 27.65 9.26
CA ARG B 9 19.63 26.50 8.69
C ARG B 9 18.25 26.87 8.10
N PRO B 10 18.16 27.85 7.18
CA PRO B 10 16.89 28.24 6.56
C PRO B 10 16.24 27.11 5.74
N ALA B 11 14.91 27.10 5.72
CA ALA B 11 14.07 26.19 4.95
C ALA B 11 12.66 26.79 4.74
N PRO B 12 11.89 26.38 3.72
CA PRO B 12 10.51 26.81 3.54
C PRO B 12 9.57 26.34 4.69
N PRO B 13 8.61 27.17 5.16
CA PRO B 13 7.72 26.84 6.28
C PRO B 13 6.88 25.57 6.08
N PRO B 14 6.93 24.60 7.02
CA PRO B 14 6.15 23.35 6.98
C PRO B 14 4.69 23.56 7.46
N PRO B 15 3.75 22.67 7.06
CA PRO B 15 2.33 22.71 7.42
C PRO B 15 2.00 22.22 8.84
N THR B 16 2.94 22.36 9.79
CA THR B 16 2.83 21.84 11.17
C THR B 16 2.25 22.82 12.18
N SER B 17 2.13 24.12 11.83
CA SER B 17 1.38 25.09 12.63
C SER B 17 -0.13 24.80 12.56
N GLY B 18 -0.81 24.85 13.71
CA GLY B 18 -2.24 24.55 13.84
C GLY B 18 -2.56 23.06 13.99
N GLN B 19 -3.81 22.76 14.34
CA GLN B 19 -4.33 21.40 14.54
C GLN B 19 -4.42 20.60 13.23
N ALA B 20 -4.79 21.29 12.15
CA ALA B 20 -5.00 20.74 10.81
C ALA B 20 -3.72 20.17 10.18
N SER B 21 -3.88 19.23 9.24
CA SER B 21 -2.81 18.71 8.40
C SER B 21 -3.16 18.68 6.90
N GLY B 22 -4.41 18.38 6.54
CA GLY B 22 -4.85 18.40 5.13
C GLY B 22 -6.34 18.08 4.93
N ALA B 23 -6.88 18.48 3.77
CA ALA B 23 -8.28 18.33 3.39
C ALA B 23 -8.67 16.85 3.25
N SER B 24 -9.48 16.36 4.20
CA SER B 24 -9.86 14.95 4.32
C SER B 24 -11.20 14.59 3.68
N ARG B 25 -11.27 13.41 3.08
CA ARG B 25 -12.45 12.77 2.49
C ARG B 25 -12.55 11.29 2.93
N PRO B 26 -13.73 10.65 2.85
CA PRO B 26 -13.87 9.21 3.04
C PRO B 26 -13.00 8.39 2.07
N LEU B 27 -12.67 7.15 2.45
CA LEU B 27 -11.79 6.29 1.66
C LEU B 27 -12.42 5.80 0.33
N PRO B 28 -11.61 5.48 -0.71
CA PRO B 28 -12.04 4.89 -1.97
C PRO B 28 -12.46 3.42 -1.86
N PRO B 29 -13.28 2.91 -2.79
CA PRO B 29 -13.79 1.54 -2.70
C PRO B 29 -12.72 0.47 -2.92
N ILE B 30 -11.61 0.77 -3.61
CA ILE B 30 -10.43 -0.12 -3.70
C ILE B 30 -9.86 -0.38 -2.29
N ALA B 31 -9.81 0.65 -1.44
CA ALA B 31 -9.37 0.50 -0.05
C ALA B 31 -10.40 -0.27 0.79
N GLN B 32 -11.67 0.00 0.57
CA GLN B 32 -12.77 -0.74 1.22
C GLN B 32 -12.74 -2.24 0.87
N ALA B 33 -12.39 -2.57 -0.38
CA ALA B 33 -12.21 -3.93 -0.85
C ALA B 33 -10.95 -4.61 -0.29
N LEU B 34 -9.88 -3.84 -0.01
CA LEU B 34 -8.70 -4.33 0.72
C LEU B 34 -9.09 -4.76 2.14
N LYS B 35 -9.86 -3.92 2.85
CA LYS B 35 -10.36 -4.20 4.22
C LYS B 35 -11.19 -5.48 4.26
N ASP B 36 -12.10 -5.67 3.30
CA ASP B 36 -12.88 -6.90 3.12
C ASP B 36 -11.99 -8.13 2.78
N HIS B 37 -10.99 -7.94 1.92
CA HIS B 37 -10.09 -9.01 1.46
C HIS B 37 -9.18 -9.52 2.60
N LEU B 38 -8.66 -8.62 3.43
CA LEU B 38 -7.88 -8.98 4.61
C LEU B 38 -8.78 -9.57 5.70
N ALA B 39 -10.02 -9.09 5.82
CA ALA B 39 -10.99 -9.69 6.72
C ALA B 39 -11.31 -11.15 6.36
N ALA B 40 -11.32 -11.52 5.07
CA ALA B 40 -11.48 -12.92 4.65
C ALA B 40 -10.39 -13.85 5.20
N TYR B 41 -9.24 -13.31 5.57
CA TYR B 41 -8.15 -14.04 6.20
C TYR B 41 -8.31 -14.09 7.72
N GLU B 42 -8.56 -12.95 8.35
CA GLU B 42 -8.70 -12.83 9.81
C GLU B 42 -9.97 -13.53 10.34
N LEU B 43 -11.08 -13.47 9.59
CA LEU B 43 -12.28 -14.27 9.87
C LEU B 43 -11.98 -15.76 9.71
N SER B 44 -11.13 -16.14 8.74
CA SER B 44 -10.80 -17.56 8.51
C SER B 44 -9.99 -18.15 9.68
N LYS B 45 -9.21 -17.30 10.37
CA LYS B 45 -8.52 -17.57 11.65
C LYS B 45 -9.45 -17.56 12.88
N ALA B 46 -10.67 -17.08 12.70
CA ALA B 46 -11.73 -16.92 13.71
C ALA B 46 -13.10 -17.46 13.25
N SER B 47 -13.12 -18.67 12.68
CA SER B 47 -14.32 -19.35 12.17
C SER B 47 -14.27 -20.87 12.30
N GLU B 48 -15.45 -21.50 12.38
CA GLU B 48 -15.66 -22.95 12.38
C GLU B 48 -15.28 -23.63 11.05
N GLY A 1 7.59 -5.02 -22.07
CA GLY A 1 7.74 -4.95 -23.53
C GLY A 1 6.48 -5.42 -24.22
N SER A 2 6.43 -5.32 -25.55
CA SER A 2 5.29 -5.72 -26.38
C SER A 2 4.88 -7.19 -26.27
N HIS A 3 5.81 -8.12 -26.03
CA HIS A 3 5.53 -9.56 -25.95
C HIS A 3 6.45 -10.34 -24.98
N MET A 4 7.43 -9.67 -24.37
CA MET A 4 8.27 -10.16 -23.26
C MET A 4 8.38 -9.07 -22.19
N SER A 5 8.27 -9.44 -20.91
CA SER A 5 8.23 -8.51 -19.77
C SER A 5 8.72 -9.11 -18.44
N ASN A 6 9.44 -8.31 -17.65
CA ASN A 6 9.81 -8.59 -16.24
C ASN A 6 8.59 -8.58 -15.30
N PHE A 7 7.59 -7.77 -15.63
CA PHE A 7 6.32 -7.63 -14.92
C PHE A 7 5.21 -7.11 -15.86
N GLN A 8 3.95 -7.41 -15.57
CA GLN A 8 2.78 -6.87 -16.27
C GLN A 8 1.66 -6.40 -15.35
N HIS A 9 1.49 -7.03 -14.19
CA HIS A 9 0.47 -6.69 -13.19
C HIS A 9 1.07 -6.41 -11.81
N ILE A 10 2.30 -5.89 -11.79
CA ILE A 10 3.08 -5.54 -10.61
C ILE A 10 3.95 -4.30 -10.88
N GLY A 11 3.71 -3.26 -10.08
CA GLY A 11 4.46 -2.00 -10.08
C GLY A 11 5.70 -2.03 -9.21
N HIS A 12 6.21 -0.83 -8.94
CA HIS A 12 7.25 -0.58 -7.94
C HIS A 12 6.70 -0.82 -6.53
N VAL A 13 7.28 -1.78 -5.79
CA VAL A 13 6.83 -2.20 -4.45
C VAL A 13 7.96 -2.84 -3.64
N GLY A 14 8.12 -2.39 -2.40
CA GLY A 14 9.15 -2.84 -1.45
C GLY A 14 8.85 -4.16 -0.72
N TRP A 15 7.95 -4.97 -1.26
CA TRP A 15 7.46 -6.19 -0.62
C TRP A 15 8.27 -7.47 -0.92
N ASP A 16 8.33 -8.40 0.05
CA ASP A 16 8.87 -9.76 -0.04
C ASP A 16 8.10 -10.79 0.82
N PRO A 17 7.99 -12.05 0.37
CA PRO A 17 7.29 -13.13 1.09
C PRO A 17 7.97 -13.56 2.40
N ASN A 18 9.20 -13.12 2.66
CA ASN A 18 9.99 -13.50 3.83
C ASN A 18 9.73 -12.63 5.07
N THR A 19 9.49 -11.33 4.87
CA THR A 19 9.36 -10.32 5.95
C THR A 19 8.29 -9.25 5.71
N GLY A 20 7.75 -9.21 4.50
CA GLY A 20 6.65 -8.30 4.12
C GLY A 20 7.13 -7.03 3.42
N PHE A 21 6.40 -5.93 3.65
CA PHE A 21 6.71 -4.61 3.08
C PHE A 21 7.90 -3.95 3.80
N ASP A 22 9.02 -3.79 3.11
CA ASP A 22 10.19 -3.07 3.66
C ASP A 22 9.92 -1.57 3.78
N LEU A 23 9.58 -1.11 4.99
CA LEU A 23 9.27 0.29 5.30
C LEU A 23 10.44 1.24 4.97
N ASN A 24 11.66 0.70 4.85
CA ASN A 24 12.86 1.41 4.41
C ASN A 24 12.88 1.83 2.92
N ASN A 25 11.96 1.32 2.10
CA ASN A 25 11.73 1.81 0.73
C ASN A 25 10.24 1.83 0.31
N LEU A 26 9.32 1.54 1.25
CA LEU A 26 7.88 1.44 0.99
C LEU A 26 7.31 2.75 0.41
N ASP A 27 6.63 2.64 -0.73
CA ASP A 27 6.05 3.76 -1.45
C ASP A 27 4.85 4.43 -0.73
N PRO A 28 4.63 5.73 -0.99
CA PRO A 28 3.65 6.54 -0.29
C PRO A 28 2.20 6.22 -0.64
N GLU A 29 1.89 5.89 -1.90
CA GLU A 29 0.58 5.36 -2.31
C GLU A 29 0.22 4.06 -1.58
N LEU A 30 1.22 3.21 -1.32
CA LEU A 30 1.01 1.97 -0.59
C LEU A 30 0.64 2.27 0.86
N LYS A 31 1.46 3.09 1.54
CA LYS A 31 1.17 3.58 2.90
C LYS A 31 -0.21 4.23 3.00
N ASN A 32 -0.61 4.97 1.97
CA ASN A 32 -1.90 5.64 1.91
C ASN A 32 -3.07 4.65 1.99
N LEU A 33 -3.06 3.65 1.09
CA LEU A 33 -4.10 2.62 1.00
C LEU A 33 -4.19 1.80 2.28
N PHE A 34 -3.03 1.48 2.84
CA PHE A 34 -2.92 0.70 4.06
C PHE A 34 -3.42 1.45 5.30
N ASP A 35 -3.17 2.77 5.39
CA ASP A 35 -3.61 3.60 6.52
C ASP A 35 -5.14 3.76 6.58
N MET A 36 -5.82 3.88 5.43
CA MET A 36 -7.29 3.89 5.35
C MET A 36 -7.89 2.51 5.65
N CYS A 37 -7.17 1.42 5.40
CA CYS A 37 -7.55 0.09 5.88
C CYS A 37 -7.32 -0.09 7.41
N GLY A 38 -6.38 0.67 7.98
CA GLY A 38 -6.01 0.64 9.41
C GLY A 38 -4.86 -0.32 9.72
N ILE A 39 -3.97 -0.56 8.73
CA ILE A 39 -2.84 -1.49 8.82
C ILE A 39 -1.64 -0.80 9.48
N SER A 40 -1.12 -1.39 10.56
CA SER A 40 0.05 -0.91 11.32
C SER A 40 1.36 -1.53 10.81
N GLU A 41 2.49 -1.00 11.30
CA GLU A 41 3.82 -1.53 11.02
C GLU A 41 3.96 -3.01 11.37
N ALA A 42 3.36 -3.46 12.48
CA ALA A 42 3.38 -4.85 12.89
C ALA A 42 2.78 -5.81 11.85
N GLN A 43 1.74 -5.34 11.15
CA GLN A 43 1.06 -6.11 10.10
C GLN A 43 1.80 -6.01 8.76
N LEU A 44 2.36 -4.83 8.45
CA LEU A 44 3.21 -4.58 7.27
C LEU A 44 4.57 -5.29 7.33
N LYS A 45 5.03 -5.66 8.53
CA LYS A 45 6.19 -6.52 8.77
C LYS A 45 5.79 -7.95 9.13
N ASP A 46 4.51 -8.28 9.08
CA ASP A 46 4.05 -9.66 9.21
C ASP A 46 4.17 -10.28 7.82
N ARG A 47 5.05 -11.27 7.61
CA ARG A 47 5.18 -11.89 6.29
C ARG A 47 3.90 -12.61 5.84
N GLU A 48 3.10 -13.07 6.81
CA GLU A 48 1.79 -13.68 6.58
C GLU A 48 0.72 -12.64 6.19
N THR A 49 0.56 -11.58 6.99
CA THR A 49 -0.48 -10.56 6.78
C THR A 49 -0.14 -9.69 5.57
N SER A 50 1.12 -9.25 5.44
CA SER A 50 1.62 -8.54 4.26
C SER A 50 1.43 -9.32 2.96
N LYS A 51 1.55 -10.66 2.98
CA LYS A 51 1.24 -11.48 1.80
C LYS A 51 -0.23 -11.32 1.41
N VAL A 52 -1.17 -11.41 2.36
CA VAL A 52 -2.60 -11.22 2.07
C VAL A 52 -2.86 -9.83 1.48
N ILE A 53 -2.29 -8.79 2.10
CA ILE A 53 -2.41 -7.39 1.64
C ILE A 53 -1.88 -7.24 0.20
N TYR A 54 -0.68 -7.75 -0.05
CA TYR A 54 -0.03 -7.74 -1.37
C TYR A 54 -0.79 -8.56 -2.43
N ASP A 55 -1.33 -9.73 -2.06
CA ASP A 55 -2.11 -10.60 -2.94
C ASP A 55 -3.36 -9.90 -3.52
N PHE A 56 -3.89 -8.88 -2.85
CA PHE A 56 -4.96 -8.02 -3.39
C PHE A 56 -4.46 -6.98 -4.43
N ILE A 57 -3.23 -6.48 -4.24
CA ILE A 57 -2.63 -5.43 -5.05
C ILE A 57 -2.22 -5.98 -6.42
N GLU A 58 -1.41 -7.04 -6.45
CA GLU A 58 -1.03 -7.71 -7.71
C GLU A 58 -2.27 -8.28 -8.46
N LYS A 59 -3.39 -8.53 -7.77
CA LYS A 59 -4.68 -8.92 -8.36
C LYS A 59 -5.29 -7.85 -9.26
N THR A 60 -5.44 -6.62 -8.75
CA THR A 60 -6.05 -5.54 -9.55
C THR A 60 -5.16 -5.15 -10.74
N GLY A 61 -3.85 -5.34 -10.59
CA GLY A 61 -2.85 -4.92 -11.56
C GLY A 61 -1.54 -4.39 -10.97
N GLY A 62 -1.40 -4.38 -9.64
CA GLY A 62 -0.22 -3.92 -8.91
C GLY A 62 -0.39 -2.50 -8.34
N VAL A 63 0.72 -1.84 -7.98
CA VAL A 63 0.71 -0.50 -7.34
C VAL A 63 0.06 0.56 -8.22
N GLU A 64 0.20 0.44 -9.54
CA GLU A 64 -0.36 1.39 -10.51
C GLU A 64 -1.88 1.26 -10.59
N ALA A 65 -2.35 0.02 -10.53
CA ALA A 65 -3.75 -0.34 -10.63
C ALA A 65 -4.56 0.10 -9.42
N VAL A 66 -4.02 -0.11 -8.21
CA VAL A 66 -4.61 0.44 -6.99
C VAL A 66 -4.59 1.97 -7.02
N LYS A 67 -3.50 2.62 -7.46
CA LYS A 67 -3.38 4.09 -7.54
C LYS A 67 -4.46 4.68 -8.44
N ASN A 68 -4.66 4.08 -9.61
CA ASN A 68 -5.66 4.56 -10.56
C ASN A 68 -7.07 4.64 -9.95
N GLU A 69 -7.43 3.63 -9.16
CA GLU A 69 -8.71 3.53 -8.47
C GLU A 69 -8.76 4.35 -7.19
N LEU A 70 -7.64 4.50 -6.49
CA LEU A 70 -7.49 5.36 -5.30
C LEU A 70 -7.70 6.83 -5.69
N ARG A 71 -7.26 7.23 -6.89
CA ARG A 71 -7.40 8.61 -7.41
C ARG A 71 -8.85 9.05 -7.65
N ARG A 72 -9.82 8.14 -7.58
CA ARG A 72 -11.28 8.39 -7.55
C ARG A 72 -11.80 8.95 -6.22
N GLN A 73 -10.93 9.04 -5.20
CA GLN A 73 -11.28 9.52 -3.85
C GLN A 73 -11.95 10.91 -3.83
N GLY B 1 47.73 0.93 -27.59
CA GLY B 1 47.57 2.34 -27.98
C GLY B 1 46.54 3.02 -27.09
N THR B 2 45.75 3.93 -27.64
CA THR B 2 44.67 4.64 -26.91
C THR B 2 43.42 3.78 -26.74
N VAL B 3 42.76 3.83 -25.58
CA VAL B 3 41.47 3.13 -25.32
C VAL B 3 40.26 3.90 -25.85
N ASN B 4 39.20 3.18 -26.23
CA ASN B 4 37.97 3.75 -26.78
C ASN B 4 36.94 4.08 -25.70
N PHE B 5 36.83 3.25 -24.65
CA PHE B 5 35.93 3.48 -23.52
C PHE B 5 36.49 4.50 -22.51
N LYS B 6 35.62 5.24 -21.83
CA LYS B 6 35.97 6.13 -20.70
C LYS B 6 35.68 5.46 -19.34
N PRO B 7 36.58 5.53 -18.34
CA PRO B 7 36.33 5.00 -16.99
C PRO B 7 35.29 5.87 -16.27
N SER B 8 34.15 5.29 -15.91
CA SER B 8 33.01 6.00 -15.32
C SER B 8 32.23 5.19 -14.27
N ARG B 9 31.55 5.90 -13.36
CA ARG B 9 30.64 5.39 -12.32
C ARG B 9 29.30 6.17 -12.39
N PRO B 10 28.51 6.02 -13.46
CA PRO B 10 27.26 6.76 -13.66
C PRO B 10 26.23 6.39 -12.59
N ALA B 11 25.61 7.39 -11.96
CA ALA B 11 24.65 7.19 -10.87
C ALA B 11 23.57 8.29 -10.81
N PRO B 12 22.72 8.43 -11.85
CA PRO B 12 21.72 9.50 -11.92
C PRO B 12 20.55 9.25 -10.94
N PRO B 13 19.97 10.29 -10.30
CA PRO B 13 18.81 10.14 -9.41
C PRO B 13 17.52 9.77 -10.17
N PRO B 14 16.79 8.72 -9.76
CA PRO B 14 15.50 8.37 -10.34
C PRO B 14 14.41 9.41 -9.99
N PRO B 15 13.31 9.48 -10.77
CA PRO B 15 12.18 10.36 -10.48
C PRO B 15 11.40 9.93 -9.24
N THR B 16 11.00 10.90 -8.42
CA THR B 16 10.34 10.67 -7.13
C THR B 16 9.49 11.88 -6.74
N SER B 17 8.18 11.74 -6.93
CA SER B 17 7.17 12.75 -6.54
C SER B 17 7.02 12.96 -5.02
N GLY B 18 7.76 12.22 -4.18
CA GLY B 18 7.77 12.41 -2.73
C GLY B 18 6.47 11.98 -2.03
N GLN B 19 6.35 12.41 -0.76
CA GLN B 19 5.19 12.13 0.08
C GLN B 19 3.89 12.64 -0.56
N ALA B 20 2.83 11.82 -0.48
CA ALA B 20 1.52 12.08 -1.10
C ALA B 20 0.33 11.49 -0.30
N SER B 21 0.58 10.93 0.89
CA SER B 21 -0.42 10.25 1.73
C SER B 21 -1.26 11.22 2.56
N GLY B 22 -2.42 10.76 3.04
CA GLY B 22 -3.28 11.44 4.00
C GLY B 22 -4.13 12.58 3.42
N ALA B 23 -5.41 12.31 3.16
CA ALA B 23 -6.40 13.30 2.74
C ALA B 23 -7.58 13.41 3.73
N SER B 24 -8.19 14.60 3.79
CA SER B 24 -9.43 14.85 4.55
C SER B 24 -10.70 14.43 3.78
N ARG B 25 -10.65 13.21 3.22
CA ARG B 25 -11.69 12.60 2.37
C ARG B 25 -12.09 11.21 2.88
N PRO B 26 -13.34 10.76 2.61
CA PRO B 26 -13.75 9.38 2.86
C PRO B 26 -12.97 8.41 1.95
N LEU B 27 -12.82 7.16 2.36
CA LEU B 27 -12.01 6.17 1.66
C LEU B 27 -12.63 5.73 0.30
N PRO B 28 -11.80 5.43 -0.71
CA PRO B 28 -12.22 4.89 -1.99
C PRO B 28 -12.62 3.42 -1.91
N PRO B 29 -13.47 2.91 -2.82
CA PRO B 29 -13.94 1.54 -2.76
C PRO B 29 -12.84 0.49 -3.05
N ILE B 30 -11.73 0.83 -3.74
CA ILE B 30 -10.54 -0.05 -3.84
C ILE B 30 -9.98 -0.32 -2.43
N ALA B 31 -9.97 0.70 -1.56
CA ALA B 31 -9.53 0.54 -0.18
C ALA B 31 -10.52 -0.25 0.66
N GLN B 32 -11.80 -0.06 0.43
CA GLN B 32 -12.86 -0.85 1.06
C GLN B 32 -12.73 -2.34 0.69
N ALA B 33 -12.40 -2.63 -0.57
CA ALA B 33 -12.16 -3.99 -1.04
C ALA B 33 -10.89 -4.60 -0.43
N LEU B 34 -9.83 -3.80 -0.21
CA LEU B 34 -8.64 -4.23 0.51
C LEU B 34 -8.96 -4.59 1.97
N LYS B 35 -9.74 -3.73 2.67
CA LYS B 35 -10.26 -4.04 4.01
C LYS B 35 -11.04 -5.37 4.04
N ASP B 36 -11.96 -5.58 3.10
CA ASP B 36 -12.78 -6.81 3.01
C ASP B 36 -11.93 -8.04 2.64
N HIS B 37 -10.91 -7.88 1.79
CA HIS B 37 -9.97 -8.96 1.43
C HIS B 37 -9.09 -9.39 2.60
N LEU B 38 -8.63 -8.43 3.41
CA LEU B 38 -7.85 -8.68 4.63
C LEU B 38 -8.76 -9.20 5.76
N ALA B 39 -10.03 -8.75 5.82
CA ALA B 39 -11.00 -9.28 6.76
C ALA B 39 -11.31 -10.77 6.52
N ALA B 40 -11.33 -11.22 5.26
CA ALA B 40 -11.46 -12.64 4.92
C ALA B 40 -10.35 -13.52 5.52
N TYR B 41 -9.19 -12.92 5.77
CA TYR B 41 -8.07 -13.56 6.46
C TYR B 41 -8.24 -13.49 7.98
N GLU B 42 -8.53 -12.31 8.52
CA GLU B 42 -8.71 -12.12 9.98
C GLU B 42 -9.89 -12.91 10.57
N LEU B 43 -11.02 -13.01 9.86
CA LEU B 43 -12.15 -13.87 10.25
C LEU B 43 -11.76 -15.34 10.22
N SER B 44 -10.86 -15.71 9.31
CA SER B 44 -10.37 -17.08 9.18
C SER B 44 -9.50 -17.45 10.41
N LYS B 45 -8.74 -16.47 10.94
CA LYS B 45 -7.94 -16.57 12.18
C LYS B 45 -8.76 -16.54 13.47
N ALA B 46 -10.02 -16.14 13.42
CA ALA B 46 -10.94 -16.05 14.58
C ALA B 46 -11.47 -17.40 15.12
N SER B 47 -10.69 -18.48 14.99
CA SER B 47 -11.05 -19.84 15.47
C SER B 47 -11.06 -19.95 17.00
N GLU B 48 -11.89 -20.84 17.53
CA GLU B 48 -12.15 -21.07 18.96
C GLU B 48 -12.46 -22.54 19.23
N GLY A 1 20.70 -3.50 -6.88
CA GLY A 1 19.24 -3.32 -7.00
C GLY A 1 18.52 -3.97 -5.83
N SER A 2 17.19 -3.88 -5.83
CA SER A 2 16.32 -4.36 -4.76
C SER A 2 15.99 -5.86 -4.84
N HIS A 3 15.46 -6.41 -3.73
CA HIS A 3 14.92 -7.78 -3.67
C HIS A 3 13.51 -7.85 -4.25
N MET A 4 13.42 -8.01 -5.58
CA MET A 4 12.17 -8.19 -6.34
C MET A 4 12.44 -8.91 -7.68
N SER A 5 11.39 -9.15 -8.46
CA SER A 5 11.42 -9.61 -9.86
C SER A 5 10.29 -8.93 -10.64
N ASN A 6 10.52 -8.52 -11.88
CA ASN A 6 9.55 -7.73 -12.66
C ASN A 6 8.35 -8.57 -13.12
N PHE A 7 7.14 -7.97 -13.10
CA PHE A 7 5.90 -8.61 -13.54
C PHE A 7 4.87 -7.62 -14.11
N GLN A 8 4.15 -8.06 -15.16
CA GLN A 8 3.18 -7.25 -15.91
C GLN A 8 2.00 -6.73 -15.07
N HIS A 9 1.50 -7.53 -14.13
CA HIS A 9 0.42 -7.20 -13.18
C HIS A 9 0.93 -6.59 -11.87
N ILE A 10 2.15 -6.05 -11.87
CA ILE A 10 2.87 -5.52 -10.70
C ILE A 10 3.61 -4.22 -11.05
N GLY A 11 3.95 -3.43 -10.04
CA GLY A 11 4.62 -2.13 -10.14
C GLY A 11 5.87 -2.06 -9.28
N HIS A 12 6.27 -0.84 -8.90
CA HIS A 12 7.28 -0.58 -7.88
C HIS A 12 6.69 -0.86 -6.48
N VAL A 13 7.25 -1.83 -5.75
CA VAL A 13 6.77 -2.26 -4.43
C VAL A 13 7.84 -3.01 -3.63
N GLY A 14 8.20 -2.46 -2.47
CA GLY A 14 9.24 -2.95 -1.54
C GLY A 14 8.89 -4.21 -0.73
N TRP A 15 7.89 -4.97 -1.20
CA TRP A 15 7.39 -6.17 -0.50
C TRP A 15 8.25 -7.43 -0.72
N ASP A 16 8.31 -8.27 0.33
CA ASP A 16 9.12 -9.49 0.46
C ASP A 16 8.30 -10.64 1.07
N PRO A 17 8.28 -11.83 0.46
CA PRO A 17 7.54 -12.99 0.96
C PRO A 17 8.10 -13.57 2.27
N ASN A 18 9.23 -13.06 2.75
CA ASN A 18 9.92 -13.45 3.98
C ASN A 18 9.77 -12.45 5.13
N THR A 19 9.69 -11.14 4.85
CA THR A 19 9.67 -10.10 5.90
C THR A 19 8.60 -9.01 5.71
N GLY A 20 7.91 -9.06 4.58
CA GLY A 20 6.77 -8.22 4.24
C GLY A 20 7.16 -6.91 3.55
N PHE A 21 6.33 -5.89 3.69
CA PHE A 21 6.58 -4.55 3.13
C PHE A 21 7.76 -3.88 3.84
N ASP A 22 8.87 -3.69 3.14
CA ASP A 22 10.05 -3.00 3.69
C ASP A 22 9.80 -1.50 3.83
N LEU A 23 9.52 -1.05 5.06
CA LEU A 23 9.18 0.32 5.43
C LEU A 23 10.31 1.33 5.15
N ASN A 24 11.54 0.84 4.92
CA ASN A 24 12.67 1.64 4.43
C ASN A 24 12.58 2.03 2.94
N ASN A 25 11.83 1.27 2.14
CA ASN A 25 11.68 1.45 0.69
C ASN A 25 10.19 1.53 0.26
N LEU A 26 9.26 1.48 1.21
CA LEU A 26 7.83 1.44 0.95
C LEU A 26 7.34 2.74 0.31
N ASP A 27 6.66 2.62 -0.81
CA ASP A 27 6.09 3.76 -1.51
C ASP A 27 4.91 4.43 -0.78
N PRO A 28 4.71 5.74 -1.00
CA PRO A 28 3.74 6.53 -0.27
C PRO A 28 2.29 6.28 -0.70
N GLU A 29 2.02 5.94 -1.98
CA GLU A 29 0.70 5.48 -2.41
C GLU A 29 0.32 4.17 -1.73
N LEU A 30 1.30 3.29 -1.46
CA LEU A 30 1.08 2.06 -0.71
C LEU A 30 0.73 2.36 0.76
N LYS A 31 1.56 3.16 1.42
CA LYS A 31 1.33 3.64 2.80
C LYS A 31 -0.04 4.31 2.97
N ASN A 32 -0.49 5.04 1.95
CA ASN A 32 -1.81 5.67 1.93
C ASN A 32 -2.92 4.60 2.03
N LEU A 33 -2.95 3.68 1.06
CA LEU A 33 -3.98 2.66 0.92
C LEU A 33 -4.04 1.73 2.15
N PHE A 34 -2.89 1.48 2.75
CA PHE A 34 -2.79 0.71 3.99
C PHE A 34 -3.28 1.47 5.24
N ASP A 35 -3.02 2.77 5.36
CA ASP A 35 -3.45 3.57 6.52
C ASP A 35 -4.97 3.78 6.60
N MET A 36 -5.66 3.95 5.46
CA MET A 36 -7.14 3.94 5.40
C MET A 36 -7.73 2.56 5.75
N CYS A 37 -6.97 1.48 5.55
CA CYS A 37 -7.32 0.15 6.08
C CYS A 37 -6.99 0.01 7.59
N GLY A 38 -6.08 0.83 8.10
CA GLY A 38 -5.66 0.89 9.51
C GLY A 38 -4.50 -0.06 9.82
N ILE A 39 -3.75 -0.48 8.80
CA ILE A 39 -2.68 -1.47 8.91
C ILE A 39 -1.48 -0.85 9.65
N SER A 40 -1.02 -1.53 10.71
CA SER A 40 0.15 -1.16 11.51
C SER A 40 1.46 -1.78 10.98
N GLU A 41 2.60 -1.33 11.53
CA GLU A 41 3.92 -1.91 11.22
C GLU A 41 3.95 -3.43 11.49
N ALA A 42 3.33 -3.90 12.58
CA ALA A 42 3.26 -5.32 12.91
C ALA A 42 2.62 -6.16 11.80
N GLN A 43 1.60 -5.63 11.15
CA GLN A 43 0.87 -6.28 10.05
C GLN A 43 1.65 -6.19 8.73
N LEU A 44 2.28 -5.03 8.48
CA LEU A 44 3.11 -4.77 7.30
C LEU A 44 4.40 -5.61 7.27
N LYS A 45 4.96 -5.88 8.45
CA LYS A 45 6.14 -6.73 8.67
C LYS A 45 5.78 -8.19 8.98
N ASP A 46 4.48 -8.50 9.07
CA ASP A 46 4.02 -9.88 9.13
C ASP A 46 4.13 -10.41 7.70
N ARG A 47 5.11 -11.26 7.37
CA ARG A 47 5.27 -11.80 6.01
C ARG A 47 4.01 -12.51 5.51
N GLU A 48 3.22 -13.03 6.45
CA GLU A 48 1.94 -13.71 6.19
C GLU A 48 0.76 -12.74 5.97
N THR A 49 0.63 -11.70 6.80
CA THR A 49 -0.46 -10.70 6.70
C THR A 49 -0.21 -9.75 5.54
N SER A 50 1.02 -9.24 5.42
CA SER A 50 1.49 -8.48 4.26
C SER A 50 1.28 -9.21 2.94
N LYS A 51 1.40 -10.55 2.88
CA LYS A 51 1.08 -11.33 1.69
C LYS A 51 -0.39 -11.22 1.31
N VAL A 52 -1.32 -11.34 2.27
CA VAL A 52 -2.75 -11.16 2.00
C VAL A 52 -3.04 -9.76 1.48
N ILE A 53 -2.42 -8.74 2.10
CA ILE A 53 -2.55 -7.34 1.70
C ILE A 53 -2.03 -7.15 0.27
N TYR A 54 -0.84 -7.68 -0.01
CA TYR A 54 -0.16 -7.61 -1.31
C TYR A 54 -0.88 -8.39 -2.43
N ASP A 55 -1.43 -9.58 -2.14
CA ASP A 55 -2.16 -10.43 -3.09
C ASP A 55 -3.31 -9.68 -3.75
N PHE A 56 -3.96 -8.78 -2.99
CA PHE A 56 -5.02 -7.90 -3.47
C PHE A 56 -4.51 -6.84 -4.44
N ILE A 57 -3.28 -6.35 -4.22
CA ILE A 57 -2.62 -5.33 -5.04
C ILE A 57 -2.22 -5.92 -6.39
N GLU A 58 -1.42 -6.99 -6.41
CA GLU A 58 -1.06 -7.66 -7.69
C GLU A 58 -2.31 -8.23 -8.42
N LYS A 59 -3.42 -8.52 -7.71
CA LYS A 59 -4.72 -8.92 -8.27
C LYS A 59 -5.34 -7.85 -9.16
N THR A 60 -5.51 -6.63 -8.68
CA THR A 60 -6.03 -5.52 -9.49
C THR A 60 -5.11 -5.16 -10.65
N GLY A 61 -3.80 -5.37 -10.46
CA GLY A 61 -2.79 -4.97 -11.44
C GLY A 61 -1.55 -4.32 -10.88
N GLY A 62 -1.39 -4.27 -9.56
CA GLY A 62 -0.21 -3.78 -8.87
C GLY A 62 -0.37 -2.36 -8.34
N VAL A 63 0.74 -1.72 -8.00
CA VAL A 63 0.77 -0.37 -7.39
C VAL A 63 0.11 0.68 -8.30
N GLU A 64 0.22 0.52 -9.61
CA GLU A 64 -0.38 1.44 -10.59
C GLU A 64 -1.90 1.28 -10.66
N ALA A 65 -2.38 0.04 -10.51
CA ALA A 65 -3.78 -0.31 -10.63
C ALA A 65 -4.60 0.16 -9.42
N VAL A 66 -4.06 -0.04 -8.22
CA VAL A 66 -4.65 0.52 -6.99
C VAL A 66 -4.68 2.05 -7.02
N LYS A 67 -3.63 2.70 -7.55
CA LYS A 67 -3.53 4.18 -7.66
C LYS A 67 -4.66 4.72 -8.55
N ASN A 68 -4.92 4.06 -9.68
CA ASN A 68 -6.02 4.48 -10.56
C ASN A 68 -7.38 4.56 -9.84
N GLU A 69 -7.71 3.56 -9.03
CA GLU A 69 -8.99 3.51 -8.30
C GLU A 69 -8.97 4.36 -7.01
N LEU A 70 -7.79 4.54 -6.38
CA LEU A 70 -7.59 5.49 -5.28
C LEU A 70 -8.02 6.90 -5.70
N ARG A 71 -7.68 7.26 -6.96
CA ARG A 71 -7.94 8.56 -7.57
C ARG A 71 -9.42 8.83 -7.89
N ARG A 72 -10.35 7.92 -7.58
CA ARG A 72 -11.81 8.17 -7.60
C ARG A 72 -12.21 9.28 -6.63
N GLN A 73 -11.48 9.41 -5.51
CA GLN A 73 -11.72 10.43 -4.47
C GLN A 73 -10.48 11.27 -4.22
N GLY B 1 18.29 -25.83 -1.09
CA GLY B 1 16.96 -25.21 -1.01
C GLY B 1 16.79 -24.12 -2.05
N THR B 2 15.78 -23.25 -1.85
CA THR B 2 15.52 -22.06 -2.69
C THR B 2 16.59 -20.96 -2.50
N VAL B 3 16.84 -20.18 -3.55
CA VAL B 3 17.82 -19.07 -3.61
C VAL B 3 17.30 -17.90 -4.47
N ASN B 4 17.85 -16.70 -4.25
CA ASN B 4 17.47 -15.49 -5.00
C ASN B 4 18.04 -15.43 -6.43
N PHE B 5 17.39 -14.65 -7.28
CA PHE B 5 17.83 -14.25 -8.63
C PHE B 5 17.69 -12.73 -8.78
N LYS B 6 18.54 -12.09 -9.60
CA LYS B 6 18.46 -10.63 -9.83
C LYS B 6 17.21 -10.26 -10.66
N PRO B 7 16.54 -9.12 -10.41
CA PRO B 7 15.46 -8.63 -11.26
C PRO B 7 15.97 -8.29 -12.67
N SER B 8 15.12 -8.48 -13.67
CA SER B 8 15.47 -8.24 -15.08
C SER B 8 15.74 -6.76 -15.38
N ARG B 9 15.04 -5.84 -14.69
CA ARG B 9 15.19 -4.37 -14.78
C ARG B 9 14.87 -3.67 -13.46
N PRO B 10 15.35 -2.44 -13.21
CA PRO B 10 14.90 -1.63 -12.08
C PRO B 10 13.40 -1.28 -12.19
N ALA B 11 12.81 -0.80 -11.09
CA ALA B 11 11.41 -0.37 -11.00
C ALA B 11 11.29 0.95 -10.20
N PRO B 12 11.65 2.11 -10.78
CA PRO B 12 11.58 3.40 -10.11
C PRO B 12 10.14 3.95 -10.00
N PRO B 13 9.81 4.69 -8.91
CA PRO B 13 8.56 5.44 -8.79
C PRO B 13 8.59 6.75 -9.60
N PRO B 14 7.43 7.28 -10.05
CA PRO B 14 7.31 8.61 -10.69
C PRO B 14 7.76 9.78 -9.79
N PRO B 15 8.13 10.95 -10.36
CA PRO B 15 8.68 12.09 -9.60
C PRO B 15 7.67 12.90 -8.78
N THR B 16 6.39 12.62 -8.97
CA THR B 16 5.24 13.29 -8.33
C THR B 16 4.76 12.52 -7.09
N SER B 17 5.68 11.89 -6.36
CA SER B 17 5.40 11.01 -5.22
C SER B 17 4.89 11.76 -3.98
N GLY B 18 4.07 11.09 -3.18
CA GLY B 18 3.52 11.56 -1.91
C GLY B 18 2.28 12.45 -2.04
N GLN B 19 1.49 12.51 -0.96
CA GLN B 19 0.27 13.32 -0.84
C GLN B 19 0.07 13.78 0.62
N ALA B 20 -0.02 15.09 0.85
CA ALA B 20 -0.22 15.72 2.16
C ALA B 20 -1.05 17.02 2.01
N SER B 21 -1.93 17.30 2.97
CA SER B 21 -2.87 18.45 2.97
C SER B 21 -3.54 18.73 4.33
N GLY B 22 -3.25 17.96 5.40
CA GLY B 22 -3.93 18.06 6.69
C GLY B 22 -5.40 17.60 6.66
N ALA B 23 -5.80 16.89 5.59
CA ALA B 23 -7.17 16.47 5.32
C ALA B 23 -7.46 15.03 5.79
N SER B 24 -8.71 14.78 6.17
CA SER B 24 -9.23 13.48 6.63
C SER B 24 -10.39 13.00 5.74
N ARG B 25 -10.19 12.91 4.42
CA ARG B 25 -11.25 12.49 3.48
C ARG B 25 -11.70 11.02 3.69
N PRO B 26 -12.97 10.68 3.39
CA PRO B 26 -13.42 9.28 3.38
C PRO B 26 -12.64 8.45 2.36
N LEU B 27 -12.43 7.18 2.67
CA LEU B 27 -11.59 6.29 1.86
C LEU B 27 -12.23 5.89 0.50
N PRO B 28 -11.42 5.59 -0.52
CA PRO B 28 -11.87 5.08 -1.82
C PRO B 28 -12.33 3.62 -1.75
N PRO B 29 -13.16 3.15 -2.71
CA PRO B 29 -13.69 1.79 -2.68
C PRO B 29 -12.64 0.69 -2.92
N ILE B 30 -11.52 0.98 -3.61
CA ILE B 30 -10.39 0.04 -3.69
C ILE B 30 -9.81 -0.22 -2.29
N ALA B 31 -9.74 0.81 -1.43
CA ALA B 31 -9.31 0.62 -0.05
C ALA B 31 -10.34 -0.11 0.80
N GLN B 32 -11.61 0.17 0.57
CA GLN B 32 -12.70 -0.54 1.25
C GLN B 32 -12.70 -2.05 0.93
N ALA B 33 -12.39 -2.39 -0.33
CA ALA B 33 -12.24 -3.77 -0.76
C ALA B 33 -11.00 -4.45 -0.17
N LEU B 34 -9.89 -3.73 0.00
CA LEU B 34 -8.69 -4.22 0.69
C LEU B 34 -9.00 -4.58 2.16
N LYS B 35 -9.78 -3.74 2.85
CA LYS B 35 -10.27 -4.01 4.21
C LYS B 35 -11.14 -5.27 4.29
N ASP B 36 -12.09 -5.44 3.36
CA ASP B 36 -12.91 -6.66 3.26
C ASP B 36 -12.10 -7.90 2.89
N HIS B 37 -11.09 -7.75 2.03
CA HIS B 37 -10.19 -8.82 1.59
C HIS B 37 -9.30 -9.34 2.72
N LEU B 38 -8.75 -8.43 3.53
CA LEU B 38 -7.92 -8.74 4.69
C LEU B 38 -8.79 -9.26 5.86
N ALA B 39 -10.05 -8.82 5.96
CA ALA B 39 -10.99 -9.33 6.98
C ALA B 39 -11.23 -10.84 6.86
N ALA B 40 -11.32 -11.36 5.63
CA ALA B 40 -11.48 -12.79 5.34
C ALA B 40 -10.35 -13.67 5.91
N TYR B 41 -9.17 -13.07 6.08
CA TYR B 41 -7.99 -13.67 6.68
C TYR B 41 -8.01 -13.55 8.21
N GLU B 42 -8.26 -12.34 8.72
CA GLU B 42 -8.32 -12.08 10.18
C GLU B 42 -9.42 -12.92 10.88
N LEU B 43 -10.60 -13.03 10.27
CA LEU B 43 -11.69 -13.86 10.78
C LEU B 43 -11.33 -15.35 10.75
N SER B 44 -10.55 -15.76 9.75
CA SER B 44 -10.10 -17.15 9.62
C SER B 44 -9.13 -17.54 10.74
N LYS B 45 -8.33 -16.56 11.22
CA LYS B 45 -7.40 -16.71 12.36
C LYS B 45 -8.10 -16.69 13.72
N ALA B 46 -9.22 -15.95 13.83
CA ALA B 46 -10.17 -15.95 14.95
C ALA B 46 -9.55 -15.76 16.36
N SER B 47 -8.44 -15.02 16.43
CA SER B 47 -7.77 -14.66 17.68
C SER B 47 -7.00 -13.34 17.53
N GLU B 48 -7.10 -12.42 18.49
CA GLU B 48 -6.41 -11.11 18.46
C GLU B 48 -4.88 -11.25 18.39
#